data_6CIZ
#
_entry.id   6CIZ
#
_cell.length_a   89.623
_cell.length_b   153.351
_cell.length_c   168.997
_cell.angle_alpha   90.00
_cell.angle_beta   90.00
_cell.angle_gamma   90.00
#
_symmetry.space_group_name_H-M   'P 21 21 21'
#
loop_
_entity.id
_entity.type
_entity.pdbx_description
1 polymer 'Steroid 17-alpha-hydroxylase/17,20 lyase'
2 non-polymer 'PROTOPORPHYRIN IX CONTAINING FE'
3 non-polymer 6-cyano-17-(3-pyridyl)-androst-5,16-dien-3-ol
4 water water
#
_entity_poly.entity_id   1
_entity_poly.type   'polypeptide(L)'
_entity_poly.pdbx_seq_one_letter_code
;MAKKTGAKYPKSLLSLPLVGSLPFLPRHGHMHNNFFKLQKKYGPIYSVRMGTKTTVIVGHHQLAKEVLIKKGKDFSGRPQ
MATLDIASNNRKGIAFADSGAHWQLHRRLAMATFALFKDGDQKLEKIICQEISTLCDMLATHNGQSIDISFPVFVAVTNV
ISLICFNTSYKNGDPELNVIQNYNEGIIDNLSKDSLVDLVPWLKIFPNKTLEKLKSHVKIRNDLLNKILENYKEKFRSDS
ITNMLDTLMQAKMNSDNGNAGPDQDSELLSDNHILTTIGDIFGAGVETTTSVVKWTLAFLLHNPQVKKKLYEEIDQNVGF
SRTPTISDRNRLLLLEATIREVLRLRPVAPMLIPHKANVDSSIGEFAVDKGTEVIINLWALHHNEKEWHQPDQFMPERFL
NPAGTQLISPSVSYLPFGAGPRSCIGEILARQELFLIMAWLLQRFDLEVPDDGQLPSLEGIPKVVFLIDSFKVKIKVRQA
WREAQAEGSTHHHH
;
_entity_poly.pdbx_strand_id   A,B,C,D
#
# COMPACT_ATOMS: atom_id res chain seq x y z
N SER A 12 41.29 18.99 -19.60
CA SER A 12 42.05 18.18 -18.66
C SER A 12 41.67 18.53 -17.23
N LEU A 13 40.47 18.16 -16.83
CA LEU A 13 39.95 18.47 -15.52
C LEU A 13 40.41 17.43 -14.50
N LEU A 14 40.51 17.87 -13.25
CA LEU A 14 40.85 16.99 -12.14
C LEU A 14 39.61 16.24 -11.67
N SER A 15 39.82 15.10 -11.04
CA SER A 15 38.72 14.32 -10.49
C SER A 15 38.42 14.75 -9.06
N LEU A 16 37.14 14.71 -8.70
CA LEU A 16 36.72 15.16 -7.39
C LEU A 16 37.38 14.31 -6.30
N PRO A 17 37.83 14.93 -5.21
CA PRO A 17 38.27 14.11 -4.06
C PRO A 17 37.14 13.20 -3.60
N LEU A 18 37.49 11.97 -3.29
CA LEU A 18 36.51 10.97 -2.87
C LEU A 18 36.63 10.75 -1.38
N VAL A 19 35.52 10.84 -0.66
CA VAL A 19 35.50 10.70 0.79
C VAL A 19 35.01 9.31 1.20
N GLY A 20 33.95 8.82 0.57
CA GLY A 20 33.46 7.49 0.84
C GLY A 20 33.05 6.79 -0.44
N SER A 21 32.91 5.48 -0.34
CA SER A 21 32.54 4.68 -1.51
C SER A 21 31.94 3.36 -1.03
N LEU A 22 30.72 3.07 -1.47
CA LEU A 22 30.08 1.81 -1.18
C LEU A 22 29.74 1.09 -2.47
N PRO A 23 29.78 -0.25 -2.48
CA PRO A 23 29.61 -0.99 -3.74
C PRO A 23 28.21 -0.91 -4.30
N PHE A 24 27.20 -0.72 -3.48
CA PHE A 24 25.83 -0.66 -3.96
C PHE A 24 25.02 0.25 -3.03
N LEU A 25 23.80 0.57 -3.47
CA LEU A 25 22.95 1.46 -2.71
C LEU A 25 22.51 0.78 -1.41
N PRO A 26 22.58 1.47 -0.28
CA PRO A 26 22.01 0.90 0.95
C PRO A 26 20.50 0.96 0.92
N ARG A 27 19.87 -0.04 1.54
CA ARG A 27 18.42 -0.12 1.63
C ARG A 27 17.75 -0.29 0.27
N HIS A 28 18.45 -0.93 -0.67
CA HIS A 28 17.88 -1.30 -1.96
C HIS A 28 18.12 -2.78 -2.17
N GLY A 29 17.06 -3.57 -2.14
CA GLY A 29 17.18 -5.01 -2.23
C GLY A 29 17.65 -5.62 -0.94
N HIS A 30 17.69 -6.96 -0.93
CA HIS A 30 18.13 -7.69 0.25
C HIS A 30 19.64 -7.73 0.32
N MET A 31 20.19 -7.31 1.47
CA MET A 31 21.63 -7.31 1.68
C MET A 31 22.26 -8.62 1.22
N HIS A 32 21.67 -9.75 1.63
CA HIS A 32 22.26 -11.05 1.32
C HIS A 32 22.34 -11.26 -0.19
N ASN A 33 21.42 -10.67 -0.96
CA ASN A 33 21.49 -10.80 -2.40
C ASN A 33 22.35 -9.73 -3.05
N ASN A 34 22.47 -8.55 -2.42
CA ASN A 34 23.39 -7.54 -2.92
C ASN A 34 24.83 -8.01 -2.78
N PHE A 35 25.21 -8.51 -1.60
CA PHE A 35 26.53 -9.10 -1.43
C PHE A 35 26.76 -10.22 -2.43
N PHE A 36 25.74 -11.05 -2.66
CA PHE A 36 25.88 -12.16 -3.60
C PHE A 36 26.13 -11.65 -5.01
N LYS A 37 25.30 -10.71 -5.49
CA LYS A 37 25.50 -10.14 -6.80
C LYS A 37 26.89 -9.53 -6.94
N LEU A 38 27.44 -9.00 -5.84
CA LEU A 38 28.76 -8.39 -5.90
C LEU A 38 29.84 -9.39 -6.29
N GLN A 39 29.64 -10.67 -5.96
CA GLN A 39 30.69 -11.66 -6.16
C GLN A 39 31.08 -11.77 -7.63
N LYS A 40 30.16 -11.50 -8.55
CA LYS A 40 30.50 -11.51 -9.96
C LYS A 40 31.48 -10.41 -10.32
N LYS A 41 31.65 -9.42 -9.45
CA LYS A 41 32.62 -8.35 -9.65
C LYS A 41 33.90 -8.56 -8.87
N TYR A 42 33.82 -8.99 -7.61
CA TYR A 42 34.96 -8.98 -6.72
C TYR A 42 35.32 -10.35 -6.16
N GLY A 43 34.55 -11.39 -6.47
CA GLY A 43 34.89 -12.73 -6.04
C GLY A 43 34.15 -13.14 -4.78
N PRO A 44 34.46 -14.34 -4.28
CA PRO A 44 33.72 -14.87 -3.13
C PRO A 44 34.19 -14.38 -1.77
N ILE A 45 35.17 -13.48 -1.73
CA ILE A 45 35.62 -12.91 -0.46
C ILE A 45 36.12 -11.49 -0.71
N TYR A 46 35.63 -10.56 0.09
CA TYR A 46 36.00 -9.15 -0.02
C TYR A 46 35.59 -8.49 1.29
N SER A 47 35.90 -7.21 1.42
CA SER A 47 35.70 -6.52 2.69
C SER A 47 35.23 -5.09 2.47
N VAL A 48 34.51 -4.57 3.46
CA VAL A 48 34.09 -3.18 3.52
C VAL A 48 34.60 -2.59 4.82
N ARG A 49 34.78 -1.27 4.84
CA ARG A 49 35.36 -0.56 5.97
C ARG A 49 34.43 0.57 6.39
N MET A 50 34.05 0.58 7.67
CA MET A 50 33.18 1.61 8.24
C MET A 50 33.91 2.24 9.43
N GLY A 51 34.55 3.38 9.19
CA GLY A 51 35.35 3.98 10.24
C GLY A 51 36.52 3.07 10.57
N THR A 52 36.55 2.57 11.81
CA THR A 52 37.54 1.58 12.20
C THR A 52 37.05 0.15 11.97
N LYS A 53 35.74 -0.07 12.00
CA LYS A 53 35.20 -1.40 11.82
C LYS A 53 35.45 -1.90 10.41
N THR A 54 35.87 -3.15 10.29
CA THR A 54 36.05 -3.81 9.01
C THR A 54 35.21 -5.08 8.97
N THR A 55 34.59 -5.35 7.82
CA THR A 55 33.74 -6.50 7.65
C THR A 55 34.21 -7.30 6.45
N VAL A 56 34.23 -8.62 6.58
CA VAL A 56 34.53 -9.54 5.49
C VAL A 56 33.27 -10.34 5.19
N ILE A 57 32.91 -10.42 3.92
CA ILE A 57 31.79 -11.22 3.46
C ILE A 57 32.35 -12.40 2.67
N VAL A 58 31.83 -13.59 2.95
CA VAL A 58 32.36 -14.83 2.40
C VAL A 58 31.22 -15.55 1.69
N GLY A 59 31.41 -15.81 0.40
CA GLY A 59 30.32 -16.32 -0.42
C GLY A 59 30.57 -17.64 -1.12
N HIS A 60 31.64 -18.34 -0.75
CA HIS A 60 31.94 -19.66 -1.32
C HIS A 60 32.09 -20.67 -0.20
N HIS A 61 31.65 -21.92 -0.47
CA HIS A 61 31.55 -22.91 0.59
C HIS A 61 32.91 -23.28 1.16
N GLN A 62 33.92 -23.43 0.29
CA GLN A 62 35.25 -23.77 0.80
C GLN A 62 35.73 -22.71 1.80
N LEU A 63 35.61 -21.43 1.44
CA LEU A 63 35.95 -20.37 2.38
C LEU A 63 35.03 -20.39 3.59
N ALA A 64 33.76 -20.74 3.38
CA ALA A 64 32.82 -20.77 4.49
C ALA A 64 33.15 -21.89 5.47
N LYS A 65 33.52 -23.07 4.95
CA LYS A 65 33.87 -24.18 5.83
C LYS A 65 35.18 -23.92 6.55
N GLU A 66 36.06 -23.10 5.97
CA GLU A 66 37.26 -22.68 6.68
C GLU A 66 36.90 -21.84 7.89
N VAL A 67 36.02 -20.85 7.70
CA VAL A 67 35.68 -19.93 8.79
C VAL A 67 34.93 -20.66 9.90
N LEU A 68 33.97 -21.51 9.54
CA LEU A 68 33.11 -22.13 10.53
C LEU A 68 33.77 -23.34 11.18
N ILE A 69 34.51 -24.14 10.42
CA ILE A 69 35.01 -25.42 10.90
C ILE A 69 36.52 -25.38 11.08
N LYS A 70 37.25 -25.54 9.98
CA LYS A 70 38.71 -25.69 10.00
C LYS A 70 39.37 -24.71 10.95
N LYS A 71 38.90 -23.47 10.96
CA LYS A 71 39.40 -22.45 11.88
C LYS A 71 38.27 -21.90 12.74
N GLY A 72 37.29 -22.76 13.06
CA GLY A 72 36.09 -22.31 13.74
C GLY A 72 36.37 -21.50 14.99
N LYS A 73 37.30 -21.98 15.83
CA LYS A 73 37.56 -21.30 17.10
C LYS A 73 38.23 -19.96 16.88
N ASP A 74 38.95 -19.79 15.77
CA ASP A 74 39.51 -18.49 15.44
C ASP A 74 38.41 -17.48 15.11
N PHE A 75 37.25 -17.95 14.64
CA PHE A 75 36.20 -17.10 14.11
C PHE A 75 34.86 -17.31 14.83
N SER A 76 34.91 -17.65 16.12
CA SER A 76 33.71 -17.96 16.87
C SER A 76 33.20 -16.80 17.71
N GLY A 77 33.83 -15.62 17.60
CA GLY A 77 33.36 -14.46 18.33
C GLY A 77 32.13 -13.84 17.70
N ARG A 78 31.49 -12.97 18.47
CA ARG A 78 30.34 -12.21 17.99
C ARG A 78 30.65 -10.72 18.05
N PRO A 79 30.44 -9.96 16.98
CA PRO A 79 30.63 -8.51 17.06
C PRO A 79 29.66 -7.89 18.06
N GLN A 80 29.96 -6.65 18.43
CA GLN A 80 29.18 -5.89 19.40
C GLN A 80 28.30 -4.90 18.66
N MET A 81 26.99 -4.98 18.87
CA MET A 81 26.04 -4.06 18.26
C MET A 81 25.12 -3.50 19.33
N ALA A 82 24.83 -2.20 19.22
CA ALA A 82 24.01 -1.52 20.22
C ALA A 82 22.71 -2.26 20.50
N THR A 83 22.00 -2.65 19.44
CA THR A 83 20.71 -3.33 19.63
C THR A 83 20.91 -4.70 20.27
N LEU A 84 21.87 -5.48 19.77
CA LEU A 84 22.08 -6.82 20.30
C LEU A 84 22.45 -6.79 21.78
N ASP A 85 23.09 -5.71 22.24
CA ASP A 85 23.36 -5.57 23.66
C ASP A 85 22.08 -5.50 24.46
N ILE A 86 21.15 -4.63 24.06
CA ILE A 86 19.89 -4.48 24.79
C ILE A 86 19.10 -5.78 24.75
N ALA A 87 19.04 -6.42 23.58
CA ALA A 87 18.23 -7.63 23.43
C ALA A 87 18.79 -8.81 24.22
N SER A 88 20.09 -8.80 24.53
CA SER A 88 20.72 -9.89 25.25
C SER A 88 21.19 -9.48 26.64
N ASN A 89 20.74 -8.33 27.14
CA ASN A 89 21.12 -7.85 28.46
C ASN A 89 22.64 -7.75 28.57
N ASN A 90 23.25 -7.07 27.60
CA ASN A 90 24.70 -6.88 27.53
C ASN A 90 25.43 -8.22 27.33
N ARG A 91 25.23 -8.78 26.14
CA ARG A 91 26.06 -9.85 25.62
C ARG A 91 26.05 -11.10 26.50
N LYS A 92 24.95 -11.35 27.20
CA LYS A 92 24.77 -12.60 27.90
C LYS A 92 24.06 -13.58 26.97
N GLY A 93 23.53 -14.68 27.50
CA GLY A 93 22.85 -15.64 26.67
C GLY A 93 23.82 -16.49 25.86
N ILE A 94 23.37 -16.89 24.67
CA ILE A 94 24.10 -17.83 23.82
C ILE A 94 24.41 -17.22 22.46
N ALA A 95 23.39 -16.72 21.76
CA ALA A 95 23.56 -16.33 20.37
C ALA A 95 24.37 -15.05 20.23
N PHE A 96 24.11 -14.06 21.08
CA PHE A 96 24.77 -12.76 21.00
C PHE A 96 25.87 -12.60 22.04
N ALA A 97 26.18 -13.67 22.77
CA ALA A 97 27.32 -13.64 23.69
C ALA A 97 28.60 -13.91 22.91
N ASP A 98 29.62 -13.11 23.17
CA ASP A 98 30.91 -13.35 22.57
C ASP A 98 31.45 -14.72 23.00
N SER A 99 32.50 -15.16 22.32
CA SER A 99 33.15 -16.40 22.72
C SER A 99 33.92 -16.18 24.02
N GLY A 100 33.67 -17.03 25.00
CA GLY A 100 34.31 -16.86 26.29
C GLY A 100 33.70 -17.79 27.33
N ALA A 101 33.93 -17.45 28.60
CA ALA A 101 33.52 -18.32 29.69
C ALA A 101 32.02 -18.52 29.70
N HIS A 102 31.26 -17.43 29.56
CA HIS A 102 29.81 -17.51 29.72
C HIS A 102 29.18 -18.31 28.58
N TRP A 103 29.52 -17.96 27.33
CA TRP A 103 28.92 -18.62 26.19
C TRP A 103 29.18 -20.13 26.22
N GLN A 104 30.44 -20.51 26.44
CA GLN A 104 30.78 -21.93 26.47
C GLN A 104 29.96 -22.67 27.51
N LEU A 105 29.84 -22.10 28.71
CA LEU A 105 29.08 -22.75 29.77
C LEU A 105 27.61 -22.91 29.38
N HIS A 106 26.97 -21.82 28.97
CA HIS A 106 25.53 -21.85 28.73
C HIS A 106 25.20 -22.68 27.49
N ARG A 107 26.05 -22.63 26.46
CA ARG A 107 25.80 -23.46 25.28
C ARG A 107 25.89 -24.94 25.63
N ARG A 108 26.80 -25.30 26.54
CA ARG A 108 26.93 -26.71 26.94
C ARG A 108 25.70 -27.16 27.73
N LEU A 109 25.24 -26.32 28.66
CA LEU A 109 24.06 -26.68 29.47
C LEU A 109 22.81 -26.75 28.61
N ALA A 110 22.61 -25.77 27.72
CA ALA A 110 21.48 -25.84 26.79
C ALA A 110 21.55 -27.09 25.93
N MET A 111 22.75 -27.44 25.44
CA MET A 111 22.90 -28.66 24.67
C MET A 111 22.60 -29.89 25.51
N ALA A 112 22.97 -29.84 26.80
CA ALA A 112 22.75 -30.99 27.67
C ALA A 112 21.26 -31.21 27.93
N THR A 113 20.50 -30.12 28.08
CA THR A 113 19.07 -30.26 28.29
C THR A 113 18.43 -31.00 27.12
N PHE A 114 18.67 -30.55 25.89
CA PHE A 114 18.13 -31.25 24.72
C PHE A 114 18.50 -32.73 24.76
N ALA A 115 19.75 -33.04 25.13
CA ALA A 115 20.18 -34.42 25.20
C ALA A 115 19.29 -35.26 26.10
N LEU A 116 18.72 -34.66 27.14
CA LEU A 116 17.76 -35.37 27.98
C LEU A 116 16.65 -35.98 27.13
N PHE A 117 16.00 -35.15 26.31
CA PHE A 117 14.76 -35.52 25.64
C PHE A 117 14.93 -36.64 24.62
N LYS A 118 16.06 -37.35 24.58
CA LYS A 118 16.05 -38.67 23.98
C LYS A 118 14.96 -39.51 24.65
N ASP A 119 14.31 -40.35 23.87
CA ASP A 119 13.10 -41.06 24.30
C ASP A 119 13.08 -41.41 25.78
N GLY A 120 11.97 -41.09 26.45
CA GLY A 120 11.75 -41.43 27.84
C GLY A 120 10.28 -41.26 28.19
N ASP A 121 9.98 -40.81 29.40
CA ASP A 121 8.62 -40.42 29.72
C ASP A 121 8.24 -39.09 29.08
N GLN A 122 9.20 -38.37 28.52
CA GLN A 122 8.97 -37.14 27.79
C GLN A 122 9.67 -37.19 26.43
N LYS A 123 9.60 -38.33 25.75
CA LYS A 123 10.16 -38.45 24.41
C LYS A 123 9.77 -37.23 23.58
N LEU A 124 10.78 -36.48 23.14
CA LEU A 124 10.56 -35.19 22.51
C LEU A 124 9.40 -35.22 21.53
N GLU A 125 9.23 -36.34 20.83
CA GLU A 125 8.12 -36.47 19.90
C GLU A 125 6.77 -36.31 20.61
N LYS A 126 6.63 -36.92 21.79
CA LYS A 126 5.33 -36.89 22.47
C LYS A 126 4.94 -35.48 22.86
N ILE A 127 5.88 -34.70 23.41
CA ILE A 127 5.63 -33.29 23.66
C ILE A 127 5.12 -32.62 22.39
N ILE A 128 5.87 -32.77 21.30
CA ILE A 128 5.51 -32.13 20.04
C ILE A 128 4.15 -32.59 19.55
N CYS A 129 3.89 -33.91 19.62
CA CYS A 129 2.65 -34.43 19.06
C CYS A 129 1.44 -33.98 19.87
N GLN A 130 1.56 -33.89 21.19
CA GLN A 130 0.44 -33.44 21.99
C GLN A 130 -0.01 -32.04 21.57
N GLU A 131 0.95 -31.14 21.33
CA GLU A 131 0.60 -29.77 20.97
C GLU A 131 0.23 -29.63 19.50
N ILE A 132 0.69 -30.54 18.64
CA ILE A 132 0.21 -30.53 17.26
C ILE A 132 -1.23 -31.01 17.19
N SER A 133 -1.59 -31.99 18.03
CA SER A 133 -2.96 -32.50 18.01
C SER A 133 -3.95 -31.43 18.43
N THR A 134 -3.59 -30.64 19.44
CA THR A 134 -4.42 -29.49 19.81
C THR A 134 -4.59 -28.55 18.62
N LEU A 135 -3.50 -28.28 17.91
CA LEU A 135 -3.53 -27.33 16.80
C LEU A 135 -4.48 -27.80 15.71
N CYS A 136 -4.38 -29.07 15.32
CA CYS A 136 -5.25 -29.59 14.27
C CYS A 136 -6.71 -29.58 14.67
N ASP A 137 -7.01 -29.57 15.98
CA ASP A 137 -8.38 -29.44 16.42
C ASP A 137 -8.86 -27.99 16.30
N MET A 138 -7.98 -27.03 16.58
CA MET A 138 -8.29 -25.63 16.31
C MET A 138 -8.60 -25.43 14.82
N LEU A 139 -7.60 -25.68 13.97
CA LEU A 139 -7.76 -25.45 12.54
C LEU A 139 -9.02 -26.11 12.01
N ALA A 140 -9.34 -27.31 12.49
CA ALA A 140 -10.50 -28.03 11.98
C ALA A 140 -11.81 -27.29 12.26
N THR A 141 -11.84 -26.45 13.29
CA THR A 141 -13.04 -25.64 13.52
C THR A 141 -13.19 -24.56 12.47
N HIS A 142 -12.08 -24.10 11.87
CA HIS A 142 -12.11 -23.19 10.74
C HIS A 142 -12.37 -23.89 9.42
N ASN A 143 -12.92 -25.11 9.46
CA ASN A 143 -13.19 -25.87 8.25
C ASN A 143 -14.01 -25.05 7.27
N GLY A 144 -13.44 -24.80 6.09
CA GLY A 144 -14.11 -24.04 5.07
C GLY A 144 -13.78 -22.57 5.04
N GLN A 145 -12.82 -22.11 5.84
CA GLN A 145 -12.50 -20.70 5.95
C GLN A 145 -11.05 -20.44 5.58
N SER A 146 -10.76 -19.19 5.27
CA SER A 146 -9.41 -18.72 4.97
C SER A 146 -8.88 -17.96 6.19
N ILE A 147 -7.70 -18.37 6.67
CA ILE A 147 -7.15 -17.84 7.91
C ILE A 147 -5.65 -17.64 7.78
N ASP A 148 -5.12 -16.75 8.61
CA ASP A 148 -3.68 -16.67 8.82
C ASP A 148 -3.27 -17.70 9.87
N ILE A 149 -2.46 -18.67 9.46
CA ILE A 149 -2.10 -19.78 10.35
C ILE A 149 -1.00 -19.41 11.33
N SER A 150 -0.51 -18.17 11.30
CA SER A 150 0.63 -17.77 12.13
C SER A 150 0.41 -18.08 13.60
N PHE A 151 -0.64 -17.50 14.18
CA PHE A 151 -0.80 -17.55 15.63
C PHE A 151 -1.07 -18.95 16.14
N PRO A 152 -1.92 -19.75 15.48
CA PRO A 152 -2.08 -21.15 15.91
C PRO A 152 -0.77 -21.91 16.00
N VAL A 153 0.06 -21.87 14.95
CA VAL A 153 1.34 -22.56 15.01
C VAL A 153 2.26 -21.91 16.04
N PHE A 154 2.15 -20.58 16.21
CA PHE A 154 2.89 -19.92 17.28
C PHE A 154 2.56 -20.54 18.63
N VAL A 155 1.27 -20.75 18.90
CA VAL A 155 0.86 -21.35 20.17
C VAL A 155 1.47 -22.73 20.33
N ALA A 156 1.41 -23.55 19.28
CA ALA A 156 1.88 -24.93 19.38
C ALA A 156 3.35 -24.99 19.77
N VAL A 157 4.20 -24.25 19.05
CA VAL A 157 5.63 -24.30 19.34
C VAL A 157 5.96 -23.59 20.65
N THR A 158 5.18 -22.57 21.02
CA THR A 158 5.43 -21.89 22.29
C THR A 158 5.20 -22.83 23.46
N ASN A 159 4.17 -23.67 23.38
CA ASN A 159 3.93 -24.66 24.44
C ASN A 159 5.06 -25.68 24.50
N VAL A 160 5.58 -26.08 23.35
CA VAL A 160 6.65 -27.08 23.31
C VAL A 160 7.90 -26.55 23.99
N ILE A 161 8.41 -25.41 23.53
CA ILE A 161 9.64 -24.87 24.11
C ILE A 161 9.40 -24.43 25.55
N SER A 162 8.17 -24.06 25.90
CA SER A 162 7.84 -23.75 27.28
C SER A 162 7.92 -25.01 28.14
N LEU A 163 7.53 -26.16 27.58
CA LEU A 163 7.66 -27.42 28.30
C LEU A 163 9.12 -27.81 28.47
N ILE A 164 9.93 -27.60 27.42
CA ILE A 164 11.36 -27.91 27.50
C ILE A 164 12.07 -27.01 28.49
N CYS A 165 11.59 -25.77 28.65
CA CYS A 165 12.25 -24.81 29.52
C CYS A 165 11.74 -24.85 30.95
N PHE A 166 10.46 -25.17 31.16
CA PHE A 166 9.88 -25.12 32.50
C PHE A 166 8.97 -26.29 32.81
N ASN A 167 8.85 -27.28 31.94
CA ASN A 167 7.82 -28.31 32.06
C ASN A 167 6.44 -27.65 32.24
N THR A 168 6.26 -26.50 31.61
CA THR A 168 5.04 -25.72 31.67
C THR A 168 4.51 -25.50 30.27
N SER A 169 3.18 -25.54 30.14
CA SER A 169 2.51 -25.15 28.91
C SER A 169 1.42 -24.14 29.26
N TYR A 170 0.91 -23.49 28.22
CA TYR A 170 -0.16 -22.51 28.37
C TYR A 170 -1.48 -23.13 27.96
N LYS A 171 -2.48 -23.02 28.83
CA LYS A 171 -3.81 -23.46 28.48
C LYS A 171 -4.38 -22.58 27.37
N ASN A 172 -5.34 -23.12 26.63
CA ASN A 172 -5.94 -22.38 25.53
C ASN A 172 -6.52 -21.06 26.03
N GLY A 173 -6.26 -19.99 25.27
CA GLY A 173 -6.80 -18.69 25.59
C GLY A 173 -6.01 -17.88 26.59
N ASP A 174 -4.90 -18.40 27.10
CA ASP A 174 -4.09 -17.65 28.05
C ASP A 174 -3.68 -16.32 27.43
N PRO A 175 -3.96 -15.18 28.08
CA PRO A 175 -3.59 -13.89 27.48
C PRO A 175 -2.08 -13.68 27.43
N GLU A 176 -1.31 -14.50 28.15
CA GLU A 176 0.14 -14.37 28.13
C GLU A 176 0.69 -14.62 26.73
N LEU A 177 0.09 -15.55 25.98
CA LEU A 177 0.54 -15.82 24.63
C LEU A 177 0.46 -14.58 23.76
N ASN A 178 -0.64 -13.82 23.88
CA ASN A 178 -0.76 -12.59 23.12
C ASN A 178 0.27 -11.55 23.55
N VAL A 179 0.68 -11.59 24.82
CA VAL A 179 1.71 -10.68 25.31
C VAL A 179 3.06 -11.07 24.72
N ILE A 180 3.38 -12.37 24.70
CA ILE A 180 4.65 -12.82 24.16
C ILE A 180 4.73 -12.53 22.66
N GLN A 181 3.67 -12.88 21.93
CA GLN A 181 3.63 -12.58 20.50
C GLN A 181 3.88 -11.09 20.26
N ASN A 182 3.34 -10.23 21.13
CA ASN A 182 3.46 -8.80 20.92
C ASN A 182 4.90 -8.33 21.08
N TYR A 183 5.57 -8.75 22.16
CA TYR A 183 6.93 -8.28 22.36
C TYR A 183 7.94 -9.02 21.48
N ASN A 184 7.61 -10.21 20.97
CA ASN A 184 8.46 -10.83 19.97
C ASN A 184 8.50 -9.99 18.70
N GLU A 185 7.33 -9.64 18.17
CA GLU A 185 7.28 -8.80 16.98
C GLU A 185 7.95 -7.46 17.23
N GLY A 186 7.81 -6.92 18.45
CA GLY A 186 8.41 -5.63 18.74
C GLY A 186 9.92 -5.67 18.69
N ILE A 187 10.52 -6.69 19.29
CA ILE A 187 11.98 -6.79 19.31
C ILE A 187 12.51 -7.07 17.90
N ILE A 188 11.95 -8.07 17.23
CA ILE A 188 12.38 -8.37 15.86
C ILE A 188 12.25 -7.14 14.98
N ASP A 189 11.20 -6.34 15.20
CA ASP A 189 11.03 -5.12 14.43
C ASP A 189 12.19 -4.16 14.63
N ASN A 190 12.52 -3.85 15.88
CA ASN A 190 13.50 -2.84 16.20
C ASN A 190 14.90 -3.39 16.41
N LEU A 191 15.07 -4.71 16.43
CA LEU A 191 16.42 -5.27 16.57
C LEU A 191 17.31 -4.87 15.41
N SER A 192 16.73 -4.68 14.22
CA SER A 192 17.45 -4.24 13.04
C SER A 192 16.42 -3.93 11.95
N LYS A 193 16.65 -2.83 11.22
CA LYS A 193 15.70 -2.44 10.18
C LYS A 193 15.43 -3.60 9.22
N ASP A 194 16.49 -4.20 8.70
CA ASP A 194 16.36 -5.40 7.88
C ASP A 194 17.30 -6.47 8.42
N SER A 195 18.28 -6.88 7.62
CA SER A 195 19.26 -7.85 8.07
C SER A 195 20.08 -7.27 9.23
N LEU A 196 20.68 -8.17 10.02
CA LEU A 196 21.56 -7.72 11.09
C LEU A 196 22.78 -6.99 10.54
N VAL A 197 23.24 -7.36 9.35
CA VAL A 197 24.38 -6.70 8.71
C VAL A 197 23.88 -5.41 8.10
N ASP A 198 24.33 -4.27 8.65
CA ASP A 198 23.95 -2.95 8.16
C ASP A 198 25.22 -2.19 7.83
N LEU A 199 25.47 -1.99 6.52
CA LEU A 199 26.65 -1.26 6.09
C LEU A 199 26.83 0.03 6.88
N VAL A 200 25.87 0.95 6.74
CA VAL A 200 25.98 2.28 7.35
C VAL A 200 25.31 2.25 8.72
N PRO A 201 25.94 2.82 9.76
CA PRO A 201 25.34 2.78 11.12
C PRO A 201 24.28 3.86 11.31
N TRP A 202 23.08 3.57 10.83
CA TRP A 202 22.06 4.60 10.69
C TRP A 202 21.59 5.11 12.06
N LEU A 203 21.44 4.23 13.04
CA LEU A 203 20.90 4.65 14.33
C LEU A 203 21.81 5.68 15.01
N LYS A 204 23.12 5.57 14.82
CA LYS A 204 24.03 6.52 15.45
C LYS A 204 24.06 7.86 14.72
N ILE A 205 23.74 7.87 13.43
CA ILE A 205 23.87 9.10 12.65
C ILE A 205 22.72 10.06 12.94
N PHE A 206 21.49 9.62 12.75
CA PHE A 206 20.33 10.49 12.83
C PHE A 206 19.53 10.26 14.10
N PRO A 207 18.76 11.26 14.55
CA PRO A 207 17.90 11.05 15.72
C PRO A 207 16.81 10.04 15.42
N ASN A 208 16.59 9.11 16.35
CA ASN A 208 15.56 8.09 16.18
C ASN A 208 15.21 7.52 17.54
N LYS A 209 14.10 6.77 17.58
CA LYS A 209 13.60 6.16 18.80
C LYS A 209 13.77 4.65 18.82
N THR A 210 14.71 4.11 18.04
CA THR A 210 14.77 2.67 17.83
C THR A 210 15.21 1.95 19.11
N LEU A 211 16.31 2.38 19.72
CA LEU A 211 16.74 1.75 20.96
C LEU A 211 15.78 2.05 22.10
N GLU A 212 15.09 3.19 22.06
CA GLU A 212 14.04 3.46 23.01
C GLU A 212 12.94 2.39 22.93
N LYS A 213 12.41 2.18 21.72
CA LYS A 213 11.38 1.15 21.54
C LYS A 213 11.90 -0.22 21.94
N LEU A 214 13.08 -0.59 21.43
CA LEU A 214 13.64 -1.91 21.71
C LEU A 214 13.72 -2.16 23.21
N LYS A 215 14.21 -1.18 23.97
CA LYS A 215 14.31 -1.32 25.42
C LYS A 215 12.96 -1.69 26.04
N SER A 216 11.89 -1.03 25.60
CA SER A 216 10.60 -1.20 26.27
C SER A 216 10.00 -2.58 26.00
N HIS A 217 10.20 -3.12 24.80
CA HIS A 217 9.78 -4.49 24.54
C HIS A 217 10.61 -5.47 25.35
N VAL A 218 11.90 -5.19 25.52
CA VAL A 218 12.76 -6.05 26.32
C VAL A 218 12.37 -5.97 27.79
N LYS A 219 11.90 -4.80 28.25
CA LYS A 219 11.48 -4.68 29.64
C LYS A 219 10.28 -5.56 29.93
N ILE A 220 9.31 -5.61 29.02
CA ILE A 220 8.18 -6.53 29.18
C ILE A 220 8.65 -7.96 29.14
N ARG A 221 9.56 -8.28 28.21
CA ARG A 221 10.06 -9.65 28.09
C ARG A 221 10.82 -10.07 29.34
N ASN A 222 11.69 -9.20 29.84
CA ASN A 222 12.47 -9.53 31.03
C ASN A 222 11.59 -9.64 32.26
N ASP A 223 10.56 -8.79 32.36
CA ASP A 223 9.67 -8.85 33.52
C ASP A 223 8.86 -10.13 33.52
N LEU A 224 8.46 -10.61 32.34
CA LEU A 224 7.70 -11.86 32.27
C LEU A 224 8.57 -13.05 32.65
N LEU A 225 9.76 -13.15 32.06
CA LEU A 225 10.65 -14.24 32.40
C LEU A 225 11.11 -14.17 33.85
N ASN A 226 11.19 -12.95 34.42
CA ASN A 226 11.59 -12.82 35.82
C ASN A 226 10.52 -13.39 36.74
N LYS A 227 9.25 -13.15 36.43
CA LYS A 227 8.16 -13.78 37.18
C LYS A 227 8.32 -15.30 37.18
N ILE A 228 8.46 -15.88 35.99
CA ILE A 228 8.58 -17.34 35.88
C ILE A 228 9.74 -17.85 36.72
N LEU A 229 10.88 -17.18 36.66
CA LEU A 229 12.10 -17.69 37.30
C LEU A 229 12.00 -17.55 38.82
N GLU A 230 11.59 -16.39 39.32
CA GLU A 230 11.41 -16.22 40.75
C GLU A 230 10.37 -17.22 41.27
N ASN A 231 9.31 -17.45 40.50
CA ASN A 231 8.32 -18.46 40.88
C ASN A 231 8.95 -19.83 41.01
N TYR A 232 9.87 -20.17 40.11
CA TYR A 232 10.37 -21.53 40.00
C TYR A 232 11.43 -21.89 41.04
N LYS A 233 12.08 -20.89 41.64
CA LYS A 233 12.99 -21.18 42.74
C LYS A 233 12.30 -21.96 43.85
N GLU A 234 10.99 -21.85 43.95
CA GLU A 234 10.21 -22.55 44.96
C GLU A 234 9.77 -23.93 44.50
N LYS A 235 9.78 -24.18 43.19
CA LYS A 235 9.48 -25.50 42.64
C LYS A 235 10.71 -26.36 42.46
N PHE A 236 11.91 -25.77 42.47
CA PHE A 236 13.10 -26.50 42.10
C PHE A 236 13.50 -27.49 43.18
N ARG A 237 13.68 -28.75 42.79
CA ARG A 237 14.24 -29.79 43.65
C ARG A 237 15.45 -30.39 42.95
N SER A 238 16.58 -30.46 43.66
CA SER A 238 17.81 -30.97 43.08
C SER A 238 17.68 -32.42 42.64
N ASP A 239 16.72 -33.16 43.20
CA ASP A 239 16.50 -34.55 42.83
C ASP A 239 15.73 -34.71 41.52
N SER A 240 15.25 -33.60 40.94
CA SER A 240 14.44 -33.65 39.72
C SER A 240 14.98 -32.61 38.74
N ILE A 241 15.73 -33.07 37.76
CA ILE A 241 16.35 -32.22 36.75
C ILE A 241 15.80 -32.66 35.41
N THR A 242 14.67 -32.09 35.00
CA THR A 242 13.94 -32.57 33.83
C THR A 242 13.69 -31.50 32.76
N ASN A 243 14.09 -30.26 32.99
CA ASN A 243 13.93 -29.20 32.00
C ASN A 243 15.17 -28.32 32.02
N MET A 244 15.16 -27.29 31.16
CA MET A 244 16.36 -26.47 31.00
C MET A 244 16.61 -25.59 32.22
N LEU A 245 15.55 -25.05 32.82
CA LEU A 245 15.73 -24.21 33.99
C LEU A 245 16.27 -25.02 35.17
N ASP A 246 15.79 -26.25 35.33
CA ASP A 246 16.40 -27.17 36.29
C ASP A 246 17.89 -27.30 36.03
N THR A 247 18.26 -27.53 34.77
CA THR A 247 19.67 -27.68 34.41
C THR A 247 20.47 -26.47 34.86
N LEU A 248 20.01 -25.26 34.50
CA LEU A 248 20.77 -24.05 34.81
C LEU A 248 20.89 -23.84 36.31
N MET A 249 19.81 -24.08 37.06
CA MET A 249 19.85 -23.88 38.50
C MET A 249 20.75 -24.90 39.17
N GLN A 250 20.60 -26.17 38.81
CA GLN A 250 21.51 -27.21 39.29
C GLN A 250 22.97 -26.76 39.13
N ALA A 251 23.31 -26.18 37.99
CA ALA A 251 24.69 -25.72 37.77
C ALA A 251 25.04 -24.60 38.74
N LYS A 252 24.20 -23.56 38.81
CA LYS A 252 24.37 -22.52 39.82
C LYS A 252 24.53 -23.13 41.20
N MET A 253 23.70 -24.13 41.52
CA MET A 253 23.77 -24.79 42.82
C MET A 253 25.13 -25.43 43.04
N ASN A 254 25.61 -26.20 42.06
CA ASN A 254 26.85 -26.96 42.24
C ASN A 254 28.06 -26.06 42.40
N SER A 255 28.08 -24.92 41.70
CA SER A 255 29.27 -24.07 41.70
C SER A 255 29.35 -23.15 42.92
N ASP A 256 28.23 -22.94 43.62
CA ASP A 256 28.24 -22.10 44.81
C ASP A 256 28.70 -22.90 46.03
N GLN A 264 34.64 -20.39 39.89
CA GLN A 264 34.63 -19.34 38.89
C GLN A 264 33.34 -19.34 38.07
N ASP A 265 32.45 -20.29 38.38
CA ASP A 265 31.24 -20.50 37.61
C ASP A 265 30.00 -19.89 38.25
N SER A 266 30.09 -19.37 39.48
CA SER A 266 28.93 -18.73 40.10
C SER A 266 28.65 -17.37 39.47
N GLU A 267 29.68 -16.65 39.05
CA GLU A 267 29.47 -15.39 38.34
C GLU A 267 28.86 -15.63 36.96
N LEU A 268 29.13 -16.79 36.35
CA LEU A 268 28.60 -17.09 35.03
C LEU A 268 27.13 -17.47 35.06
N LEU A 269 26.63 -17.96 36.19
CA LEU A 269 25.26 -18.47 36.30
C LEU A 269 24.39 -17.60 37.19
N SER A 270 24.60 -16.30 37.18
CA SER A 270 23.73 -15.39 37.91
C SER A 270 22.32 -15.45 37.32
N ASP A 271 21.38 -14.78 38.00
CA ASP A 271 20.01 -14.75 37.51
C ASP A 271 19.94 -14.11 36.13
N ASN A 272 20.49 -12.91 35.98
CA ASN A 272 20.47 -12.23 34.69
C ASN A 272 21.07 -13.10 33.60
N HIS A 273 22.10 -13.88 33.93
CA HIS A 273 22.67 -14.82 32.97
C HIS A 273 21.67 -15.91 32.62
N ILE A 274 21.08 -16.55 33.64
CA ILE A 274 20.11 -17.61 33.41
C ILE A 274 18.90 -17.05 32.67
N LEU A 275 18.46 -15.86 33.04
CA LEU A 275 17.34 -15.21 32.36
C LEU A 275 17.58 -15.14 30.85
N THR A 276 18.77 -14.71 30.44
CA THR A 276 19.02 -14.48 29.02
C THR A 276 19.07 -15.80 28.25
N THR A 277 19.76 -16.80 28.79
CA THR A 277 19.84 -18.10 28.11
C THR A 277 18.44 -18.65 27.85
N ILE A 278 17.59 -18.68 28.89
CA ILE A 278 16.21 -19.12 28.71
C ILE A 278 15.53 -18.27 27.64
N GLY A 279 15.71 -16.95 27.72
CA GLY A 279 15.13 -16.08 26.70
C GLY A 279 15.59 -16.43 25.30
N ASP A 280 16.90 -16.61 25.12
CA ASP A 280 17.43 -17.03 23.83
C ASP A 280 16.73 -18.29 23.33
N ILE A 281 16.62 -19.29 24.20
CA ILE A 281 15.98 -20.55 23.83
C ILE A 281 14.50 -20.33 23.55
N PHE A 282 13.80 -19.69 24.48
CA PHE A 282 12.37 -19.45 24.31
C PHE A 282 12.11 -18.68 23.02
N GLY A 283 12.94 -17.67 22.73
CA GLY A 283 12.79 -16.91 21.52
C GLY A 283 13.08 -17.71 20.27
N ALA A 284 14.28 -18.29 20.18
CA ALA A 284 14.68 -19.02 18.99
C ALA A 284 13.71 -20.16 18.69
N GLY A 285 13.24 -20.85 19.74
CA GLY A 285 12.40 -22.02 19.52
C GLY A 285 11.07 -21.68 18.85
N VAL A 286 10.57 -20.47 19.06
CA VAL A 286 9.27 -20.09 18.51
C VAL A 286 9.40 -19.45 17.13
N GLU A 287 10.25 -18.42 17.02
CA GLU A 287 10.27 -17.62 15.81
C GLU A 287 10.82 -18.39 14.62
N THR A 288 11.91 -19.14 14.82
CA THR A 288 12.51 -19.87 13.71
C THR A 288 11.54 -20.91 13.15
N THR A 289 11.00 -21.77 14.02
CA THR A 289 10.16 -22.87 13.54
C THR A 289 8.84 -22.36 13.00
N THR A 290 8.18 -21.45 13.73
CA THR A 290 6.98 -20.82 13.18
C THR A 290 7.25 -20.24 11.81
N SER A 291 8.41 -19.59 11.65
CA SER A 291 8.74 -18.94 10.38
C SER A 291 8.93 -19.97 9.27
N VAL A 292 9.64 -21.07 9.55
CA VAL A 292 9.90 -22.05 8.51
C VAL A 292 8.62 -22.76 8.10
N VAL A 293 7.68 -22.97 9.02
CA VAL A 293 6.41 -23.60 8.67
C VAL A 293 5.65 -22.73 7.68
N LYS A 294 5.49 -21.45 8.00
CA LYS A 294 4.82 -20.52 7.08
C LYS A 294 5.49 -20.53 5.71
N TRP A 295 6.83 -20.55 5.69
CA TRP A 295 7.54 -20.60 4.42
C TRP A 295 7.16 -21.84 3.62
N THR A 296 7.01 -22.99 4.29
CA THR A 296 6.75 -24.23 3.59
C THR A 296 5.35 -24.25 2.99
N LEU A 297 4.34 -23.86 3.78
CA LEU A 297 3.00 -23.73 3.23
C LEU A 297 2.99 -22.80 2.03
N ALA A 298 3.68 -21.67 2.14
CA ALA A 298 3.75 -20.71 1.04
C ALA A 298 4.22 -21.38 -0.24
N PHE A 299 5.30 -22.16 -0.15
CA PHE A 299 5.81 -22.84 -1.34
C PHE A 299 4.81 -23.88 -1.86
N LEU A 300 4.14 -24.60 -0.95
CA LEU A 300 3.17 -25.60 -1.39
C LEU A 300 1.97 -24.97 -2.07
N LEU A 301 1.58 -23.76 -1.65
CA LEU A 301 0.52 -23.04 -2.36
C LEU A 301 0.97 -22.62 -3.76
N HIS A 302 2.27 -22.42 -3.96
CA HIS A 302 2.82 -22.10 -5.26
C HIS A 302 3.17 -23.34 -6.08
N ASN A 303 3.03 -24.54 -5.52
CA ASN A 303 3.49 -25.77 -6.16
C ASN A 303 2.52 -26.90 -5.84
N PRO A 304 1.30 -26.83 -6.37
CA PRO A 304 0.32 -27.89 -6.08
C PRO A 304 0.76 -29.25 -6.56
N GLN A 305 1.56 -29.32 -7.62
CA GLN A 305 2.06 -30.61 -8.09
C GLN A 305 2.88 -31.29 -7.00
N VAL A 306 3.82 -30.56 -6.39
CA VAL A 306 4.53 -31.07 -5.22
C VAL A 306 3.53 -31.49 -4.15
N LYS A 307 2.63 -30.57 -3.80
CA LYS A 307 1.72 -30.78 -2.68
C LYS A 307 0.83 -32.00 -2.92
N LYS A 308 0.39 -32.21 -4.15
CA LYS A 308 -0.38 -33.41 -4.46
C LYS A 308 0.45 -34.66 -4.22
N LYS A 309 1.68 -34.68 -4.75
CA LYS A 309 2.58 -35.79 -4.49
C LYS A 309 2.76 -36.04 -2.99
N LEU A 310 2.73 -34.98 -2.19
CA LEU A 310 2.86 -35.15 -0.74
C LEU A 310 1.65 -35.85 -0.16
N TYR A 311 0.45 -35.54 -0.67
CA TYR A 311 -0.74 -36.21 -0.18
C TYR A 311 -0.71 -37.70 -0.51
N GLU A 312 -0.33 -38.04 -1.74
CA GLU A 312 -0.18 -39.44 -2.11
C GLU A 312 0.82 -40.15 -1.20
N GLU A 313 2.02 -39.57 -1.07
CA GLU A 313 3.06 -40.17 -0.23
C GLU A 313 2.51 -40.54 1.15
N ILE A 314 1.90 -39.58 1.85
CA ILE A 314 1.41 -39.84 3.21
C ILE A 314 0.35 -40.94 3.19
N ASP A 315 -0.52 -40.92 2.18
CA ASP A 315 -1.60 -41.90 2.13
C ASP A 315 -1.07 -43.32 2.02
N GLN A 316 0.00 -43.52 1.24
CA GLN A 316 0.52 -44.85 0.98
C GLN A 316 1.60 -45.28 1.98
N ASN A 317 1.83 -44.49 3.03
CA ASN A 317 2.82 -44.83 4.04
C ASN A 317 2.36 -44.60 5.46
N VAL A 318 1.43 -43.69 5.72
CA VAL A 318 0.82 -43.50 7.02
C VAL A 318 -0.67 -43.78 6.99
N GLY A 319 -1.36 -43.38 5.92
CA GLY A 319 -2.78 -43.60 5.82
C GLY A 319 -3.55 -42.73 6.79
N PHE A 320 -4.67 -43.28 7.29
CA PHE A 320 -5.48 -42.61 8.29
C PHE A 320 -5.78 -43.53 9.48
N SER A 321 -5.23 -44.74 9.47
CA SER A 321 -5.30 -45.61 10.65
C SER A 321 -4.73 -44.93 11.89
N ARG A 322 -3.76 -44.03 11.71
CA ARG A 322 -3.04 -43.46 12.83
C ARG A 322 -2.41 -42.14 12.37
N THR A 323 -1.84 -41.42 13.34
CA THR A 323 -1.19 -40.16 13.04
C THR A 323 0.30 -40.36 12.83
N PRO A 324 0.97 -39.44 12.13
CA PRO A 324 2.37 -39.66 11.76
C PRO A 324 3.30 -39.66 12.97
N THR A 325 4.53 -40.10 12.72
CA THR A 325 5.50 -40.37 13.76
C THR A 325 6.90 -40.07 13.21
N ILE A 326 7.83 -39.76 14.12
CA ILE A 326 9.21 -39.50 13.69
C ILE A 326 9.74 -40.68 12.90
N SER A 327 9.43 -41.91 13.33
CA SER A 327 9.79 -43.10 12.57
C SER A 327 9.32 -43.03 11.12
N ASP A 328 8.29 -42.23 10.82
CA ASP A 328 7.79 -42.14 9.46
C ASP A 328 8.70 -41.36 8.53
N ARG A 329 9.75 -40.73 9.05
CA ARG A 329 10.73 -40.08 8.17
C ARG A 329 11.33 -41.07 7.18
N ASN A 330 11.39 -42.35 7.55
CA ASN A 330 11.87 -43.37 6.63
C ASN A 330 11.03 -43.40 5.36
N ARG A 331 9.73 -43.25 5.49
CA ARG A 331 8.78 -43.52 4.40
C ARG A 331 8.30 -42.26 3.70
N LEU A 332 8.22 -41.14 4.41
CA LEU A 332 7.81 -39.87 3.80
C LEU A 332 9.06 -39.09 3.41
N LEU A 333 9.66 -39.52 2.30
CA LEU A 333 10.92 -38.92 1.86
C LEU A 333 10.69 -37.59 1.15
N LEU A 334 9.64 -37.50 0.33
CA LEU A 334 9.37 -36.25 -0.36
C LEU A 334 9.06 -35.13 0.63
N LEU A 335 8.56 -35.47 1.81
CA LEU A 335 8.36 -34.46 2.85
C LEU A 335 9.69 -34.01 3.44
N GLU A 336 10.54 -34.97 3.81
CA GLU A 336 11.90 -34.63 4.21
C GLU A 336 12.59 -33.81 3.13
N ALA A 337 12.40 -34.19 1.87
CA ALA A 337 13.01 -33.44 0.77
C ALA A 337 12.47 -32.01 0.73
N THR A 338 11.15 -31.85 0.80
CA THR A 338 10.55 -30.51 0.79
C THR A 338 11.17 -29.63 1.86
N ILE A 339 11.23 -30.12 3.11
CA ILE A 339 11.81 -29.34 4.19
C ILE A 339 13.24 -28.94 3.86
N ARG A 340 14.04 -29.90 3.38
CA ARG A 340 15.40 -29.58 2.96
C ARG A 340 15.42 -28.45 1.96
N GLU A 341 14.49 -28.47 1.00
CA GLU A 341 14.51 -27.48 -0.09
C GLU A 341 14.05 -26.11 0.39
N VAL A 342 13.13 -26.05 1.36
CA VAL A 342 12.77 -24.77 1.95
C VAL A 342 13.97 -24.20 2.72
N LEU A 343 14.60 -25.03 3.55
CA LEU A 343 15.77 -24.58 4.28
C LEU A 343 16.90 -24.13 3.37
N ARG A 344 16.90 -24.56 2.09
CA ARG A 344 17.89 -24.09 1.13
C ARG A 344 17.45 -22.77 0.49
N LEU A 345 16.25 -22.76 -0.10
CA LEU A 345 15.78 -21.57 -0.81
C LEU A 345 15.66 -20.37 0.11
N ARG A 346 15.07 -20.57 1.28
CA ARG A 346 14.76 -19.48 2.20
C ARG A 346 15.35 -19.80 3.57
N PRO A 347 16.67 -19.76 3.70
CA PRO A 347 17.29 -20.08 4.98
C PRO A 347 16.82 -19.14 6.08
N VAL A 348 16.65 -19.69 7.28
CA VAL A 348 16.22 -18.88 8.42
C VAL A 348 17.19 -17.73 8.65
N ALA A 349 18.48 -18.01 8.58
CA ALA A 349 19.54 -16.99 8.71
C ALA A 349 20.34 -17.00 7.41
N PRO A 350 19.88 -16.28 6.38
CA PRO A 350 20.59 -16.31 5.09
C PRO A 350 22.00 -15.77 5.17
N MET A 351 22.37 -15.09 6.25
CA MET A 351 23.74 -14.68 6.51
C MET A 351 24.17 -15.08 7.91
N LEU A 352 23.62 -16.19 8.42
CA LEU A 352 23.95 -16.70 9.75
C LEU A 352 23.77 -15.58 10.75
N ILE A 353 24.52 -15.63 11.85
CA ILE A 353 24.68 -14.51 12.78
C ILE A 353 26.12 -14.04 12.66
N PRO A 354 26.38 -12.73 12.57
CA PRO A 354 27.75 -12.26 12.38
C PRO A 354 28.79 -12.94 13.24
N HIS A 355 29.89 -13.35 12.63
CA HIS A 355 31.05 -13.88 13.33
C HIS A 355 32.09 -12.78 13.50
N LYS A 356 33.02 -13.01 14.43
CA LYS A 356 34.12 -12.08 14.66
C LYS A 356 35.41 -12.87 14.85
N ALA A 357 36.50 -12.32 14.32
CA ALA A 357 37.81 -12.94 14.45
C ALA A 357 38.33 -12.76 15.87
N ASN A 358 38.38 -13.86 16.62
CA ASN A 358 38.90 -13.82 17.99
C ASN A 358 40.40 -13.56 18.03
N VAL A 359 41.11 -13.84 16.92
CA VAL A 359 42.55 -13.69 16.87
C VAL A 359 42.94 -13.38 15.43
N ASP A 360 44.17 -12.88 15.25
CA ASP A 360 44.71 -12.76 13.90
C ASP A 360 44.69 -14.13 13.22
N SER A 361 44.09 -14.18 12.04
CA SER A 361 43.86 -15.45 11.36
C SER A 361 43.90 -15.19 9.85
N SER A 362 43.34 -16.11 9.08
CA SER A 362 43.33 -15.97 7.63
C SER A 362 42.13 -16.71 7.06
N ILE A 363 41.71 -16.27 5.88
CA ILE A 363 40.64 -16.92 5.13
C ILE A 363 41.06 -16.95 3.67
N GLY A 364 41.05 -18.12 3.06
CA GLY A 364 41.62 -18.26 1.74
C GLY A 364 43.05 -17.74 1.66
N GLU A 365 43.75 -17.75 2.80
CA GLU A 365 45.11 -17.25 2.92
C GLU A 365 45.19 -15.75 2.68
N PHE A 366 44.07 -15.05 2.81
CA PHE A 366 44.08 -13.61 3.03
C PHE A 366 44.10 -13.34 4.53
N ALA A 367 44.76 -12.26 4.92
CA ALA A 367 44.89 -11.92 6.34
C ALA A 367 43.58 -11.36 6.89
N VAL A 368 43.21 -11.81 8.08
CA VAL A 368 42.09 -11.29 8.84
C VAL A 368 42.58 -10.92 10.23
N ASP A 369 42.41 -9.66 10.61
CA ASP A 369 42.93 -9.16 11.87
C ASP A 369 41.96 -9.42 13.02
N LYS A 370 42.50 -9.44 14.23
CA LYS A 370 41.69 -9.62 15.43
C LYS A 370 40.57 -8.59 15.47
N GLY A 371 39.38 -9.02 15.85
CA GLY A 371 38.24 -8.14 15.98
C GLY A 371 37.51 -7.85 14.69
N THR A 372 37.93 -8.43 13.56
CA THR A 372 37.30 -8.16 12.28
C THR A 372 36.00 -8.95 12.18
N GLU A 373 34.94 -8.29 11.73
CA GLU A 373 33.67 -8.95 11.53
C GLU A 373 33.72 -9.81 10.28
N VAL A 374 33.13 -11.00 10.36
CA VAL A 374 33.14 -11.96 9.26
C VAL A 374 31.71 -12.47 9.07
N ILE A 375 31.17 -12.28 7.87
CA ILE A 375 29.82 -12.71 7.53
C ILE A 375 29.92 -13.84 6.51
N ILE A 376 29.22 -14.93 6.78
CA ILE A 376 29.04 -16.00 5.80
C ILE A 376 27.74 -15.71 5.05
N ASN A 377 27.83 -15.64 3.73
CA ASN A 377 26.64 -15.41 2.89
C ASN A 377 26.05 -16.76 2.54
N LEU A 378 25.32 -17.33 3.51
CA LEU A 378 24.68 -18.63 3.30
C LEU A 378 23.76 -18.60 2.09
N TRP A 379 23.18 -17.44 1.79
CA TRP A 379 22.35 -17.31 0.59
C TRP A 379 23.18 -17.53 -0.67
N ALA A 380 24.39 -16.99 -0.71
CA ALA A 380 25.28 -17.23 -1.85
C ALA A 380 25.67 -18.70 -1.94
N LEU A 381 25.83 -19.37 -0.81
CA LEU A 381 26.17 -20.79 -0.82
C LEU A 381 25.01 -21.62 -1.34
N HIS A 382 23.77 -21.24 -1.00
CA HIS A 382 22.61 -22.01 -1.41
C HIS A 382 22.12 -21.67 -2.80
N HIS A 383 22.70 -20.64 -3.44
CA HIS A 383 22.29 -20.24 -4.78
C HIS A 383 23.44 -20.22 -5.77
N ASN A 384 24.64 -20.62 -5.36
CA ASN A 384 25.76 -20.75 -6.27
C ASN A 384 25.39 -21.70 -7.40
N GLU A 385 25.41 -21.20 -8.64
CA GLU A 385 24.91 -21.96 -9.77
C GLU A 385 25.80 -23.13 -10.16
N LYS A 386 27.07 -23.13 -9.76
CA LYS A 386 27.94 -24.26 -10.05
C LYS A 386 27.63 -25.45 -9.14
N GLU A 387 27.15 -25.19 -7.93
CA GLU A 387 26.87 -26.24 -6.96
C GLU A 387 25.41 -26.69 -6.96
N TRP A 388 24.54 -26.00 -7.68
CA TRP A 388 23.11 -26.29 -7.66
C TRP A 388 22.55 -26.22 -9.07
N HIS A 389 21.64 -27.13 -9.38
CA HIS A 389 20.95 -27.13 -10.67
C HIS A 389 19.72 -26.23 -10.56
N GLN A 390 19.75 -25.09 -11.27
CA GLN A 390 18.64 -24.14 -11.21
C GLN A 390 18.34 -23.81 -9.75
N PRO A 391 19.23 -23.06 -9.08
CA PRO A 391 19.10 -22.92 -7.62
C PRO A 391 17.90 -22.10 -7.18
N ASP A 392 17.50 -21.10 -7.95
CA ASP A 392 16.37 -20.26 -7.57
C ASP A 392 15.04 -20.98 -7.69
N GLN A 393 15.04 -22.24 -8.14
CA GLN A 393 13.81 -23.02 -8.26
C GLN A 393 13.52 -23.78 -6.97
N PHE A 394 12.23 -23.99 -6.72
CA PHE A 394 11.79 -24.88 -5.66
C PHE A 394 11.67 -26.28 -6.26
N MET A 395 12.66 -27.12 -6.00
CA MET A 395 12.69 -28.49 -6.52
C MET A 395 13.09 -29.43 -5.39
N PRO A 396 12.12 -29.90 -4.60
CA PRO A 396 12.43 -30.92 -3.60
C PRO A 396 13.03 -32.19 -4.20
N GLU A 397 12.86 -32.40 -5.51
CA GLU A 397 13.40 -33.60 -6.13
C GLU A 397 14.92 -33.64 -6.05
N ARG A 398 15.57 -32.47 -6.05
CA ARG A 398 17.03 -32.43 -6.05
C ARG A 398 17.62 -33.16 -4.85
N PHE A 399 16.85 -33.36 -3.78
CA PHE A 399 17.31 -34.08 -2.61
C PHE A 399 16.90 -35.55 -2.62
N LEU A 400 16.44 -36.06 -3.76
CA LEU A 400 16.08 -37.47 -3.91
C LEU A 400 16.77 -38.02 -5.15
N ASN A 401 17.18 -39.29 -5.08
CA ASN A 401 17.71 -39.96 -6.25
C ASN A 401 16.64 -39.99 -7.34
N PRO A 402 17.03 -40.24 -8.60
CA PRO A 402 16.06 -40.14 -9.70
C PRO A 402 14.92 -41.15 -9.60
N ALA A 403 14.99 -42.10 -8.67
CA ALA A 403 13.95 -43.10 -8.51
C ALA A 403 12.95 -42.75 -7.42
N GLY A 404 13.19 -41.68 -6.66
CA GLY A 404 12.29 -41.30 -5.59
C GLY A 404 12.36 -42.16 -4.35
N THR A 405 13.45 -42.92 -4.18
CA THR A 405 13.48 -43.99 -3.18
C THR A 405 14.31 -43.66 -1.94
N GLN A 406 15.30 -42.79 -2.02
CA GLN A 406 16.01 -42.39 -0.81
C GLN A 406 16.63 -41.01 -0.99
N LEU A 407 16.93 -40.38 0.13
CA LEU A 407 17.43 -39.02 0.16
C LEU A 407 18.91 -38.98 -0.18
N ILE A 408 19.34 -37.85 -0.76
CA ILE A 408 20.72 -37.65 -1.20
C ILE A 408 21.14 -36.24 -0.82
N SER A 409 22.46 -36.02 -0.81
CA SER A 409 23.05 -34.71 -0.56
C SER A 409 23.64 -34.21 -1.87
N PRO A 410 22.89 -33.47 -2.69
CA PRO A 410 23.36 -33.18 -4.05
C PRO A 410 24.52 -32.19 -4.10
N SER A 411 24.73 -31.41 -3.03
CA SER A 411 25.73 -30.35 -3.05
C SER A 411 26.49 -30.35 -1.73
N VAL A 412 27.72 -29.83 -1.78
CA VAL A 412 28.52 -29.63 -0.58
C VAL A 412 28.35 -28.23 -0.01
N SER A 413 27.70 -27.32 -0.74
CA SER A 413 27.43 -25.97 -0.26
C SER A 413 25.97 -25.93 0.22
N TYR A 414 25.77 -26.46 1.43
CA TYR A 414 24.43 -26.57 2.00
C TYR A 414 24.61 -26.66 3.52
N LEU A 415 24.33 -25.54 4.20
CA LEU A 415 24.58 -25.42 5.64
C LEU A 415 23.40 -24.74 6.32
N PRO A 416 22.21 -25.35 6.24
CA PRO A 416 21.03 -24.67 6.83
C PRO A 416 21.19 -24.36 8.30
N PHE A 417 21.89 -25.20 9.06
CA PHE A 417 22.06 -25.00 10.49
C PHE A 417 23.49 -24.57 10.84
N GLY A 418 24.24 -24.05 9.87
CA GLY A 418 25.60 -23.66 10.14
C GLY A 418 26.48 -24.88 10.40
N ALA A 419 27.60 -24.62 11.05
CA ALA A 419 28.54 -25.67 11.43
C ALA A 419 29.59 -25.08 12.36
N GLY A 420 30.23 -25.95 13.13
CA GLY A 420 31.31 -25.54 13.99
C GLY A 420 30.87 -25.10 15.37
N PRO A 421 31.69 -24.29 16.04
CA PRO A 421 31.38 -23.90 17.42
C PRO A 421 30.06 -23.15 17.57
N ARG A 422 29.56 -22.49 16.53
CA ARG A 422 28.36 -21.68 16.64
C ARG A 422 27.16 -22.32 15.95
N SER A 423 27.26 -23.58 15.53
CA SER A 423 26.15 -24.23 14.85
C SER A 423 24.91 -24.25 15.73
N CYS A 424 23.76 -24.41 15.07
CA CYS A 424 22.48 -24.43 15.77
C CYS A 424 22.47 -25.49 16.86
N ILE A 425 21.94 -25.13 18.03
CA ILE A 425 21.78 -26.08 19.13
C ILE A 425 20.39 -26.70 19.15
N GLY A 426 19.42 -26.13 18.43
CA GLY A 426 18.07 -26.65 18.41
C GLY A 426 17.73 -27.32 17.10
N GLU A 427 18.74 -27.81 16.38
CA GLU A 427 18.52 -28.44 15.10
C GLU A 427 17.63 -29.68 15.24
N ILE A 428 17.95 -30.54 16.20
CA ILE A 428 17.16 -31.75 16.42
C ILE A 428 15.70 -31.38 16.67
N LEU A 429 15.47 -30.46 17.61
CA LEU A 429 14.12 -29.98 17.88
C LEU A 429 13.48 -29.43 16.61
N ALA A 430 14.21 -28.60 15.87
CA ALA A 430 13.64 -27.98 14.68
C ALA A 430 13.21 -29.02 13.67
N ARG A 431 14.07 -30.00 13.39
CA ARG A 431 13.75 -31.00 12.37
C ARG A 431 12.53 -31.83 12.73
N GLN A 432 12.33 -32.09 14.02
CA GLN A 432 11.21 -32.92 14.44
C GLN A 432 9.91 -32.12 14.48
N GLU A 433 9.95 -30.90 15.03
CA GLU A 433 8.78 -30.03 14.98
C GLU A 433 8.36 -29.80 13.54
N LEU A 434 9.32 -29.49 12.65
CA LEU A 434 8.97 -29.21 11.26
C LEU A 434 8.33 -30.41 10.60
N PHE A 435 8.92 -31.59 10.77
CA PHE A 435 8.42 -32.78 10.07
C PHE A 435 7.03 -33.17 10.57
N LEU A 436 6.81 -33.11 11.88
CA LEU A 436 5.53 -33.55 12.43
C LEU A 436 4.42 -32.56 12.11
N ILE A 437 4.69 -31.26 12.22
CA ILE A 437 3.69 -30.27 11.83
C ILE A 437 3.24 -30.49 10.40
N MET A 438 4.20 -30.64 9.48
CA MET A 438 3.85 -30.80 8.07
C MET A 438 3.23 -32.16 7.78
N ALA A 439 3.55 -33.17 8.60
CA ALA A 439 2.97 -34.49 8.38
C ALA A 439 1.53 -34.56 8.91
N TRP A 440 1.28 -33.98 10.08
CA TRP A 440 -0.07 -33.95 10.61
C TRP A 440 -1.00 -33.12 9.75
N LEU A 441 -0.53 -31.95 9.30
CA LEU A 441 -1.39 -31.06 8.52
C LEU A 441 -1.80 -31.69 7.20
N LEU A 442 -0.83 -32.26 6.47
CA LEU A 442 -1.14 -32.86 5.18
C LEU A 442 -2.05 -34.06 5.33
N GLN A 443 -1.95 -34.80 6.43
CA GLN A 443 -2.84 -35.94 6.63
C GLN A 443 -4.29 -35.49 6.75
N ARG A 444 -4.53 -34.35 7.38
CA ARG A 444 -5.87 -33.96 7.78
C ARG A 444 -6.49 -32.89 6.90
N PHE A 445 -5.70 -32.00 6.30
CA PHE A 445 -6.25 -30.79 5.69
C PHE A 445 -5.82 -30.63 4.24
N ASP A 446 -6.77 -30.18 3.41
CA ASP A 446 -6.46 -29.57 2.13
C ASP A 446 -6.14 -28.10 2.39
N LEU A 447 -4.93 -27.68 2.02
CA LEU A 447 -4.47 -26.32 2.26
C LEU A 447 -4.38 -25.64 0.89
N GLU A 448 -5.41 -24.86 0.56
CA GLU A 448 -5.61 -24.34 -0.78
C GLU A 448 -5.58 -22.81 -0.76
N VAL A 449 -5.52 -22.24 -1.95
CA VAL A 449 -5.47 -20.77 -2.10
C VAL A 449 -6.79 -20.19 -1.59
N PRO A 450 -6.78 -19.07 -0.85
CA PRO A 450 -8.04 -18.48 -0.40
C PRO A 450 -8.96 -18.10 -1.55
N ASP A 451 -10.17 -17.61 -1.24
CA ASP A 451 -11.15 -17.33 -2.28
C ASP A 451 -10.75 -16.12 -3.11
N ASP A 452 -10.18 -15.10 -2.48
CA ASP A 452 -9.40 -14.13 -3.24
C ASP A 452 -8.22 -14.86 -3.88
N GLY A 453 -7.82 -14.41 -5.06
CA GLY A 453 -6.80 -15.13 -5.80
C GLY A 453 -5.40 -15.00 -5.23
N GLN A 454 -5.27 -14.46 -4.02
CA GLN A 454 -3.96 -14.05 -3.52
C GLN A 454 -3.12 -15.24 -3.09
N LEU A 455 -1.89 -15.26 -3.57
CA LEU A 455 -0.83 -16.16 -3.19
C LEU A 455 0.18 -15.42 -2.33
N PRO A 456 0.90 -16.12 -1.45
CA PRO A 456 1.87 -15.41 -0.61
C PRO A 456 3.06 -14.95 -1.42
N SER A 457 3.51 -13.73 -1.14
CA SER A 457 4.75 -13.22 -1.73
C SER A 457 5.92 -14.05 -1.21
N LEU A 458 6.62 -14.74 -2.11
CA LEU A 458 7.76 -15.56 -1.75
C LEU A 458 9.06 -14.76 -1.71
N GLU A 459 8.98 -13.42 -1.74
CA GLU A 459 10.17 -12.59 -1.67
C GLU A 459 10.76 -12.56 -0.27
N GLY A 460 9.90 -12.58 0.75
CA GLY A 460 10.36 -12.60 2.12
C GLY A 460 10.72 -11.22 2.64
N ILE A 461 10.98 -11.16 3.94
CA ILE A 461 11.28 -9.91 4.64
C ILE A 461 12.52 -10.12 5.49
N PRO A 462 13.69 -9.69 5.05
CA PRO A 462 14.90 -9.96 5.83
C PRO A 462 14.94 -9.19 7.15
N LYS A 463 14.67 -9.88 8.25
CA LYS A 463 14.93 -9.37 9.58
C LYS A 463 16.08 -10.20 10.17
N VAL A 464 16.23 -10.18 11.49
CA VAL A 464 17.14 -11.09 12.16
C VAL A 464 16.82 -12.54 11.78
N VAL A 465 15.58 -12.79 11.37
CA VAL A 465 15.15 -14.05 10.78
C VAL A 465 14.47 -13.71 9.46
N PHE A 466 14.56 -14.63 8.50
CA PHE A 466 14.03 -14.39 7.16
C PHE A 466 12.54 -14.74 7.16
N LEU A 467 11.72 -13.73 7.45
CA LEU A 467 10.28 -13.93 7.59
C LEU A 467 9.58 -13.82 6.25
N ILE A 468 8.42 -14.47 6.17
CA ILE A 468 7.52 -14.33 5.03
C ILE A 468 6.40 -13.37 5.43
N ASP A 469 6.04 -12.48 4.52
CA ASP A 469 4.89 -11.60 4.74
C ASP A 469 3.66 -12.45 5.05
N SER A 470 2.83 -11.95 5.97
CA SER A 470 1.68 -12.72 6.39
C SER A 470 0.73 -12.96 5.21
N PHE A 471 0.09 -14.13 5.22
CA PHE A 471 -0.83 -14.51 4.16
C PHE A 471 -1.92 -15.38 4.76
N LYS A 472 -2.87 -15.76 3.92
CA LYS A 472 -4.02 -16.57 4.33
C LYS A 472 -4.04 -17.87 3.54
N VAL A 473 -4.44 -18.94 4.22
CA VAL A 473 -4.62 -20.24 3.61
C VAL A 473 -6.03 -20.72 3.91
N LYS A 474 -6.67 -21.32 2.91
CA LYS A 474 -8.01 -21.87 3.07
C LYS A 474 -7.89 -23.32 3.57
N ILE A 475 -8.42 -23.57 4.76
CA ILE A 475 -8.32 -24.88 5.40
C ILE A 475 -9.61 -25.65 5.16
N LYS A 476 -9.49 -26.89 4.70
CA LYS A 476 -10.62 -27.78 4.53
C LYS A 476 -10.21 -29.17 4.99
N VAL A 477 -11.03 -29.79 5.84
CA VAL A 477 -10.74 -31.15 6.29
C VAL A 477 -10.81 -32.09 5.10
N ARG A 478 -9.85 -32.99 5.00
CA ARG A 478 -9.70 -33.81 3.81
C ARG A 478 -10.86 -34.79 3.66
N GLN A 479 -11.36 -34.92 2.43
CA GLN A 479 -12.39 -35.92 2.12
C GLN A 479 -12.01 -37.28 2.67
N ALA A 480 -10.74 -37.68 2.51
CA ALA A 480 -10.30 -39.00 2.94
C ALA A 480 -10.33 -39.11 4.46
N TRP A 481 -9.64 -38.21 5.15
CA TRP A 481 -9.59 -38.22 6.61
C TRP A 481 -10.99 -38.28 7.23
N ARG A 482 -12.01 -37.82 6.51
CA ARG A 482 -13.38 -37.90 7.02
C ARG A 482 -13.91 -39.32 6.94
N GLU A 483 -13.81 -39.94 5.77
CA GLU A 483 -14.30 -41.31 5.60
C GLU A 483 -13.72 -42.25 6.66
N ALA A 484 -12.49 -42.00 7.11
CA ALA A 484 -11.80 -42.87 8.03
C ALA A 484 -12.28 -42.73 9.47
N GLN A 485 -13.34 -41.94 9.72
CA GLN A 485 -13.86 -41.78 11.07
C GLN A 485 -14.98 -42.75 11.39
N ALA A 486 -15.68 -43.26 10.39
CA ALA A 486 -16.70 -44.28 10.62
C ALA A 486 -16.05 -45.60 11.02
N SER B 12 -21.73 24.08 -37.81
CA SER B 12 -22.94 23.88 -37.03
C SER B 12 -23.08 22.41 -36.61
N LEU B 13 -22.02 21.88 -36.00
CA LEU B 13 -22.00 20.48 -35.63
C LEU B 13 -23.09 20.17 -34.61
N LEU B 14 -23.81 19.08 -34.82
CA LEU B 14 -24.79 18.61 -33.85
C LEU B 14 -24.06 18.11 -32.60
N SER B 15 -24.83 17.69 -31.61
CA SER B 15 -24.28 17.12 -30.38
C SER B 15 -24.54 15.62 -30.35
N LEU B 16 -23.56 14.88 -29.83
CA LEU B 16 -23.62 13.43 -29.88
C LEU B 16 -24.91 12.92 -29.25
N PRO B 17 -25.53 11.89 -29.83
CA PRO B 17 -26.63 11.21 -29.12
C PRO B 17 -26.14 10.69 -27.78
N LEU B 18 -26.93 10.94 -26.74
CA LEU B 18 -26.58 10.58 -25.37
C LEU B 18 -27.41 9.38 -24.92
N VAL B 19 -26.74 8.28 -24.64
CA VAL B 19 -27.42 7.06 -24.20
C VAL B 19 -27.66 7.07 -22.68
N GLY B 20 -26.81 7.74 -21.93
CA GLY B 20 -26.96 7.77 -20.48
C GLY B 20 -26.03 8.80 -19.89
N SER B 21 -26.24 9.07 -18.60
CA SER B 21 -25.39 10.01 -17.90
C SER B 21 -25.57 9.83 -16.39
N LEU B 22 -24.49 10.05 -15.65
CA LEU B 22 -24.51 10.00 -14.21
C LEU B 22 -23.94 11.30 -13.64
N PRO B 23 -24.55 11.87 -12.61
CA PRO B 23 -24.09 13.17 -12.11
C PRO B 23 -22.65 13.16 -11.63
N PHE B 24 -22.12 12.03 -11.17
CA PHE B 24 -20.75 11.98 -10.71
C PHE B 24 -20.14 10.61 -11.03
N LEU B 25 -18.83 10.54 -10.91
CA LEU B 25 -18.11 9.30 -11.18
C LEU B 25 -18.48 8.25 -10.14
N PRO B 26 -18.99 7.08 -10.54
CA PRO B 26 -19.25 6.04 -9.54
C PRO B 26 -17.95 5.42 -9.08
N ARG B 27 -17.89 5.08 -7.80
CA ARG B 27 -16.71 4.51 -7.17
C ARG B 27 -15.59 5.52 -6.97
N HIS B 28 -15.91 6.81 -7.00
CA HIS B 28 -14.95 7.87 -6.71
C HIS B 28 -15.47 8.65 -5.51
N GLY B 29 -14.83 8.49 -4.36
CA GLY B 29 -15.33 9.05 -3.13
C GLY B 29 -16.49 8.23 -2.58
N HIS B 30 -16.86 8.54 -1.34
CA HIS B 30 -17.94 7.82 -0.69
C HIS B 30 -19.30 8.26 -1.25
N MET B 31 -20.18 7.29 -1.46
CA MET B 31 -21.50 7.57 -2.02
C MET B 31 -22.24 8.63 -1.21
N HIS B 32 -22.36 8.43 0.09
CA HIS B 32 -23.18 9.34 0.90
C HIS B 32 -22.71 10.78 0.77
N ASN B 33 -21.40 11.00 0.64
CA ASN B 33 -20.89 12.35 0.49
C ASN B 33 -21.05 12.85 -0.95
N ASN B 34 -20.97 11.96 -1.93
CA ASN B 34 -21.24 12.37 -3.31
C ASN B 34 -22.67 12.86 -3.47
N PHE B 35 -23.63 12.08 -2.97
CA PHE B 35 -25.02 12.54 -2.96
C PHE B 35 -25.16 13.87 -2.24
N PHE B 36 -24.40 14.06 -1.16
CA PHE B 36 -24.47 15.30 -0.39
C PHE B 36 -23.99 16.48 -1.23
N LYS B 37 -22.75 16.39 -1.75
CA LYS B 37 -22.22 17.45 -2.59
C LYS B 37 -23.18 17.78 -3.73
N LEU B 38 -23.89 16.78 -4.25
CA LEU B 38 -24.77 17.00 -5.38
C LEU B 38 -25.97 17.87 -5.02
N GLN B 39 -26.28 18.03 -3.74
CA GLN B 39 -27.41 18.87 -3.34
C GLN B 39 -27.18 20.33 -3.71
N LYS B 40 -25.91 20.78 -3.71
CA LYS B 40 -25.62 22.13 -4.15
C LYS B 40 -26.11 22.37 -5.58
N LYS B 41 -26.13 21.33 -6.40
CA LYS B 41 -26.52 21.46 -7.80
C LYS B 41 -28.01 21.22 -8.01
N TYR B 42 -28.60 20.25 -7.30
CA TYR B 42 -29.96 19.83 -7.57
C TYR B 42 -30.90 19.89 -6.38
N GLY B 43 -30.39 20.13 -5.17
CA GLY B 43 -31.23 20.29 -4.02
C GLY B 43 -31.28 19.05 -3.14
N PRO B 44 -32.20 19.06 -2.16
CA PRO B 44 -32.26 17.96 -1.19
C PRO B 44 -33.09 16.76 -1.59
N ILE B 45 -33.69 16.75 -2.78
CA ILE B 45 -34.40 15.56 -3.24
C ILE B 45 -34.30 15.47 -4.75
N TYR B 46 -33.74 14.36 -5.23
CA TYR B 46 -33.63 14.09 -6.67
C TYR B 46 -33.65 12.58 -6.85
N SER B 47 -33.61 12.15 -8.11
CA SER B 47 -33.71 10.73 -8.41
C SER B 47 -32.77 10.36 -9.55
N VAL B 48 -32.45 9.06 -9.61
CA VAL B 48 -31.69 8.48 -10.71
C VAL B 48 -32.41 7.20 -11.14
N ARG B 49 -32.33 6.90 -12.44
CA ARG B 49 -32.95 5.73 -13.02
C ARG B 49 -31.88 4.82 -13.60
N MET B 50 -31.92 3.54 -13.21
CA MET B 50 -31.07 2.51 -13.78
C MET B 50 -31.97 1.46 -14.38
N GLY B 51 -31.98 1.37 -15.71
CA GLY B 51 -32.92 0.49 -16.38
C GLY B 51 -34.35 0.91 -16.12
N THR B 52 -35.06 0.15 -15.30
CA THR B 52 -36.41 0.51 -14.87
C THR B 52 -36.50 0.79 -13.37
N LYS B 53 -35.51 0.39 -12.59
CA LYS B 53 -35.50 0.72 -11.18
C LYS B 53 -35.18 2.20 -11.00
N THR B 54 -36.03 2.89 -10.25
CA THR B 54 -35.85 4.30 -9.94
C THR B 54 -35.53 4.45 -8.45
N THR B 55 -34.74 5.46 -8.12
CA THR B 55 -34.28 5.65 -6.75
C THR B 55 -34.30 7.13 -6.40
N VAL B 56 -34.87 7.43 -5.24
CA VAL B 56 -34.92 8.80 -4.71
C VAL B 56 -33.94 8.92 -3.57
N ILE B 57 -33.14 9.98 -3.57
CA ILE B 57 -32.23 10.29 -2.47
C ILE B 57 -32.76 11.54 -1.76
N VAL B 58 -32.88 11.44 -0.44
CA VAL B 58 -33.45 12.51 0.38
C VAL B 58 -32.37 13.00 1.33
N GLY B 59 -32.18 14.31 1.37
CA GLY B 59 -31.07 14.87 2.13
C GLY B 59 -31.40 16.10 2.95
N HIS B 60 -32.65 16.25 3.37
CA HIS B 60 -33.06 17.31 4.27
C HIS B 60 -33.95 16.72 5.36
N HIS B 61 -33.77 17.19 6.59
CA HIS B 61 -34.42 16.56 7.73
C HIS B 61 -35.94 16.62 7.62
N GLN B 62 -36.49 17.68 7.05
CA GLN B 62 -37.94 17.77 6.90
C GLN B 62 -38.45 16.69 5.96
N LEU B 63 -37.80 16.53 4.80
CA LEU B 63 -38.16 15.46 3.88
C LEU B 63 -37.91 14.10 4.50
N ALA B 64 -36.82 13.97 5.26
CA ALA B 64 -36.48 12.67 5.84
C ALA B 64 -37.49 12.27 6.91
N LYS B 65 -37.96 13.23 7.70
CA LYS B 65 -38.96 12.92 8.72
C LYS B 65 -40.33 12.64 8.11
N GLU B 66 -40.58 13.11 6.88
CA GLU B 66 -41.80 12.73 6.18
C GLU B 66 -41.72 11.27 5.73
N VAL B 67 -40.57 10.86 5.18
CA VAL B 67 -40.41 9.48 4.75
C VAL B 67 -40.46 8.53 5.94
N LEU B 68 -39.80 8.89 7.03
CA LEU B 68 -39.63 7.97 8.15
C LEU B 68 -40.80 7.98 9.12
N ILE B 69 -41.36 9.16 9.43
CA ILE B 69 -42.35 9.28 10.50
C ILE B 69 -43.73 9.58 9.93
N LYS B 70 -43.92 10.80 9.41
CA LYS B 70 -45.24 11.22 8.99
C LYS B 70 -45.85 10.28 7.95
N LYS B 71 -45.01 9.63 7.16
CA LYS B 71 -45.47 8.65 6.17
C LYS B 71 -44.70 7.34 6.30
N GLY B 72 -44.33 6.98 7.53
CA GLY B 72 -43.50 5.80 7.74
C GLY B 72 -44.05 4.57 7.08
N LYS B 73 -45.32 4.24 7.35
CA LYS B 73 -45.90 3.01 6.84
C LYS B 73 -45.93 2.98 5.31
N ASP B 74 -45.86 4.15 4.67
CA ASP B 74 -45.84 4.22 3.21
C ASP B 74 -44.47 3.83 2.66
N PHE B 75 -43.39 4.25 3.31
CA PHE B 75 -42.03 4.01 2.86
C PHE B 75 -41.30 3.03 3.78
N SER B 76 -42.02 2.04 4.32
CA SER B 76 -41.46 1.10 5.28
C SER B 76 -40.97 -0.18 4.62
N GLY B 77 -40.93 -0.24 3.29
CA GLY B 77 -40.48 -1.44 2.60
C GLY B 77 -38.96 -1.47 2.42
N ARG B 78 -38.48 -2.62 1.95
CA ARG B 78 -37.08 -2.81 1.62
C ARG B 78 -36.95 -3.23 0.16
N PRO B 79 -36.03 -2.64 -0.60
CA PRO B 79 -35.84 -3.09 -1.98
C PRO B 79 -35.25 -4.49 -2.03
N GLN B 80 -35.56 -5.20 -3.12
CA GLN B 80 -35.05 -6.55 -3.34
C GLN B 80 -33.68 -6.46 -3.99
N MET B 81 -32.68 -7.09 -3.36
CA MET B 81 -31.33 -7.12 -3.88
C MET B 81 -30.82 -8.56 -3.87
N ALA B 82 -30.05 -8.91 -4.89
CA ALA B 82 -29.49 -10.26 -4.97
C ALA B 82 -28.60 -10.56 -3.78
N THR B 83 -27.81 -9.58 -3.34
CA THR B 83 -26.83 -9.83 -2.29
C THR B 83 -27.51 -9.95 -0.93
N LEU B 84 -28.55 -9.14 -0.68
CA LEU B 84 -29.27 -9.23 0.59
C LEU B 84 -30.20 -10.44 0.64
N ASP B 85 -30.66 -10.92 -0.51
CA ASP B 85 -31.50 -12.12 -0.53
C ASP B 85 -30.75 -13.32 0.03
N ILE B 86 -29.44 -13.40 -0.22
CA ILE B 86 -28.65 -14.52 0.26
C ILE B 86 -28.41 -14.39 1.76
N ALA B 87 -28.00 -13.22 2.21
CA ALA B 87 -27.69 -13.01 3.62
C ALA B 87 -28.94 -13.03 4.50
N SER B 88 -30.13 -12.87 3.92
CA SER B 88 -31.37 -12.91 4.66
C SER B 88 -32.17 -14.19 4.40
N ASN B 89 -31.60 -15.13 3.67
CA ASN B 89 -32.29 -16.38 3.34
C ASN B 89 -33.62 -16.08 2.65
N ASN B 90 -33.54 -15.31 1.58
CA ASN B 90 -34.71 -14.88 0.80
C ASN B 90 -35.63 -13.99 1.64
N ARG B 91 -35.07 -12.88 2.11
CA ARG B 91 -35.84 -11.78 2.70
C ARG B 91 -36.64 -12.21 3.93
N LYS B 92 -36.13 -13.17 4.68
CA LYS B 92 -36.61 -13.38 6.04
C LYS B 92 -35.87 -12.43 6.97
N GLY B 93 -36.15 -12.53 8.27
CA GLY B 93 -35.45 -11.72 9.24
C GLY B 93 -36.19 -10.44 9.61
N ILE B 94 -35.44 -9.35 9.79
CA ILE B 94 -36.02 -8.08 10.23
C ILE B 94 -35.46 -6.96 9.36
N ALA B 95 -34.14 -6.90 9.24
CA ALA B 95 -33.51 -5.76 8.60
C ALA B 95 -33.75 -5.75 7.10
N PHE B 96 -33.61 -6.90 6.44
CA PHE B 96 -33.73 -6.99 4.99
C PHE B 96 -35.06 -7.60 4.55
N ALA B 97 -35.96 -7.88 5.49
CA ALA B 97 -37.28 -8.38 5.14
C ALA B 97 -38.18 -7.21 4.74
N ASP B 98 -38.91 -7.38 3.64
CA ASP B 98 -39.82 -6.33 3.20
C ASP B 98 -40.96 -6.19 4.20
N SER B 99 -41.56 -4.99 4.22
CA SER B 99 -42.70 -4.75 5.08
C SER B 99 -43.79 -5.77 4.78
N GLY B 100 -44.33 -6.37 5.83
CA GLY B 100 -45.31 -7.43 5.67
C GLY B 100 -45.57 -8.11 6.99
N ALA B 101 -46.31 -9.22 6.91
CA ALA B 101 -46.66 -9.96 8.11
C ALA B 101 -45.42 -10.47 8.83
N HIS B 102 -44.56 -11.20 8.11
CA HIS B 102 -43.40 -11.81 8.75
C HIS B 102 -42.51 -10.77 9.42
N TRP B 103 -42.23 -9.66 8.73
CA TRP B 103 -41.40 -8.61 9.32
C TRP B 103 -42.07 -8.02 10.55
N GLN B 104 -43.35 -7.70 10.45
CA GLN B 104 -44.07 -7.10 11.58
C GLN B 104 -44.04 -8.01 12.79
N LEU B 105 -44.20 -9.32 12.58
CA LEU B 105 -44.20 -10.27 13.68
C LEU B 105 -42.84 -10.35 14.36
N HIS B 106 -41.80 -10.66 13.58
CA HIS B 106 -40.48 -10.89 14.16
C HIS B 106 -39.94 -9.62 14.82
N ARG B 107 -40.17 -8.45 14.22
CA ARG B 107 -39.73 -7.21 14.84
C ARG B 107 -40.41 -7.02 16.19
N ARG B 108 -41.70 -7.35 16.27
CA ARG B 108 -42.42 -7.27 17.54
C ARG B 108 -41.78 -8.16 18.59
N LEU B 109 -41.57 -9.44 18.25
CA LEU B 109 -40.97 -10.36 19.21
C LEU B 109 -39.57 -9.93 19.60
N ALA B 110 -38.79 -9.43 18.63
CA ALA B 110 -37.46 -8.92 18.95
C ALA B 110 -37.52 -7.82 19.99
N MET B 111 -38.43 -6.86 19.80
CA MET B 111 -38.60 -5.79 20.78
C MET B 111 -39.13 -6.32 22.10
N ALA B 112 -40.01 -7.32 22.05
CA ALA B 112 -40.51 -7.92 23.28
C ALA B 112 -39.38 -8.51 24.10
N THR B 113 -38.45 -9.23 23.46
CA THR B 113 -37.34 -9.82 24.18
C THR B 113 -36.54 -8.76 24.92
N PHE B 114 -36.16 -7.68 24.22
CA PHE B 114 -35.41 -6.62 24.87
C PHE B 114 -36.19 -6.02 26.04
N ALA B 115 -37.52 -6.08 25.99
CA ALA B 115 -38.33 -5.57 27.09
C ALA B 115 -38.15 -6.41 28.35
N LEU B 116 -37.91 -7.71 28.20
CA LEU B 116 -37.65 -8.55 29.37
C LEU B 116 -36.46 -8.01 30.16
N PHE B 117 -35.38 -7.66 29.46
CA PHE B 117 -34.12 -7.28 30.09
C PHE B 117 -34.15 -5.89 30.70
N LYS B 118 -35.34 -5.33 30.91
CA LYS B 118 -35.46 -4.05 31.61
C LYS B 118 -34.77 -4.10 32.98
N ASP B 119 -34.74 -5.26 33.62
CA ASP B 119 -34.25 -5.37 34.99
C ASP B 119 -34.22 -6.84 35.39
N GLY B 120 -33.99 -7.08 36.67
CA GLY B 120 -34.02 -8.42 37.24
C GLY B 120 -32.64 -8.98 37.45
N ASP B 121 -32.62 -10.29 37.72
CA ASP B 121 -31.36 -11.02 37.74
C ASP B 121 -30.56 -10.73 36.47
N GLN B 122 -31.25 -10.72 35.33
CA GLN B 122 -30.63 -10.41 34.04
C GLN B 122 -30.86 -8.95 33.63
N LYS B 123 -30.80 -8.01 34.58
CA LYS B 123 -30.75 -6.61 34.20
C LYS B 123 -29.61 -6.39 33.21
N LEU B 124 -29.82 -5.48 32.26
CA LEU B 124 -28.88 -5.35 31.15
C LEU B 124 -27.57 -4.70 31.59
N GLU B 125 -27.63 -3.78 32.55
CA GLU B 125 -26.40 -3.18 33.08
C GLU B 125 -25.46 -4.24 33.61
N LYS B 126 -25.98 -5.39 34.02
CA LYS B 126 -25.20 -6.40 34.73
C LYS B 126 -24.69 -7.50 33.81
N ILE B 127 -25.41 -7.82 32.73
CA ILE B 127 -24.85 -8.69 31.71
C ILE B 127 -23.72 -7.97 30.99
N ILE B 128 -23.84 -6.66 30.80
CA ILE B 128 -22.82 -5.90 30.09
C ILE B 128 -21.59 -5.73 30.96
N CYS B 129 -21.77 -5.29 32.20
CA CYS B 129 -20.63 -5.08 33.09
C CYS B 129 -19.86 -6.36 33.35
N GLN B 130 -20.54 -7.50 33.35
CA GLN B 130 -19.87 -8.78 33.56
C GLN B 130 -18.88 -9.04 32.43
N GLU B 131 -19.26 -8.72 31.20
CA GLU B 131 -18.39 -8.95 30.05
C GLU B 131 -17.43 -7.80 29.78
N ILE B 132 -17.71 -6.60 30.30
CA ILE B 132 -16.73 -5.54 30.27
C ILE B 132 -15.63 -5.83 31.28
N SER B 133 -15.96 -6.48 32.39
CA SER B 133 -14.96 -6.77 33.41
C SER B 133 -13.92 -7.76 32.89
N THR B 134 -14.36 -8.78 32.17
CA THR B 134 -13.43 -9.68 31.49
C THR B 134 -12.55 -8.91 30.51
N LEU B 135 -13.18 -8.04 29.71
CA LEU B 135 -12.43 -7.26 28.72
C LEU B 135 -11.34 -6.43 29.38
N CYS B 136 -11.65 -5.80 30.52
CA CYS B 136 -10.67 -4.92 31.17
C CYS B 136 -9.55 -5.72 31.83
N ASP B 137 -9.88 -6.88 32.42
CA ASP B 137 -8.85 -7.70 33.02
C ASP B 137 -7.86 -8.20 31.98
N MET B 138 -8.33 -8.47 30.76
CA MET B 138 -7.48 -9.02 29.72
C MET B 138 -6.72 -7.95 28.96
N LEU B 139 -7.29 -6.76 28.80
CA LEU B 139 -6.52 -5.65 28.25
C LEU B 139 -5.35 -5.28 29.17
N ALA B 140 -5.56 -5.41 30.49
CA ALA B 140 -4.53 -5.06 31.45
C ALA B 140 -3.34 -6.02 31.40
N THR B 141 -3.48 -7.19 30.75
CA THR B 141 -2.32 -8.02 30.51
C THR B 141 -1.39 -7.43 29.45
N HIS B 142 -1.89 -6.49 28.65
CA HIS B 142 -1.10 -5.82 27.63
C HIS B 142 -0.54 -4.48 28.10
N ASN B 143 -0.48 -4.25 29.40
CA ASN B 143 0.00 -2.98 29.92
C ASN B 143 1.35 -2.63 29.33
N GLY B 144 1.44 -1.47 28.69
CA GLY B 144 2.66 -1.03 28.05
C GLY B 144 2.85 -1.50 26.63
N GLN B 145 1.82 -2.09 26.02
CA GLN B 145 1.91 -2.59 24.65
C GLN B 145 0.88 -1.89 23.77
N SER B 146 1.17 -1.87 22.48
CA SER B 146 0.25 -1.37 21.47
C SER B 146 -0.49 -2.56 20.86
N ILE B 147 -1.82 -2.49 20.85
CA ILE B 147 -2.64 -3.60 20.38
C ILE B 147 -3.82 -3.08 19.57
N ASP B 148 -4.37 -3.97 18.74
CA ASP B 148 -5.64 -3.74 18.05
C ASP B 148 -6.75 -4.26 18.97
N ILE B 149 -7.54 -3.34 19.53
CA ILE B 149 -8.55 -3.69 20.52
C ILE B 149 -9.78 -4.28 19.87
N SER B 150 -9.74 -4.52 18.55
CA SER B 150 -10.92 -5.03 17.85
C SER B 150 -11.42 -6.33 18.47
N PHE B 151 -10.60 -7.38 18.44
CA PHE B 151 -11.08 -8.68 18.90
C PHE B 151 -11.49 -8.69 20.36
N PRO B 152 -10.73 -8.11 21.30
CA PRO B 152 -11.20 -8.06 22.69
C PRO B 152 -12.60 -7.47 22.83
N VAL B 153 -12.90 -6.40 22.08
CA VAL B 153 -14.23 -5.80 22.12
C VAL B 153 -15.24 -6.73 21.45
N PHE B 154 -14.86 -7.30 20.31
CA PHE B 154 -15.73 -8.25 19.61
C PHE B 154 -16.21 -9.35 20.56
N VAL B 155 -15.29 -9.91 21.34
CA VAL B 155 -15.64 -10.99 22.27
C VAL B 155 -16.59 -10.47 23.34
N ALA B 156 -16.31 -9.30 23.89
CA ALA B 156 -17.16 -8.74 24.94
C ALA B 156 -18.60 -8.63 24.47
N VAL B 157 -18.83 -7.96 23.34
CA VAL B 157 -20.19 -7.71 22.89
C VAL B 157 -20.83 -8.97 22.31
N THR B 158 -20.03 -9.91 21.79
CA THR B 158 -20.59 -11.16 21.32
C THR B 158 -21.20 -11.95 22.48
N ASN B 159 -20.56 -11.93 23.64
CA ASN B 159 -21.11 -12.63 24.80
C ASN B 159 -22.36 -11.93 25.33
N VAL B 160 -22.38 -10.60 25.29
CA VAL B 160 -23.58 -9.87 25.68
C VAL B 160 -24.76 -10.29 24.82
N ILE B 161 -24.60 -10.22 23.50
CA ILE B 161 -25.71 -10.56 22.62
C ILE B 161 -26.02 -12.06 22.70
N SER B 162 -25.02 -12.88 22.99
CA SER B 162 -25.27 -14.32 23.09
C SER B 162 -26.13 -14.64 24.31
N LEU B 163 -25.89 -13.95 25.43
CA LEU B 163 -26.71 -14.14 26.61
C LEU B 163 -28.13 -13.62 26.40
N ILE B 164 -28.28 -12.60 25.54
CA ILE B 164 -29.62 -12.09 25.24
C ILE B 164 -30.33 -12.98 24.22
N CYS B 165 -29.58 -13.70 23.39
CA CYS B 165 -30.17 -14.58 22.38
C CYS B 165 -30.37 -16.00 22.90
N PHE B 166 -29.35 -16.58 23.53
CA PHE B 166 -29.36 -17.98 23.89
C PHE B 166 -29.19 -18.25 25.38
N ASN B 167 -28.95 -17.22 26.19
CA ASN B 167 -28.55 -17.41 27.58
C ASN B 167 -27.28 -18.27 27.66
N THR B 168 -26.29 -17.89 26.85
CA THR B 168 -25.03 -18.59 26.78
C THR B 168 -23.94 -17.59 26.43
N SER B 169 -22.75 -17.77 26.98
CA SER B 169 -21.58 -17.00 26.61
C SER B 169 -20.43 -17.95 26.31
N TYR B 170 -19.45 -17.45 25.58
CA TYR B 170 -18.29 -18.24 25.21
C TYR B 170 -17.21 -18.13 26.27
N LYS B 171 -16.61 -19.27 26.61
CA LYS B 171 -15.44 -19.25 27.46
C LYS B 171 -14.27 -18.62 26.72
N ASN B 172 -13.31 -18.10 27.50
CA ASN B 172 -12.19 -17.40 26.88
C ASN B 172 -11.36 -18.36 26.05
N GLY B 173 -10.97 -17.92 24.86
CA GLY B 173 -10.21 -18.74 23.95
C GLY B 173 -11.03 -19.69 23.10
N ASP B 174 -12.35 -19.61 23.16
CA ASP B 174 -13.20 -20.50 22.38
C ASP B 174 -12.96 -20.26 20.90
N PRO B 175 -12.55 -21.29 20.14
CA PRO B 175 -12.31 -21.06 18.71
C PRO B 175 -13.55 -20.66 17.93
N GLU B 176 -14.74 -20.91 18.47
CA GLU B 176 -15.96 -20.56 17.76
C GLU B 176 -16.09 -19.04 17.57
N LEU B 177 -15.45 -18.25 18.43
CA LEU B 177 -15.46 -16.80 18.25
C LEU B 177 -14.63 -16.39 17.03
N ASN B 178 -13.54 -17.12 16.74
CA ASN B 178 -12.76 -16.84 15.55
C ASN B 178 -13.54 -17.21 14.29
N VAL B 179 -14.31 -18.30 14.34
CA VAL B 179 -15.16 -18.67 13.21
C VAL B 179 -16.18 -17.57 12.93
N ILE B 180 -16.82 -17.06 14.00
CA ILE B 180 -17.80 -15.98 13.83
C ILE B 180 -17.11 -14.74 13.28
N GLN B 181 -15.99 -14.35 13.90
CA GLN B 181 -15.22 -13.22 13.39
C GLN B 181 -14.95 -13.39 11.90
N ASN B 182 -14.68 -14.62 11.46
CA ASN B 182 -14.29 -14.85 10.08
C ASN B 182 -15.46 -14.64 9.13
N TYR B 183 -16.59 -15.31 9.37
CA TYR B 183 -17.70 -15.20 8.43
C TYR B 183 -18.43 -13.88 8.54
N ASN B 184 -18.35 -13.19 9.68
CA ASN B 184 -18.80 -11.80 9.73
C ASN B 184 -18.02 -10.95 8.76
N GLU B 185 -16.69 -11.07 8.79
CA GLU B 185 -15.84 -10.28 7.92
C GLU B 185 -16.07 -10.63 6.45
N GLY B 186 -16.36 -11.89 6.15
CA GLY B 186 -16.59 -12.32 4.79
C GLY B 186 -17.94 -11.89 4.25
N ILE B 187 -18.97 -11.94 5.10
CA ILE B 187 -20.29 -11.49 4.67
C ILE B 187 -20.28 -9.98 4.45
N ILE B 188 -19.74 -9.23 5.41
CA ILE B 188 -19.71 -7.78 5.28
C ILE B 188 -18.93 -7.38 4.02
N ASP B 189 -17.78 -8.02 3.79
CA ASP B 189 -16.94 -7.64 2.66
C ASP B 189 -17.64 -7.91 1.34
N ASN B 190 -18.40 -9.00 1.25
CA ASN B 190 -19.06 -9.40 0.01
C ASN B 190 -20.53 -8.97 -0.04
N LEU B 191 -21.09 -8.45 1.05
CA LEU B 191 -22.47 -7.98 1.00
C LEU B 191 -22.62 -6.78 0.08
N SER B 192 -21.55 -6.02 -0.10
CA SER B 192 -21.55 -4.87 -1.00
C SER B 192 -20.12 -4.36 -1.11
N LYS B 193 -19.74 -3.93 -2.31
CA LYS B 193 -18.42 -3.34 -2.50
C LYS B 193 -18.24 -2.13 -1.59
N ASP B 194 -19.20 -1.21 -1.63
CA ASP B 194 -19.21 -0.05 -0.74
C ASP B 194 -20.51 -0.05 0.06
N SER B 195 -21.17 1.10 0.13
CA SER B 195 -22.50 1.14 0.75
C SER B 195 -23.46 0.24 -0.02
N LEU B 196 -24.62 -0.01 0.60
CA LEU B 196 -25.65 -0.79 -0.08
C LEU B 196 -26.20 -0.06 -1.30
N VAL B 197 -26.13 1.26 -1.31
CA VAL B 197 -26.56 2.04 -2.46
C VAL B 197 -25.50 1.93 -3.55
N ASP B 198 -25.91 1.46 -4.72
CA ASP B 198 -25.01 1.37 -5.88
C ASP B 198 -25.71 1.97 -7.08
N LEU B 199 -25.08 2.97 -7.70
CA LEU B 199 -25.61 3.55 -8.92
C LEU B 199 -25.69 2.49 -10.02
N VAL B 200 -24.56 1.88 -10.36
CA VAL B 200 -24.51 0.87 -11.40
C VAL B 200 -24.59 -0.52 -10.77
N PRO B 201 -25.34 -1.46 -11.36
CA PRO B 201 -25.32 -2.86 -10.87
C PRO B 201 -24.18 -3.67 -11.45
N TRP B 202 -23.00 -3.54 -10.83
CA TRP B 202 -21.78 -4.09 -11.41
C TRP B 202 -21.82 -5.61 -11.47
N LEU B 203 -22.34 -6.26 -10.41
CA LEU B 203 -22.29 -7.72 -10.35
C LEU B 203 -23.02 -8.36 -11.53
N LYS B 204 -24.13 -7.76 -11.97
CA LYS B 204 -24.89 -8.35 -13.07
C LYS B 204 -24.30 -8.03 -14.44
N ILE B 205 -23.30 -7.16 -14.52
CA ILE B 205 -22.72 -6.75 -15.79
C ILE B 205 -21.47 -7.54 -16.14
N PHE B 206 -20.54 -7.68 -15.19
CA PHE B 206 -19.29 -8.38 -15.44
C PHE B 206 -19.22 -9.66 -14.63
N PRO B 207 -18.53 -10.68 -15.13
CA PRO B 207 -18.38 -11.93 -14.36
C PRO B 207 -17.61 -11.69 -13.08
N ASN B 208 -18.07 -12.31 -12.00
CA ASN B 208 -17.44 -12.15 -10.70
C ASN B 208 -17.94 -13.24 -9.77
N LYS B 209 -17.21 -13.44 -8.66
CA LYS B 209 -17.49 -14.51 -7.72
C LYS B 209 -18.10 -14.00 -6.41
N THR B 210 -18.74 -12.83 -6.44
CA THR B 210 -19.21 -12.22 -5.20
C THR B 210 -20.30 -13.07 -4.55
N LEU B 211 -21.27 -13.54 -5.34
CA LEU B 211 -22.34 -14.34 -4.76
C LEU B 211 -21.85 -15.71 -4.33
N GLU B 212 -20.94 -16.31 -5.11
CA GLU B 212 -20.31 -17.56 -4.68
C GLU B 212 -19.64 -17.39 -3.32
N LYS B 213 -18.75 -16.40 -3.21
CA LYS B 213 -18.10 -16.12 -1.93
C LYS B 213 -19.14 -15.90 -0.83
N LEU B 214 -20.14 -15.07 -1.10
CA LEU B 214 -21.11 -14.73 -0.08
C LEU B 214 -21.84 -15.97 0.42
N LYS B 215 -22.32 -16.81 -0.49
CA LYS B 215 -22.99 -18.04 -0.08
C LYS B 215 -22.11 -18.87 0.86
N SER B 216 -20.81 -18.94 0.58
CA SER B 216 -19.92 -19.74 1.40
C SER B 216 -19.97 -19.30 2.86
N HIS B 217 -19.80 -18.01 3.11
CA HIS B 217 -19.82 -17.51 4.48
C HIS B 217 -21.21 -17.66 5.09
N VAL B 218 -22.26 -17.46 4.29
CA VAL B 218 -23.61 -17.67 4.80
C VAL B 218 -23.83 -19.13 5.15
N LYS B 219 -23.20 -20.05 4.41
CA LYS B 219 -23.36 -21.47 4.71
C LYS B 219 -22.72 -21.82 6.05
N ILE B 220 -21.55 -21.26 6.35
CA ILE B 220 -20.94 -21.48 7.66
C ILE B 220 -21.80 -20.85 8.74
N ARG B 221 -22.30 -19.63 8.49
CA ARG B 221 -23.12 -18.95 9.48
C ARG B 221 -24.41 -19.71 9.75
N ASN B 222 -24.99 -20.31 8.70
CA ASN B 222 -26.27 -21.00 8.88
C ASN B 222 -26.08 -22.37 9.54
N ASP B 223 -25.01 -23.09 9.20
CA ASP B 223 -24.73 -24.34 9.87
C ASP B 223 -24.54 -24.13 11.37
N LEU B 224 -23.85 -23.05 11.74
CA LEU B 224 -23.52 -22.82 13.14
C LEU B 224 -24.76 -22.46 13.96
N LEU B 225 -25.71 -21.74 13.37
CA LEU B 225 -26.93 -21.41 14.10
C LEU B 225 -27.89 -22.60 14.13
N ASN B 226 -27.91 -23.42 13.09
CA ASN B 226 -28.75 -24.62 13.11
C ASN B 226 -28.35 -25.54 14.25
N LYS B 227 -27.04 -25.68 14.50
CA LYS B 227 -26.60 -26.48 15.64
C LYS B 227 -27.10 -25.90 16.95
N ILE B 228 -26.93 -24.59 17.14
CA ILE B 228 -27.38 -23.94 18.37
C ILE B 228 -28.89 -24.07 18.51
N LEU B 229 -29.62 -24.06 17.40
CA LEU B 229 -31.07 -24.16 17.45
C LEU B 229 -31.53 -25.61 17.64
N GLU B 230 -30.82 -26.57 17.05
CA GLU B 230 -31.15 -27.97 17.26
C GLU B 230 -30.89 -28.38 18.71
N ASN B 231 -29.70 -28.09 19.21
CA ASN B 231 -29.35 -28.45 20.59
C ASN B 231 -30.16 -27.67 21.63
N TYR B 232 -31.00 -26.72 21.21
CA TYR B 232 -31.81 -25.95 22.14
C TYR B 232 -33.28 -26.36 22.14
N LYS B 233 -33.76 -27.04 21.10
CA LYS B 233 -35.12 -27.55 21.10
C LYS B 233 -35.39 -28.37 22.36
N GLU B 234 -34.40 -29.18 22.77
CA GLU B 234 -34.49 -29.88 24.04
C GLU B 234 -34.71 -28.90 25.18
N LYS B 235 -33.72 -28.01 25.41
CA LYS B 235 -33.71 -27.15 26.59
C LYS B 235 -34.98 -26.32 26.72
N PHE B 236 -35.63 -25.99 25.61
CA PHE B 236 -36.74 -25.05 25.65
C PHE B 236 -37.85 -25.56 26.57
N ARG B 237 -38.46 -24.62 27.30
CA ARG B 237 -39.54 -24.91 28.24
C ARG B 237 -40.43 -23.68 28.29
N SER B 238 -41.71 -23.83 27.99
CA SER B 238 -42.60 -22.67 27.96
C SER B 238 -42.64 -21.92 29.29
N ASP B 239 -42.33 -22.60 30.40
CA ASP B 239 -42.24 -21.91 31.68
C ASP B 239 -41.14 -20.86 31.66
N SER B 240 -39.99 -21.20 31.09
CA SER B 240 -38.81 -20.35 31.14
C SER B 240 -38.68 -19.56 29.84
N ILE B 241 -38.87 -18.24 29.94
CA ILE B 241 -38.78 -17.33 28.80
C ILE B 241 -37.84 -16.21 29.21
N THR B 242 -36.57 -16.31 28.81
CA THR B 242 -35.56 -15.33 29.22
C THR B 242 -34.64 -14.88 28.10
N ASN B 243 -34.91 -15.24 26.85
CA ASN B 243 -34.06 -14.81 25.75
C ASN B 243 -34.82 -14.92 24.45
N MET B 244 -34.19 -14.41 23.38
CA MET B 244 -34.88 -14.26 22.11
C MET B 244 -35.35 -15.60 21.56
N LEU B 245 -34.53 -16.65 21.71
CA LEU B 245 -34.92 -17.94 21.15
C LEU B 245 -36.09 -18.55 21.90
N ASP B 246 -36.20 -18.28 23.20
CA ASP B 246 -37.41 -18.65 23.93
C ASP B 246 -38.62 -17.90 23.37
N THR B 247 -38.51 -16.57 23.29
CA THR B 247 -39.61 -15.77 22.78
C THR B 247 -40.09 -16.28 21.42
N LEU B 248 -39.15 -16.60 20.53
CA LEU B 248 -39.54 -17.04 19.18
C LEU B 248 -40.15 -18.43 19.21
N MET B 249 -39.57 -19.35 19.99
CA MET B 249 -40.08 -20.71 20.04
C MET B 249 -41.46 -20.76 20.67
N GLN B 250 -41.66 -20.03 21.77
CA GLN B 250 -42.98 -19.95 22.37
C GLN B 250 -44.01 -19.47 21.36
N ALA B 251 -43.65 -18.46 20.56
CA ALA B 251 -44.55 -17.94 19.54
C ALA B 251 -45.03 -19.05 18.62
N LYS B 252 -44.08 -19.84 18.08
CA LYS B 252 -44.49 -20.96 17.24
C LYS B 252 -45.30 -21.98 18.02
N MET B 253 -45.10 -22.07 19.33
CA MET B 253 -45.81 -23.06 20.13
C MET B 253 -47.19 -22.58 20.55
N ASN B 254 -47.37 -21.27 20.74
CA ASN B 254 -48.69 -20.69 20.90
C ASN B 254 -49.35 -20.46 19.55
N SER B 255 -48.90 -21.23 18.55
CA SER B 255 -49.44 -21.16 17.21
C SER B 255 -49.78 -22.54 16.64
N ASP B 256 -49.30 -23.62 17.25
CA ASP B 256 -49.61 -24.98 16.81
C ASP B 256 -49.31 -25.15 15.34
N PRO B 262 -53.18 -24.85 11.72
CA PRO B 262 -52.56 -24.44 12.99
C PRO B 262 -52.84 -22.98 13.37
N ASP B 263 -52.36 -22.04 12.57
CA ASP B 263 -52.50 -20.62 12.92
C ASP B 263 -51.92 -19.79 11.78
N GLN B 264 -52.23 -18.49 11.81
CA GLN B 264 -51.68 -17.56 10.82
C GLN B 264 -50.18 -17.34 11.03
N ASP B 265 -49.72 -17.44 12.27
CA ASP B 265 -48.31 -17.19 12.56
C ASP B 265 -47.44 -18.41 12.33
N SER B 266 -48.00 -19.61 12.47
CA SER B 266 -47.18 -20.82 12.53
C SER B 266 -46.26 -20.95 11.33
N GLU B 267 -46.67 -20.44 10.17
CA GLU B 267 -45.80 -20.50 8.99
C GLU B 267 -44.78 -19.36 8.99
N LEU B 268 -45.13 -18.22 9.58
CA LEU B 268 -44.19 -17.12 9.75
C LEU B 268 -43.10 -17.41 10.78
N LEU B 269 -43.13 -18.57 11.42
CA LEU B 269 -42.24 -18.86 12.54
C LEU B 269 -41.54 -20.21 12.37
N SER B 270 -41.28 -20.62 11.13
CA SER B 270 -40.55 -21.85 10.89
C SER B 270 -39.10 -21.69 11.34
N ASP B 271 -38.34 -22.78 11.24
CA ASP B 271 -36.95 -22.75 11.69
C ASP B 271 -36.11 -21.80 10.86
N ASN B 272 -36.35 -21.76 9.54
CA ASN B 272 -35.65 -20.78 8.71
C ASN B 272 -35.94 -19.36 9.17
N HIS B 273 -37.21 -19.06 9.47
CA HIS B 273 -37.57 -17.72 9.93
C HIS B 273 -36.91 -17.40 11.27
N ILE B 274 -36.91 -18.37 12.19
CA ILE B 274 -36.33 -18.13 13.51
C ILE B 274 -34.81 -18.01 13.39
N LEU B 275 -34.18 -18.87 12.61
CA LEU B 275 -32.73 -18.81 12.45
C LEU B 275 -32.30 -17.47 11.89
N THR B 276 -33.00 -16.96 10.88
CA THR B 276 -32.58 -15.72 10.25
C THR B 276 -32.82 -14.52 11.15
N THR B 277 -33.87 -14.54 11.97
CA THR B 277 -34.10 -13.45 12.90
C THR B 277 -33.02 -13.42 13.97
N ILE B 278 -32.71 -14.56 14.58
CA ILE B 278 -31.61 -14.63 15.53
C ILE B 278 -30.32 -14.18 14.86
N GLY B 279 -30.11 -14.58 13.61
CA GLY B 279 -28.90 -14.19 12.90
C GLY B 279 -28.74 -12.68 12.82
N ASP B 280 -29.82 -11.98 12.46
CA ASP B 280 -29.75 -10.53 12.31
C ASP B 280 -29.40 -9.86 13.63
N ILE B 281 -30.05 -10.27 14.71
CA ILE B 281 -29.76 -9.67 16.01
C ILE B 281 -28.34 -9.99 16.43
N PHE B 282 -27.94 -11.26 16.31
CA PHE B 282 -26.57 -11.65 16.63
C PHE B 282 -25.58 -10.80 15.82
N GLY B 283 -25.84 -10.67 14.51
CA GLY B 283 -24.95 -9.88 13.68
C GLY B 283 -24.98 -8.40 14.03
N ALA B 284 -26.18 -7.82 14.10
CA ALA B 284 -26.31 -6.40 14.39
C ALA B 284 -25.69 -6.06 15.75
N GLY B 285 -26.00 -6.86 16.77
CA GLY B 285 -25.52 -6.57 18.11
C GLY B 285 -24.01 -6.54 18.25
N VAL B 286 -23.29 -7.22 17.36
CA VAL B 286 -21.85 -7.31 17.44
C VAL B 286 -21.17 -6.29 16.55
N GLU B 287 -21.54 -6.24 15.27
CA GLU B 287 -20.77 -5.45 14.31
C GLU B 287 -21.02 -3.96 14.47
N THR B 288 -22.23 -3.55 14.87
CA THR B 288 -22.50 -2.13 15.06
C THR B 288 -21.76 -1.58 16.28
N THR B 289 -21.87 -2.28 17.41
CA THR B 289 -21.29 -1.77 18.65
C THR B 289 -19.77 -1.76 18.59
N THR B 290 -19.18 -2.86 18.12
CA THR B 290 -17.73 -2.89 17.97
C THR B 290 -17.23 -1.71 17.14
N SER B 291 -17.97 -1.36 16.09
CA SER B 291 -17.53 -0.32 15.18
C SER B 291 -17.57 1.05 15.86
N VAL B 292 -18.59 1.31 16.68
CA VAL B 292 -18.72 2.63 17.30
C VAL B 292 -17.68 2.81 18.40
N VAL B 293 -17.42 1.76 19.19
CA VAL B 293 -16.33 1.81 20.16
C VAL B 293 -15.03 2.20 19.45
N LYS B 294 -14.68 1.47 18.40
CA LYS B 294 -13.46 1.76 17.66
C LYS B 294 -13.44 3.20 17.17
N TRP B 295 -14.59 3.69 16.67
CA TRP B 295 -14.66 5.07 16.21
C TRP B 295 -14.41 6.05 17.35
N THR B 296 -14.98 5.77 18.53
CA THR B 296 -14.81 6.68 19.66
C THR B 296 -13.34 6.78 20.07
N LEU B 297 -12.66 5.64 20.20
CA LEU B 297 -11.23 5.65 20.50
C LEU B 297 -10.47 6.43 19.45
N ALA B 298 -10.81 6.26 18.17
CA ALA B 298 -10.11 6.96 17.11
C ALA B 298 -10.18 8.47 17.30
N PHE B 299 -11.37 9.01 17.55
CA PHE B 299 -11.49 10.45 17.75
C PHE B 299 -10.77 10.89 19.03
N LEU B 300 -10.78 10.06 20.07
CA LEU B 300 -10.08 10.43 21.30
C LEU B 300 -8.57 10.50 21.08
N LEU B 301 -8.02 9.62 20.24
CA LEU B 301 -6.60 9.71 19.90
C LEU B 301 -6.29 11.00 19.17
N HIS B 302 -7.19 11.42 18.27
CA HIS B 302 -7.00 12.67 17.55
C HIS B 302 -7.36 13.89 18.38
N ASN B 303 -8.05 13.72 19.51
CA ASN B 303 -8.53 14.83 20.33
C ASN B 303 -8.11 14.62 21.77
N PRO B 304 -6.82 14.77 22.07
CA PRO B 304 -6.36 14.57 23.45
C PRO B 304 -7.01 15.51 24.44
N GLN B 305 -7.34 16.74 24.01
CA GLN B 305 -7.93 17.70 24.93
C GLN B 305 -9.29 17.22 25.43
N VAL B 306 -10.04 16.52 24.59
CA VAL B 306 -11.32 15.97 25.01
C VAL B 306 -11.10 14.76 25.90
N LYS B 307 -10.27 13.82 25.46
CA LYS B 307 -9.92 12.67 26.28
C LYS B 307 -9.44 13.10 27.66
N LYS B 308 -8.79 14.26 27.74
CA LYS B 308 -8.31 14.78 29.02
C LYS B 308 -9.47 15.22 29.90
N LYS B 309 -10.41 15.98 29.35
CA LYS B 309 -11.59 16.37 30.12
C LYS B 309 -12.37 15.16 30.61
N LEU B 310 -12.38 14.08 29.83
CA LEU B 310 -13.16 12.90 30.22
C LEU B 310 -12.56 12.21 31.44
N TYR B 311 -11.23 12.04 31.46
CA TYR B 311 -10.58 11.46 32.63
C TYR B 311 -10.93 12.26 33.88
N GLU B 312 -10.68 13.57 33.85
CA GLU B 312 -11.06 14.43 34.96
C GLU B 312 -12.51 14.17 35.36
N GLU B 313 -13.42 14.18 34.38
CA GLU B 313 -14.85 14.05 34.67
C GLU B 313 -15.15 12.77 35.43
N ILE B 314 -14.78 11.62 34.86
CA ILE B 314 -15.08 10.35 35.51
C ILE B 314 -14.38 10.24 36.85
N ASP B 315 -13.29 10.98 37.06
CA ASP B 315 -12.57 10.91 38.32
C ASP B 315 -13.26 11.72 39.41
N GLN B 316 -13.98 12.78 39.05
CA GLN B 316 -14.71 13.55 40.06
C GLN B 316 -16.06 12.94 40.37
N ASN B 317 -16.66 12.21 39.42
CA ASN B 317 -18.03 11.76 39.54
C ASN B 317 -18.17 10.27 39.85
N VAL B 318 -17.11 9.47 39.69
CA VAL B 318 -17.17 8.07 40.04
C VAL B 318 -15.95 7.71 40.88
N GLY B 319 -14.80 8.25 40.50
CA GLY B 319 -13.57 7.92 41.21
C GLY B 319 -13.17 6.47 40.98
N PHE B 320 -12.55 5.89 42.00
CA PHE B 320 -12.06 4.53 41.93
C PHE B 320 -12.63 3.62 43.01
N SER B 321 -13.33 4.17 44.00
CA SER B 321 -14.07 3.39 44.99
C SER B 321 -14.85 2.26 44.35
N ARG B 322 -15.39 2.49 43.16
CA ARG B 322 -16.24 1.50 42.49
C ARG B 322 -16.09 1.66 40.98
N THR B 323 -16.82 0.79 40.24
CA THR B 323 -16.82 0.81 38.78
C THR B 323 -18.05 1.54 38.25
N PRO B 324 -17.97 2.17 37.08
CA PRO B 324 -19.12 2.92 36.56
C PRO B 324 -20.36 2.05 36.41
N THR B 325 -21.51 2.68 36.63
CA THR B 325 -22.81 2.06 36.46
C THR B 325 -23.64 2.89 35.49
N ILE B 326 -24.68 2.26 34.93
CA ILE B 326 -25.56 2.96 34.00
C ILE B 326 -26.11 4.24 34.61
N SER B 327 -26.23 4.27 35.94
CA SER B 327 -26.77 5.46 36.60
C SER B 327 -25.84 6.66 36.52
N ASP B 328 -24.60 6.47 36.08
CA ASP B 328 -23.64 7.57 36.01
C ASP B 328 -23.84 8.46 34.80
N ARG B 329 -24.79 8.12 33.91
CA ARG B 329 -25.11 9.01 32.80
C ARG B 329 -25.60 10.37 33.29
N ASN B 330 -26.11 10.44 34.52
CA ASN B 330 -26.46 11.71 35.12
C ASN B 330 -25.24 12.57 35.40
N ARG B 331 -24.05 12.00 35.34
CA ARG B 331 -22.83 12.63 35.82
C ARG B 331 -21.75 12.72 34.76
N LEU B 332 -21.57 11.68 33.95
CA LEU B 332 -20.58 11.69 32.88
C LEU B 332 -21.23 12.28 31.62
N LEU B 333 -21.54 13.57 31.71
CA LEU B 333 -22.24 14.24 30.62
C LEU B 333 -21.34 14.42 29.39
N LEU B 334 -20.09 14.80 29.61
CA LEU B 334 -19.18 14.95 28.49
C LEU B 334 -18.96 13.62 27.77
N LEU B 335 -18.97 12.51 28.51
CA LEU B 335 -18.89 11.20 27.86
C LEU B 335 -20.14 10.94 27.05
N GLU B 336 -21.31 11.18 27.63
CA GLU B 336 -22.56 10.95 26.91
C GLU B 336 -22.67 11.89 25.70
N ALA B 337 -22.04 13.07 25.77
CA ALA B 337 -22.00 13.96 24.62
C ALA B 337 -20.99 13.49 23.58
N THR B 338 -19.86 12.95 24.03
CA THR B 338 -18.88 12.42 23.09
C THR B 338 -19.49 11.31 22.24
N ILE B 339 -20.25 10.41 22.86
CA ILE B 339 -20.86 9.31 22.11
C ILE B 339 -21.85 9.85 21.09
N ARG B 340 -22.59 10.90 21.45
CA ARG B 340 -23.49 11.53 20.49
C ARG B 340 -22.72 12.11 19.32
N GLU B 341 -21.60 12.77 19.59
CA GLU B 341 -20.84 13.42 18.53
C GLU B 341 -20.24 12.40 17.57
N VAL B 342 -19.90 11.21 18.06
CA VAL B 342 -19.41 10.16 17.17
C VAL B 342 -20.54 9.62 16.32
N LEU B 343 -21.71 9.40 16.91
CA LEU B 343 -22.87 8.95 16.14
C LEU B 343 -23.31 9.99 15.12
N ARG B 344 -22.93 11.26 15.31
CA ARG B 344 -23.23 12.29 14.32
C ARG B 344 -22.19 12.28 13.20
N LEU B 345 -20.91 12.42 13.56
CA LEU B 345 -19.87 12.55 12.55
C LEU B 345 -19.74 11.27 11.71
N ARG B 346 -19.81 10.11 12.35
CA ARG B 346 -19.61 8.83 11.68
C ARG B 346 -20.79 7.92 11.97
N PRO B 347 -21.95 8.21 11.37
CA PRO B 347 -23.12 7.36 11.60
C PRO B 347 -22.83 5.91 11.21
N VAL B 348 -23.27 4.99 12.07
CA VAL B 348 -23.16 3.57 11.77
C VAL B 348 -23.73 3.28 10.39
N ALA B 349 -24.79 4.01 10.01
CA ALA B 349 -25.46 3.85 8.72
C ALA B 349 -25.64 5.23 8.10
N PRO B 350 -24.63 5.75 7.40
CA PRO B 350 -24.76 7.10 6.83
C PRO B 350 -25.91 7.24 5.85
N MET B 351 -26.40 6.15 5.27
CA MET B 351 -27.57 6.16 4.42
C MET B 351 -28.61 5.17 4.93
N LEU B 352 -28.70 5.02 6.26
CA LEU B 352 -29.62 4.08 6.88
C LEU B 352 -29.60 2.76 6.13
N ILE B 353 -30.77 2.17 5.90
CA ILE B 353 -30.90 1.00 5.04
C ILE B 353 -31.91 1.38 3.96
N PRO B 354 -31.66 1.04 2.69
CA PRO B 354 -32.58 1.47 1.63
C PRO B 354 -34.04 1.19 1.97
N HIS B 355 -34.85 2.24 2.04
CA HIS B 355 -36.28 2.10 2.17
C HIS B 355 -36.91 1.90 0.80
N LYS B 356 -38.18 1.52 0.80
CA LYS B 356 -38.95 1.36 -0.43
C LYS B 356 -40.37 1.85 -0.20
N ALA B 357 -40.96 2.43 -1.24
CA ALA B 357 -42.34 2.91 -1.19
C ALA B 357 -43.27 1.73 -1.42
N ASN B 358 -44.09 1.41 -0.42
CA ASN B 358 -45.06 0.33 -0.56
C ASN B 358 -46.26 0.72 -1.40
N VAL B 359 -46.55 2.02 -1.49
CA VAL B 359 -47.69 2.54 -2.23
C VAL B 359 -47.28 3.81 -2.94
N ASP B 360 -48.11 4.23 -3.89
CA ASP B 360 -48.01 5.60 -4.40
C ASP B 360 -48.10 6.57 -3.23
N SER B 361 -47.17 7.51 -3.19
CA SER B 361 -47.07 8.43 -2.06
C SER B 361 -46.37 9.69 -2.53
N SER B 362 -45.75 10.41 -1.60
CA SER B 362 -45.12 11.68 -1.95
C SER B 362 -44.08 12.03 -0.90
N ILE B 363 -43.10 12.83 -1.31
CA ILE B 363 -42.08 13.38 -0.43
C ILE B 363 -41.89 14.84 -0.82
N GLY B 364 -42.08 15.75 0.12
CA GLY B 364 -42.08 17.15 -0.24
C GLY B 364 -43.11 17.49 -1.29
N GLU B 365 -44.23 16.75 -1.31
CA GLU B 365 -45.30 16.88 -2.29
C GLU B 365 -44.88 16.51 -3.70
N PHE B 366 -43.71 15.91 -3.88
CA PHE B 366 -43.35 15.30 -5.15
C PHE B 366 -43.91 13.89 -5.21
N ALA B 367 -44.34 13.48 -6.40
CA ALA B 367 -44.91 12.15 -6.57
C ALA B 367 -43.82 11.09 -6.51
N VAL B 368 -44.12 9.97 -5.85
CA VAL B 368 -43.20 8.87 -5.68
C VAL B 368 -43.95 7.59 -5.99
N ASP B 369 -43.62 6.96 -7.11
CA ASP B 369 -44.34 5.75 -7.54
C ASP B 369 -44.07 4.59 -6.58
N LYS B 370 -45.09 3.77 -6.40
CA LYS B 370 -44.92 2.52 -5.66
C LYS B 370 -43.74 1.75 -6.22
N GLY B 371 -43.03 1.05 -5.34
CA GLY B 371 -41.85 0.30 -5.73
C GLY B 371 -40.58 1.12 -5.84
N THR B 372 -40.67 2.44 -5.81
CA THR B 372 -39.49 3.28 -5.89
C THR B 372 -38.63 3.10 -4.64
N GLU B 373 -37.31 2.98 -4.85
CA GLU B 373 -36.37 2.89 -3.77
C GLU B 373 -36.10 4.29 -3.22
N VAL B 374 -36.17 4.45 -1.91
CA VAL B 374 -36.01 5.75 -1.25
C VAL B 374 -34.86 5.63 -0.26
N ILE B 375 -33.90 6.55 -0.36
CA ILE B 375 -32.70 6.56 0.47
C ILE B 375 -32.69 7.85 1.27
N ILE B 376 -32.51 7.73 2.58
CA ILE B 376 -32.31 8.88 3.46
C ILE B 376 -30.81 9.04 3.65
N ASN B 377 -30.26 10.15 3.16
CA ASN B 377 -28.83 10.42 3.30
C ASN B 377 -28.62 11.06 4.67
N LEU B 378 -28.57 10.18 5.69
CA LEU B 378 -28.34 10.64 7.06
C LEU B 378 -27.05 11.45 7.15
N TRP B 379 -26.05 11.14 6.33
CA TRP B 379 -24.81 11.89 6.34
C TRP B 379 -25.05 13.35 6.02
N ALA B 380 -25.89 13.63 5.01
CA ALA B 380 -26.25 15.01 4.69
C ALA B 380 -26.92 15.68 5.89
N LEU B 381 -27.86 14.98 6.52
CA LEU B 381 -28.57 15.52 7.68
C LEU B 381 -27.60 15.92 8.79
N HIS B 382 -26.59 15.09 9.03
CA HIS B 382 -25.65 15.34 10.12
C HIS B 382 -24.54 16.32 9.75
N HIS B 383 -24.52 16.83 8.52
CA HIS B 383 -23.49 17.77 8.09
C HIS B 383 -24.04 19.03 7.45
N ASN B 384 -25.37 19.16 7.35
CA ASN B 384 -25.98 20.40 6.90
C ASN B 384 -25.52 21.54 7.82
N GLU B 385 -24.69 22.44 7.29
CA GLU B 385 -24.07 23.45 8.14
C GLU B 385 -25.10 24.38 8.76
N LYS B 386 -26.14 24.72 8.00
CA LYS B 386 -27.20 25.58 8.55
C LYS B 386 -27.86 24.96 9.76
N GLU B 387 -27.71 23.65 9.96
CA GLU B 387 -28.27 22.95 11.11
C GLU B 387 -27.22 22.57 12.13
N TRP B 388 -25.94 22.83 11.86
CA TRP B 388 -24.85 22.38 12.72
C TRP B 388 -23.72 23.40 12.66
N HIS B 389 -23.19 23.77 13.82
CA HIS B 389 -22.04 24.65 13.87
C HIS B 389 -20.77 23.85 13.58
N GLN B 390 -20.04 24.23 12.53
CA GLN B 390 -18.82 23.55 12.10
C GLN B 390 -19.06 22.04 12.09
N PRO B 391 -19.86 21.55 11.15
CA PRO B 391 -20.30 20.14 11.22
C PRO B 391 -19.21 19.11 11.03
N ASP B 392 -18.09 19.45 10.40
CA ASP B 392 -17.02 18.49 10.21
C ASP B 392 -15.97 18.54 11.31
N GLN B 393 -16.17 19.36 12.34
CA GLN B 393 -15.32 19.35 13.51
C GLN B 393 -15.93 18.45 14.58
N PHE B 394 -15.09 17.62 15.19
CA PHE B 394 -15.50 16.79 16.31
C PHE B 394 -15.60 17.68 17.55
N MET B 395 -16.82 17.95 17.99
CA MET B 395 -17.07 18.89 19.09
C MET B 395 -18.13 18.33 20.01
N PRO B 396 -17.76 17.47 20.96
CA PRO B 396 -18.75 17.01 21.94
C PRO B 396 -19.43 18.16 22.68
N GLU B 397 -18.83 19.36 22.67
CA GLU B 397 -19.41 20.50 23.37
C GLU B 397 -20.76 20.88 22.77
N ARG B 398 -20.95 20.69 21.47
CA ARG B 398 -22.18 21.10 20.82
C ARG B 398 -23.41 20.49 21.47
N PHE B 399 -23.25 19.40 22.22
CA PHE B 399 -24.36 18.70 22.84
C PHE B 399 -24.50 19.01 24.33
N LEU B 400 -23.80 20.03 24.82
CA LEU B 400 -23.96 20.51 26.18
C LEU B 400 -24.27 22.00 26.16
N ASN B 401 -25.00 22.46 27.18
CA ASN B 401 -25.13 23.89 27.36
C ASN B 401 -23.77 24.46 27.76
N PRO B 402 -23.55 25.75 27.54
CA PRO B 402 -22.19 26.31 27.72
C PRO B 402 -21.55 25.97 29.07
N ALA B 403 -22.34 25.77 30.12
CA ALA B 403 -21.75 25.43 31.42
C ALA B 403 -21.15 24.03 31.42
N GLY B 404 -21.66 23.15 30.56
CA GLY B 404 -21.34 21.74 30.66
C GLY B 404 -22.19 20.99 31.66
N THR B 405 -23.28 21.59 32.13
CA THR B 405 -24.06 21.03 33.23
C THR B 405 -25.23 20.16 32.77
N GLN B 406 -25.61 20.23 31.50
CA GLN B 406 -26.66 19.35 31.02
C GLN B 406 -26.58 19.20 29.51
N LEU B 407 -27.08 18.06 29.03
CA LEU B 407 -27.12 17.77 27.61
C LEU B 407 -28.22 18.56 26.93
N ILE B 408 -28.03 18.84 25.64
CA ILE B 408 -28.99 19.58 24.84
C ILE B 408 -29.08 18.96 23.45
N SER B 409 -30.20 19.23 22.77
CA SER B 409 -30.36 18.85 21.38
C SER B 409 -30.13 20.09 20.52
N PRO B 410 -28.92 20.29 19.98
CA PRO B 410 -28.66 21.54 19.25
C PRO B 410 -29.31 21.60 17.89
N SER B 411 -29.67 20.44 17.32
CA SER B 411 -30.23 20.38 15.99
C SER B 411 -31.36 19.36 15.96
N VAL B 412 -32.36 19.63 15.13
CA VAL B 412 -33.40 18.64 14.85
C VAL B 412 -33.00 17.73 13.70
N SER B 413 -31.89 18.02 13.02
CA SER B 413 -31.42 17.22 11.89
C SER B 413 -30.46 16.13 12.36
N TYR B 414 -30.94 15.32 13.31
CA TYR B 414 -30.10 14.35 14.01
C TYR B 414 -30.92 13.10 14.26
N LEU B 415 -30.61 12.02 13.52
CA LEU B 415 -31.33 10.76 13.63
C LEU B 415 -30.32 9.61 13.60
N PRO B 416 -29.50 9.48 14.63
CA PRO B 416 -28.52 8.39 14.64
C PRO B 416 -29.14 7.01 14.50
N PHE B 417 -30.29 6.78 15.14
CA PHE B 417 -30.92 5.47 15.13
C PHE B 417 -32.15 5.40 14.22
N GLY B 418 -32.32 6.39 13.34
CA GLY B 418 -33.46 6.40 12.46
C GLY B 418 -34.73 6.85 13.16
N ALA B 419 -35.86 6.56 12.51
CA ALA B 419 -37.15 6.93 13.06
C ALA B 419 -38.24 6.14 12.35
N GLY B 420 -39.36 5.97 13.04
CA GLY B 420 -40.54 5.39 12.45
C GLY B 420 -40.53 3.87 12.43
N PRO B 421 -41.35 3.29 11.55
CA PRO B 421 -41.47 1.82 11.52
C PRO B 421 -40.14 1.08 11.46
N ARG B 422 -39.10 1.68 10.89
CA ARG B 422 -37.84 0.97 10.68
C ARG B 422 -36.74 1.41 11.65
N SER B 423 -37.06 2.21 12.66
CA SER B 423 -36.04 2.67 13.59
C SER B 423 -35.35 1.49 14.26
N CYS B 424 -34.11 1.71 14.68
CA CYS B 424 -33.32 0.68 15.33
C CYS B 424 -34.07 0.09 16.51
N ILE B 425 -34.12 -1.26 16.57
CA ILE B 425 -34.67 -1.94 17.73
C ILE B 425 -33.62 -2.21 18.81
N GLY B 426 -32.35 -1.93 18.53
CA GLY B 426 -31.29 -2.16 19.49
C GLY B 426 -30.74 -0.90 20.12
N GLU B 427 -31.50 0.19 20.04
CA GLU B 427 -31.00 1.48 20.51
C GLU B 427 -30.64 1.42 21.99
N ILE B 428 -31.51 0.84 22.82
CA ILE B 428 -31.24 0.77 24.25
C ILE B 428 -29.97 -0.02 24.53
N LEU B 429 -29.87 -1.23 23.96
CA LEU B 429 -28.67 -2.04 24.15
C LEU B 429 -27.42 -1.26 23.74
N ALA B 430 -27.42 -0.72 22.53
CA ALA B 430 -26.23 -0.05 22.02
C ALA B 430 -25.79 1.08 22.93
N ARG B 431 -26.74 1.90 23.41
CA ARG B 431 -26.38 3.04 24.24
C ARG B 431 -25.76 2.59 25.55
N GLN B 432 -26.27 1.51 26.14
CA GLN B 432 -25.72 1.03 27.40
C GLN B 432 -24.34 0.42 27.19
N GLU B 433 -24.17 -0.38 26.14
CA GLU B 433 -22.87 -0.97 25.86
C GLU B 433 -21.83 0.12 25.60
N LEU B 434 -22.14 1.06 24.70
CA LEU B 434 -21.21 2.14 24.40
C LEU B 434 -20.81 2.90 25.65
N PHE B 435 -21.80 3.43 26.37
CA PHE B 435 -21.49 4.26 27.54
C PHE B 435 -20.69 3.49 28.58
N LEU B 436 -21.03 2.21 28.79
CA LEU B 436 -20.34 1.44 29.83
C LEU B 436 -18.95 1.03 29.39
N ILE B 437 -18.76 0.64 28.14
CA ILE B 437 -17.44 0.28 27.65
C ILE B 437 -16.48 1.46 27.80
N MET B 438 -16.91 2.64 27.36
CA MET B 438 -16.04 3.81 27.44
C MET B 438 -15.76 4.18 28.89
N ALA B 439 -16.78 4.14 29.74
CA ALA B 439 -16.61 4.57 31.13
C ALA B 439 -15.62 3.67 31.85
N TRP B 440 -15.77 2.35 31.70
CA TRP B 440 -14.84 1.42 32.33
C TRP B 440 -13.42 1.61 31.81
N LEU B 441 -13.26 1.77 30.50
CA LEU B 441 -11.92 1.90 29.92
C LEU B 441 -11.25 3.19 30.39
N LEU B 442 -11.98 4.31 30.35
CA LEU B 442 -11.38 5.58 30.76
C LEU B 442 -11.02 5.59 32.23
N GLN B 443 -11.75 4.83 33.06
CA GLN B 443 -11.41 4.77 34.47
C GLN B 443 -10.07 4.06 34.69
N ARG B 444 -9.80 3.00 33.93
CA ARG B 444 -8.68 2.11 34.21
C ARG B 444 -7.46 2.35 33.33
N PHE B 445 -7.65 2.84 32.10
CA PHE B 445 -6.58 2.83 31.11
C PHE B 445 -6.31 4.22 30.55
N ASP B 446 -5.04 4.60 30.51
CA ASP B 446 -4.58 5.64 29.59
C ASP B 446 -4.51 5.05 28.19
N LEU B 447 -5.18 5.69 27.25
CA LEU B 447 -5.26 5.21 25.87
C LEU B 447 -4.56 6.21 24.97
N GLU B 448 -3.46 5.78 24.35
CA GLU B 448 -2.54 6.70 23.70
C GLU B 448 -2.14 6.18 22.33
N VAL B 449 -1.50 7.07 21.57
CA VAL B 449 -0.96 6.75 20.25
C VAL B 449 0.13 5.70 20.42
N PRO B 450 0.30 4.77 19.48
CA PRO B 450 1.37 3.78 19.63
C PRO B 450 2.75 4.41 19.44
N ASP B 451 3.76 3.64 19.85
CA ASP B 451 5.13 4.16 19.84
C ASP B 451 5.54 4.69 18.47
N ASP B 452 5.07 4.06 17.40
CA ASP B 452 5.42 4.54 16.06
C ASP B 452 4.73 5.84 15.70
N GLY B 453 3.75 6.29 16.47
CA GLY B 453 3.12 7.57 16.24
C GLY B 453 2.03 7.59 15.20
N GLN B 454 1.57 6.44 14.74
CA GLN B 454 0.50 6.38 13.75
C GLN B 454 -0.84 6.65 14.42
N LEU B 455 -1.58 7.62 13.87
CA LEU B 455 -2.96 7.89 14.27
C LEU B 455 -3.92 7.15 13.35
N PRO B 456 -5.10 6.77 13.84
CA PRO B 456 -6.07 6.10 12.97
C PRO B 456 -6.61 7.05 11.91
N SER B 457 -6.99 6.47 10.78
CA SER B 457 -7.55 7.24 9.67
C SER B 457 -9.05 7.38 9.86
N LEU B 458 -9.51 8.60 10.07
CA LEU B 458 -10.92 8.88 10.31
C LEU B 458 -11.75 8.95 9.02
N GLU B 459 -11.14 8.66 7.87
CA GLU B 459 -11.90 8.65 6.62
C GLU B 459 -12.97 7.58 6.65
N GLY B 460 -12.62 6.38 7.09
CA GLY B 460 -13.57 5.30 7.23
C GLY B 460 -13.74 4.49 5.95
N ILE B 461 -14.51 3.42 6.08
CA ILE B 461 -14.73 2.48 4.99
C ILE B 461 -16.23 2.20 4.86
N PRO B 462 -16.92 2.79 3.88
CA PRO B 462 -18.35 2.50 3.73
C PRO B 462 -18.63 1.07 3.30
N LYS B 463 -19.18 0.27 4.21
CA LYS B 463 -19.75 -1.02 3.87
C LYS B 463 -21.23 -0.98 4.22
N VAL B 464 -21.86 -2.14 4.40
CA VAL B 464 -23.21 -2.14 4.96
C VAL B 464 -23.21 -1.43 6.31
N VAL B 465 -22.04 -1.31 6.94
CA VAL B 465 -21.84 -0.46 8.10
C VAL B 465 -20.59 0.38 7.84
N PHE B 466 -20.53 1.55 8.49
CA PHE B 466 -19.43 2.50 8.30
C PHE B 466 -18.29 2.11 9.23
N LEU B 467 -17.24 1.51 8.66
CA LEU B 467 -16.14 0.95 9.44
C LEU B 467 -14.95 1.88 9.45
N ILE B 468 -14.08 1.68 10.45
CA ILE B 468 -12.79 2.34 10.53
C ILE B 468 -11.71 1.30 10.28
N ASP B 469 -10.66 1.70 9.55
CA ASP B 469 -9.55 0.79 9.32
C ASP B 469 -8.92 0.40 10.65
N SER B 470 -8.32 -0.79 10.69
CA SER B 470 -7.72 -1.26 11.93
C SER B 470 -6.60 -0.32 12.38
N PHE B 471 -6.46 -0.19 13.69
CA PHE B 471 -5.45 0.68 14.28
C PHE B 471 -5.12 0.15 15.66
N LYS B 472 -4.00 0.62 16.21
CA LYS B 472 -3.52 0.14 17.49
C LYS B 472 -3.51 1.27 18.51
N VAL B 473 -3.72 0.91 19.77
CA VAL B 473 -3.64 1.83 20.89
C VAL B 473 -2.62 1.28 21.89
N LYS B 474 -1.82 2.17 22.45
CA LYS B 474 -0.94 1.83 23.56
C LYS B 474 -1.76 1.83 24.86
N ILE B 475 -1.75 0.72 25.57
CA ILE B 475 -2.57 0.57 26.78
C ILE B 475 -1.64 0.63 27.97
N LYS B 476 -1.77 1.70 28.75
CA LYS B 476 -1.16 1.80 30.07
C LYS B 476 -2.26 1.80 31.12
N VAL B 477 -2.04 1.09 32.22
CA VAL B 477 -2.94 1.16 33.37
C VAL B 477 -2.68 2.48 34.09
N ARG B 478 -3.73 3.28 34.27
CA ARG B 478 -3.58 4.56 34.94
C ARG B 478 -3.02 4.34 36.34
N GLN B 479 -2.08 5.21 36.72
CA GLN B 479 -1.53 5.14 38.07
C GLN B 479 -2.59 5.51 39.11
N ALA B 480 -3.41 6.52 38.80
CA ALA B 480 -4.55 6.85 39.65
C ALA B 480 -5.33 5.59 40.01
N TRP B 481 -5.71 4.80 39.00
CA TRP B 481 -6.41 3.55 39.25
C TRP B 481 -5.52 2.57 40.01
N ARG B 482 -4.23 2.52 39.67
CA ARG B 482 -3.34 1.57 40.32
C ARG B 482 -3.12 1.93 41.78
N GLU B 483 -2.88 3.22 42.08
CA GLU B 483 -2.69 3.63 43.46
C GLU B 483 -3.90 3.31 44.31
N ALA B 484 -5.11 3.45 43.75
CA ALA B 484 -6.32 3.17 44.50
C ALA B 484 -6.44 1.70 44.87
N GLN B 485 -5.66 0.83 44.25
CA GLN B 485 -5.69 -0.59 44.61
C GLN B 485 -4.59 -0.88 45.62
N TYR C 9 -56.18 9.78 -8.94
CA TYR C 9 -55.31 8.70 -8.49
C TYR C 9 -54.03 9.21 -7.84
N PRO C 10 -53.18 9.89 -8.62
CA PRO C 10 -51.84 10.23 -8.12
C PRO C 10 -51.90 11.14 -6.90
N LYS C 11 -51.12 10.78 -5.88
CA LYS C 11 -51.05 11.60 -4.68
C LYS C 11 -50.53 12.99 -4.98
N SER C 12 -49.68 13.13 -6.00
CA SER C 12 -49.09 14.41 -6.34
C SER C 12 -49.05 14.56 -7.86
N LEU C 13 -49.06 15.82 -8.31
CA LEU C 13 -48.90 16.15 -9.71
C LEU C 13 -47.51 16.66 -10.04
N LEU C 14 -46.67 16.88 -9.02
CA LEU C 14 -45.32 17.40 -9.22
C LEU C 14 -44.33 16.24 -9.34
N SER C 15 -43.30 16.44 -10.15
CA SER C 15 -42.33 15.40 -10.46
C SER C 15 -40.94 15.77 -9.96
N LEU C 16 -40.25 14.80 -9.38
CA LEU C 16 -38.89 14.99 -8.90
C LEU C 16 -37.95 15.33 -10.05
N PRO C 17 -36.79 15.91 -9.74
CA PRO C 17 -35.74 16.05 -10.77
C PRO C 17 -35.08 14.70 -11.04
N LEU C 18 -35.14 14.26 -12.30
CA LEU C 18 -34.41 13.07 -12.72
C LEU C 18 -33.00 13.52 -13.08
N VAL C 19 -32.04 13.13 -12.26
CA VAL C 19 -30.69 13.70 -12.30
C VAL C 19 -29.65 12.73 -12.84
N GLY C 20 -30.03 11.49 -13.11
CA GLY C 20 -29.13 10.53 -13.74
C GLY C 20 -29.95 9.42 -14.36
N SER C 21 -29.48 8.90 -15.48
CA SER C 21 -30.29 7.93 -16.22
C SER C 21 -29.39 7.01 -17.04
N LEU C 22 -29.68 5.71 -16.95
CA LEU C 22 -29.11 4.69 -17.83
C LEU C 22 -30.29 3.84 -18.30
N PRO C 23 -30.98 4.27 -19.35
CA PRO C 23 -32.28 3.67 -19.67
C PRO C 23 -32.26 2.15 -19.87
N PHE C 24 -31.14 1.55 -20.25
CA PHE C 24 -31.07 0.11 -20.38
C PHE C 24 -29.74 -0.41 -19.83
N LEU C 25 -29.70 -1.71 -19.54
CA LEU C 25 -28.51 -2.39 -19.06
C LEU C 25 -28.52 -3.80 -19.60
N PRO C 26 -27.35 -4.45 -19.71
CA PRO C 26 -27.33 -5.83 -20.19
C PRO C 26 -26.72 -6.82 -19.23
N ARG C 27 -27.21 -8.06 -19.25
CA ARG C 27 -26.49 -9.20 -18.68
C ARG C 27 -26.20 -10.27 -19.72
N HIS C 28 -26.71 -10.13 -20.93
CA HIS C 28 -26.68 -11.22 -21.90
C HIS C 28 -25.27 -11.57 -22.32
N GLY C 29 -24.51 -10.59 -22.81
CA GLY C 29 -23.23 -10.88 -23.44
C GLY C 29 -22.08 -9.97 -23.09
N HIS C 30 -21.12 -9.86 -24.01
CA HIS C 30 -19.93 -9.06 -23.80
C HIS C 30 -20.22 -7.58 -24.11
N MET C 31 -19.31 -6.72 -23.64
CA MET C 31 -19.48 -5.29 -23.86
C MET C 31 -19.55 -4.96 -25.35
N HIS C 32 -18.66 -5.55 -26.15
CA HIS C 32 -18.64 -5.22 -27.58
C HIS C 32 -19.93 -5.66 -28.26
N ASN C 33 -20.62 -6.66 -27.72
CA ASN C 33 -21.91 -7.06 -28.26
C ASN C 33 -23.00 -6.09 -27.87
N ASN C 34 -23.07 -5.73 -26.58
CA ASN C 34 -24.14 -4.85 -26.12
C ASN C 34 -24.03 -3.45 -26.70
N PHE C 35 -22.80 -2.97 -26.94
CA PHE C 35 -22.64 -1.72 -27.66
C PHE C 35 -23.15 -1.86 -29.09
N PHE C 36 -22.97 -3.04 -29.69
CA PHE C 36 -23.46 -3.28 -31.05
C PHE C 36 -24.98 -3.34 -31.07
N LYS C 37 -25.57 -4.16 -30.20
CA LYS C 37 -27.02 -4.21 -30.09
C LYS C 37 -27.60 -2.83 -29.81
N LEU C 38 -26.86 -1.97 -29.11
CA LEU C 38 -27.33 -0.62 -28.83
C LEU C 38 -27.58 0.18 -30.09
N GLN C 39 -26.88 -0.15 -31.18
CA GLN C 39 -26.91 0.69 -32.38
C GLN C 39 -28.25 0.66 -33.09
N LYS C 40 -29.06 -0.39 -32.90
CA LYS C 40 -30.39 -0.41 -33.49
C LYS C 40 -31.20 0.79 -33.03
N LYS C 41 -31.09 1.15 -31.75
CA LYS C 41 -31.86 2.25 -31.19
C LYS C 41 -31.15 3.60 -31.37
N TYR C 42 -29.84 3.65 -31.15
CA TYR C 42 -29.13 4.92 -31.08
C TYR C 42 -28.26 5.21 -32.29
N GLY C 43 -28.19 4.30 -33.26
CA GLY C 43 -27.39 4.54 -34.44
C GLY C 43 -25.93 4.16 -34.24
N PRO C 44 -25.08 4.58 -35.17
CA PRO C 44 -23.69 4.10 -35.16
C PRO C 44 -22.75 4.88 -34.27
N ILE C 45 -23.18 5.99 -33.68
CA ILE C 45 -22.33 6.77 -32.80
C ILE C 45 -23.20 7.38 -31.71
N TYR C 46 -22.75 7.25 -30.46
CA TYR C 46 -23.48 7.73 -29.30
C TYR C 46 -22.51 7.79 -28.13
N SER C 47 -22.94 8.45 -27.05
CA SER C 47 -22.03 8.75 -25.95
C SER C 47 -22.67 8.45 -24.61
N VAL C 48 -21.83 8.52 -23.57
CA VAL C 48 -22.24 8.36 -22.18
C VAL C 48 -21.47 9.39 -21.36
N ARG C 49 -22.18 10.08 -20.46
CA ARG C 49 -21.55 11.03 -19.55
C ARG C 49 -21.49 10.44 -18.14
N MET C 50 -20.41 10.75 -17.43
CA MET C 50 -20.31 10.43 -16.01
C MET C 50 -19.48 11.55 -15.38
N GLY C 51 -20.10 12.33 -14.50
CA GLY C 51 -19.47 13.55 -14.04
C GLY C 51 -19.05 14.40 -15.22
N THR C 52 -17.76 14.71 -15.29
CA THR C 52 -17.22 15.46 -16.41
C THR C 52 -16.72 14.56 -17.54
N LYS C 53 -16.57 13.26 -17.28
CA LYS C 53 -16.06 12.34 -18.29
C LYS C 53 -17.13 12.01 -19.34
N THR C 54 -16.70 11.98 -20.60
CA THR C 54 -17.56 11.61 -21.71
C THR C 54 -16.87 10.51 -22.53
N THR C 55 -17.69 9.63 -23.11
CA THR C 55 -17.17 8.54 -23.92
C THR C 55 -18.05 8.35 -25.15
N VAL C 56 -17.43 8.33 -26.32
CA VAL C 56 -18.13 8.04 -27.58
C VAL C 56 -17.83 6.60 -27.97
N ILE C 57 -18.83 5.91 -28.51
CA ILE C 57 -18.67 4.56 -29.05
C ILE C 57 -19.05 4.63 -30.53
N VAL C 58 -18.08 4.34 -31.40
CA VAL C 58 -18.28 4.37 -32.85
C VAL C 58 -18.41 2.93 -33.35
N GLY C 59 -19.37 2.69 -34.22
CA GLY C 59 -19.62 1.35 -34.71
C GLY C 59 -19.89 1.25 -36.20
N HIS C 60 -19.25 2.12 -36.98
CA HIS C 60 -19.42 2.10 -38.43
C HIS C 60 -18.12 2.53 -39.08
N HIS C 61 -17.77 1.90 -40.20
CA HIS C 61 -16.44 2.07 -40.78
C HIS C 61 -16.22 3.50 -41.26
N GLN C 62 -17.25 4.16 -41.77
CA GLN C 62 -17.09 5.56 -42.19
C GLN C 62 -16.60 6.42 -41.04
N LEU C 63 -17.28 6.35 -39.90
CA LEU C 63 -16.89 7.16 -38.75
C LEU C 63 -15.58 6.65 -38.14
N ALA C 64 -15.37 5.33 -38.16
CA ALA C 64 -14.14 4.78 -37.61
C ALA C 64 -12.92 5.28 -38.37
N LYS C 65 -12.95 5.14 -39.70
CA LYS C 65 -11.83 5.60 -40.52
C LYS C 65 -11.60 7.09 -40.37
N GLU C 66 -12.62 7.85 -40.00
CA GLU C 66 -12.44 9.27 -39.70
C GLU C 66 -11.63 9.45 -38.43
N VAL C 67 -11.96 8.70 -37.39
CA VAL C 67 -11.22 8.78 -36.12
C VAL C 67 -9.80 8.30 -36.32
N LEU C 68 -9.60 7.25 -37.10
CA LEU C 68 -8.30 6.58 -37.16
C LEU C 68 -7.36 7.18 -38.18
N ILE C 69 -7.88 7.61 -39.34
CA ILE C 69 -7.02 7.98 -40.46
C ILE C 69 -7.19 9.46 -40.80
N LYS C 70 -8.39 9.85 -41.24
CA LYS C 70 -8.60 11.23 -41.69
C LYS C 70 -8.29 12.22 -40.58
N LYS C 71 -8.81 11.96 -39.38
CA LYS C 71 -8.52 12.77 -38.20
C LYS C 71 -7.73 11.98 -37.18
N GLY C 72 -6.82 11.14 -37.66
CA GLY C 72 -6.09 10.24 -36.76
C GLY C 72 -5.26 10.97 -35.73
N LYS C 73 -4.55 12.02 -36.14
CA LYS C 73 -3.71 12.76 -35.21
C LYS C 73 -4.54 13.47 -34.14
N ASP C 74 -5.77 13.86 -34.47
CA ASP C 74 -6.64 14.49 -33.47
C ASP C 74 -7.12 13.50 -32.42
N PHE C 75 -7.24 12.22 -32.80
CA PHE C 75 -7.74 11.18 -31.90
C PHE C 75 -6.68 10.15 -31.56
N SER C 76 -5.41 10.56 -31.58
CA SER C 76 -4.30 9.65 -31.32
C SER C 76 -3.94 9.58 -29.83
N GLY C 77 -4.79 10.09 -28.94
CA GLY C 77 -4.51 10.05 -27.53
C GLY C 77 -5.01 8.78 -26.87
N ARG C 78 -4.54 8.56 -25.64
CA ARG C 78 -5.01 7.46 -24.81
C ARG C 78 -5.60 8.01 -23.52
N PRO C 79 -6.73 7.46 -23.06
CA PRO C 79 -7.30 7.95 -21.79
C PRO C 79 -6.52 7.43 -20.59
N GLN C 80 -6.33 8.31 -19.61
CA GLN C 80 -5.74 7.90 -18.35
C GLN C 80 -6.70 6.97 -17.61
N MET C 81 -6.19 5.81 -17.18
CA MET C 81 -6.98 4.82 -16.47
C MET C 81 -6.17 4.29 -15.30
N ALA C 82 -6.85 4.02 -14.19
CA ALA C 82 -6.15 3.58 -12.98
C ALA C 82 -5.46 2.23 -13.21
N THR C 83 -6.16 1.28 -13.83
CA THR C 83 -5.59 -0.04 -14.04
C THR C 83 -4.40 0.00 -14.99
N LEU C 84 -4.46 0.86 -16.01
CA LEU C 84 -3.38 0.96 -16.98
C LEU C 84 -2.19 1.75 -16.45
N ASP C 85 -2.38 2.57 -15.40
CA ASP C 85 -1.24 3.27 -14.80
C ASP C 85 -0.33 2.29 -14.07
N ILE C 86 -0.91 1.26 -13.44
CA ILE C 86 -0.10 0.25 -12.77
C ILE C 86 0.63 -0.62 -13.78
N ALA C 87 -0.05 -1.00 -14.87
CA ALA C 87 0.53 -1.92 -15.83
C ALA C 87 1.57 -1.27 -16.72
N SER C 88 1.42 0.03 -17.02
CA SER C 88 2.34 0.73 -17.89
C SER C 88 3.36 1.55 -17.11
N ASN C 89 3.53 1.28 -15.82
CA ASN C 89 4.45 2.03 -14.97
C ASN C 89 4.24 3.52 -15.18
N ASN C 90 2.99 3.96 -14.98
CA ASN C 90 2.59 5.35 -15.11
C ASN C 90 2.71 5.85 -16.55
N ARG C 91 1.93 5.25 -17.46
CA ARG C 91 1.74 5.79 -18.80
C ARG C 91 3.05 5.90 -19.58
N LYS C 92 3.92 4.92 -19.39
CA LYS C 92 5.12 4.79 -20.21
C LYS C 92 4.88 3.70 -21.27
N GLY C 93 5.88 3.51 -22.13
CA GLY C 93 5.77 2.50 -23.16
C GLY C 93 5.17 3.02 -24.45
N ILE C 94 4.29 2.22 -25.07
CA ILE C 94 3.75 2.56 -26.38
C ILE C 94 2.23 2.45 -26.36
N ALA C 95 1.72 1.24 -26.11
CA ALA C 95 0.30 0.98 -26.26
C ALA C 95 -0.54 1.89 -25.38
N PHE C 96 -0.16 2.03 -24.11
CA PHE C 96 -0.92 2.83 -23.16
C PHE C 96 -0.32 4.20 -22.93
N ALA C 97 0.83 4.50 -23.55
CA ALA C 97 1.36 5.86 -23.51
C ALA C 97 0.44 6.79 -24.27
N ASP C 98 0.24 7.99 -23.72
CA ASP C 98 -0.56 8.99 -24.40
C ASP C 98 0.23 9.61 -25.54
N SER C 99 -0.48 10.23 -26.47
CA SER C 99 0.17 10.90 -27.60
C SER C 99 1.17 11.92 -27.08
N GLY C 100 2.19 12.19 -27.89
CA GLY C 100 3.24 13.12 -27.51
C GLY C 100 4.61 12.54 -27.83
N ALA C 101 5.63 13.15 -27.22
CA ALA C 101 7.00 12.87 -27.62
C ALA C 101 7.41 11.45 -27.25
N HIS C 102 7.28 11.07 -25.97
CA HIS C 102 7.78 9.77 -25.53
C HIS C 102 7.14 8.64 -26.32
N TRP C 103 5.84 8.74 -26.61
CA TRP C 103 5.18 7.72 -27.42
C TRP C 103 5.70 7.74 -28.86
N GLN C 104 5.86 8.94 -29.43
CA GLN C 104 6.39 9.05 -30.78
C GLN C 104 7.80 8.47 -30.87
N LEU C 105 8.63 8.72 -29.85
CA LEU C 105 10.00 8.25 -29.88
C LEU C 105 10.06 6.72 -29.78
N HIS C 106 9.38 6.15 -28.78
CA HIS C 106 9.49 4.71 -28.56
C HIS C 106 8.78 3.92 -29.65
N ARG C 107 7.72 4.46 -30.23
CA ARG C 107 7.08 3.80 -31.36
C ARG C 107 7.98 3.86 -32.59
N ARG C 108 8.62 5.00 -32.82
CA ARG C 108 9.61 5.13 -33.89
C ARG C 108 10.69 4.06 -33.74
N LEU C 109 11.20 3.88 -32.52
CA LEU C 109 12.32 2.97 -32.31
C LEU C 109 11.88 1.51 -32.41
N ALA C 110 10.68 1.18 -31.93
CA ALA C 110 10.20 -0.18 -32.05
C ALA C 110 10.00 -0.57 -33.50
N MET C 111 9.44 0.34 -34.31
CA MET C 111 9.28 0.08 -35.73
C MET C 111 10.63 -0.06 -36.42
N ALA C 112 11.59 0.79 -36.06
CA ALA C 112 12.91 0.73 -36.68
C ALA C 112 13.62 -0.58 -36.39
N THR C 113 13.29 -1.24 -35.28
CA THR C 113 13.90 -2.52 -34.95
C THR C 113 13.33 -3.63 -35.83
N PHE C 114 12.01 -3.73 -35.93
CA PHE C 114 11.39 -4.68 -36.84
C PHE C 114 11.93 -4.51 -38.26
N ALA C 115 12.35 -3.29 -38.61
CA ALA C 115 12.94 -3.06 -39.92
C ALA C 115 14.26 -3.80 -40.09
N LEU C 116 15.04 -3.95 -39.01
CA LEU C 116 16.27 -4.71 -39.10
C LEU C 116 16.02 -6.11 -39.64
N PHE C 117 14.89 -6.71 -39.27
CA PHE C 117 14.58 -8.10 -39.57
C PHE C 117 13.85 -8.25 -40.91
N LYS C 118 14.02 -7.30 -41.83
CA LYS C 118 13.40 -7.42 -43.14
C LYS C 118 14.02 -8.55 -43.94
N ASP C 119 15.35 -8.51 -44.11
CA ASP C 119 16.07 -9.57 -44.78
C ASP C 119 17.51 -9.55 -44.27
N GLY C 120 18.11 -10.73 -44.21
CA GLY C 120 19.49 -10.85 -43.77
C GLY C 120 19.70 -12.16 -43.01
N ASP C 121 20.84 -12.23 -42.32
CA ASP C 121 21.11 -13.35 -41.43
C ASP C 121 19.91 -13.61 -40.53
N GLN C 122 19.56 -12.62 -39.70
CA GLN C 122 18.41 -12.71 -38.82
C GLN C 122 17.13 -12.41 -39.59
N LYS C 123 16.97 -13.01 -40.76
CA LYS C 123 15.69 -12.97 -41.46
C LYS C 123 14.60 -13.39 -40.51
N LEU C 124 13.58 -12.55 -40.36
CA LEU C 124 12.52 -12.83 -39.40
C LEU C 124 11.95 -14.23 -39.56
N GLU C 125 12.02 -14.78 -40.78
CA GLU C 125 11.45 -16.09 -41.04
C GLU C 125 12.29 -17.21 -40.43
N LYS C 126 13.62 -17.12 -40.55
CA LYS C 126 14.48 -18.14 -39.95
C LYS C 126 14.22 -18.25 -38.45
N ILE C 127 14.27 -17.11 -37.76
CA ILE C 127 13.97 -17.07 -36.33
C ILE C 127 12.70 -17.86 -36.04
N ILE C 128 11.64 -17.60 -36.83
CA ILE C 128 10.34 -18.19 -36.55
C ILE C 128 10.35 -19.69 -36.83
N CYS C 129 10.76 -20.07 -38.03
CA CYS C 129 10.77 -21.49 -38.39
C CYS C 129 11.65 -22.30 -37.44
N GLN C 130 12.76 -21.72 -36.98
CA GLN C 130 13.59 -22.38 -35.99
C GLN C 130 12.77 -22.75 -34.76
N GLU C 131 11.97 -21.81 -34.26
CA GLU C 131 11.20 -22.05 -33.04
C GLU C 131 9.96 -22.89 -33.28
N ILE C 132 9.41 -22.86 -34.50
CA ILE C 132 8.31 -23.76 -34.82
C ILE C 132 8.81 -25.19 -34.90
N SER C 133 10.02 -25.40 -35.45
CA SER C 133 10.61 -26.73 -35.49
C SER C 133 10.60 -27.38 -34.12
N THR C 134 11.02 -26.63 -33.09
CA THR C 134 10.99 -27.15 -31.74
C THR C 134 9.55 -27.39 -31.28
N LEU C 135 8.63 -26.51 -31.68
CA LEU C 135 7.23 -26.66 -31.30
C LEU C 135 6.65 -27.95 -31.85
N CYS C 136 7.01 -28.30 -33.09
CA CYS C 136 6.44 -29.48 -33.72
C CYS C 136 7.04 -30.76 -33.16
N ASP C 137 8.33 -30.75 -32.82
CA ASP C 137 8.92 -31.91 -32.17
C ASP C 137 8.35 -32.10 -30.76
N MET C 138 8.21 -31.00 -30.02
CA MET C 138 7.62 -31.08 -28.69
C MET C 138 6.21 -31.67 -28.75
N LEU C 139 5.43 -31.29 -29.77
CA LEU C 139 4.08 -31.82 -29.91
C LEU C 139 4.10 -33.29 -30.32
N ALA C 140 5.11 -33.72 -31.08
CA ALA C 140 5.18 -35.11 -31.51
C ALA C 140 5.25 -36.06 -30.32
N THR C 141 5.93 -35.66 -29.25
CA THR C 141 6.07 -36.53 -28.09
C THR C 141 4.73 -36.86 -27.45
N HIS C 142 3.69 -36.10 -27.78
CA HIS C 142 2.34 -36.33 -27.26
C HIS C 142 1.44 -37.02 -28.28
N ASN C 143 2.01 -37.76 -29.22
CA ASN C 143 1.25 -38.40 -30.27
C ASN C 143 0.15 -39.27 -29.67
N GLY C 144 -1.10 -39.00 -30.07
CA GLY C 144 -2.25 -39.79 -29.67
C GLY C 144 -3.05 -39.20 -28.53
N GLN C 145 -2.51 -38.26 -27.77
CA GLN C 145 -3.16 -37.76 -26.58
C GLN C 145 -4.01 -36.53 -26.87
N SER C 146 -4.90 -36.22 -25.94
CA SER C 146 -5.67 -34.99 -25.94
C SER C 146 -5.03 -34.01 -24.97
N ILE C 147 -4.70 -32.81 -25.46
CA ILE C 147 -3.90 -31.86 -24.68
C ILE C 147 -4.30 -30.44 -25.06
N ASP C 148 -4.01 -29.51 -24.14
CA ASP C 148 -4.13 -28.09 -24.41
C ASP C 148 -2.78 -27.58 -24.90
N ILE C 149 -2.75 -26.99 -26.09
CA ILE C 149 -1.49 -26.65 -26.74
C ILE C 149 -1.08 -25.23 -26.40
N SER C 150 -1.52 -24.74 -25.24
CA SER C 150 -1.21 -23.36 -24.85
C SER C 150 0.28 -23.18 -24.63
N PHE C 151 0.85 -23.89 -23.66
CA PHE C 151 2.25 -23.67 -23.29
C PHE C 151 3.21 -23.89 -24.45
N PRO C 152 3.16 -25.02 -25.18
CA PRO C 152 4.13 -25.19 -26.29
C PRO C 152 4.11 -24.06 -27.29
N VAL C 153 2.92 -23.57 -27.68
CA VAL C 153 2.85 -22.41 -28.55
C VAL C 153 3.43 -21.18 -27.86
N PHE C 154 3.12 -21.01 -26.57
CA PHE C 154 3.63 -19.87 -25.81
C PHE C 154 5.16 -19.85 -25.79
N VAL C 155 5.78 -21.02 -25.72
CA VAL C 155 7.24 -21.09 -25.71
C VAL C 155 7.79 -20.65 -27.06
N ALA C 156 7.21 -21.15 -28.15
CA ALA C 156 7.66 -20.80 -29.49
C ALA C 156 7.68 -19.29 -29.68
N VAL C 157 6.51 -18.66 -29.55
CA VAL C 157 6.42 -17.22 -29.80
C VAL C 157 7.17 -16.43 -28.74
N THR C 158 7.32 -16.99 -27.53
CA THR C 158 8.12 -16.31 -26.51
C THR C 158 9.58 -16.19 -26.96
N ASN C 159 10.15 -17.30 -27.46
CA ASN C 159 11.52 -17.25 -27.94
C ASN C 159 11.66 -16.34 -29.15
N VAL C 160 10.63 -16.30 -30.01
CA VAL C 160 10.70 -15.42 -31.18
C VAL C 160 10.83 -13.98 -30.74
N ILE C 161 9.99 -13.53 -29.81
CA ILE C 161 10.04 -12.13 -29.39
C ILE C 161 11.27 -11.89 -28.51
N SER C 162 11.68 -12.89 -27.74
CA SER C 162 12.88 -12.73 -26.91
C SER C 162 14.11 -12.53 -27.78
N LEU C 163 14.21 -13.26 -28.89
CA LEU C 163 15.32 -13.06 -29.81
C LEU C 163 15.26 -11.67 -30.45
N ILE C 164 14.07 -11.25 -30.86
CA ILE C 164 13.91 -9.90 -31.40
C ILE C 164 14.23 -8.85 -30.36
N CYS C 165 14.00 -9.16 -29.07
CA CYS C 165 14.19 -8.18 -28.01
C CYS C 165 15.60 -8.22 -27.42
N PHE C 166 16.16 -9.40 -27.19
CA PHE C 166 17.47 -9.51 -26.56
C PHE C 166 18.43 -10.46 -27.26
N ASN C 167 18.03 -11.09 -28.37
CA ASN C 167 18.83 -12.13 -29.01
C ASN C 167 19.13 -13.26 -28.03
N THR C 168 18.10 -13.71 -27.31
CA THR C 168 18.20 -14.87 -26.45
C THR C 168 16.89 -15.62 -26.48
N SER C 169 16.97 -16.93 -26.25
CA SER C 169 15.81 -17.79 -26.18
C SER C 169 15.96 -18.71 -24.97
N TYR C 170 14.96 -19.56 -24.76
CA TYR C 170 14.91 -20.43 -23.59
C TYR C 170 14.95 -21.88 -24.01
N LYS C 171 15.82 -22.67 -23.36
CA LYS C 171 15.80 -24.11 -23.55
C LYS C 171 14.47 -24.65 -23.03
N ASN C 172 13.90 -25.61 -23.75
CA ASN C 172 12.66 -26.22 -23.29
C ASN C 172 12.86 -26.79 -21.89
N GLY C 173 12.10 -26.25 -20.93
CA GLY C 173 12.22 -26.64 -19.54
C GLY C 173 12.79 -25.56 -18.65
N ASP C 174 13.32 -24.48 -19.22
CA ASP C 174 13.79 -23.37 -18.40
C ASP C 174 12.63 -22.85 -17.55
N PRO C 175 12.80 -22.71 -16.23
CA PRO C 175 11.68 -22.23 -15.40
C PRO C 175 11.27 -20.80 -15.68
N GLU C 176 12.14 -20.00 -16.31
CA GLU C 176 11.76 -18.63 -16.63
C GLU C 176 10.53 -18.59 -17.52
N LEU C 177 10.28 -19.66 -18.29
CA LEU C 177 9.11 -19.69 -19.16
C LEU C 177 7.82 -19.76 -18.34
N ASN C 178 7.82 -20.55 -17.26
CA ASN C 178 6.62 -20.63 -16.43
C ASN C 178 6.41 -19.33 -15.64
N VAL C 179 7.50 -18.67 -15.22
CA VAL C 179 7.37 -17.37 -14.57
C VAL C 179 6.69 -16.38 -15.51
N ILE C 180 7.22 -16.23 -16.72
CA ILE C 180 6.63 -15.32 -17.70
C ILE C 180 5.17 -15.69 -17.93
N GLN C 181 4.90 -16.97 -18.14
CA GLN C 181 3.53 -17.41 -18.43
C GLN C 181 2.59 -17.09 -17.28
N ASN C 182 3.08 -17.13 -16.04
CA ASN C 182 2.21 -16.94 -14.90
C ASN C 182 1.88 -15.47 -14.68
N TYR C 183 2.86 -14.57 -14.85
CA TYR C 183 2.57 -13.16 -14.62
C TYR C 183 1.89 -12.51 -15.81
N ASN C 184 2.13 -13.03 -17.01
CA ASN C 184 1.33 -12.62 -18.17
C ASN C 184 -0.15 -12.88 -17.91
N GLU C 185 -0.49 -14.13 -17.57
CA GLU C 185 -1.88 -14.47 -17.27
C GLU C 185 -2.39 -13.72 -16.05
N GLY C 186 -1.49 -13.35 -15.13
CA GLY C 186 -1.92 -12.62 -13.95
C GLY C 186 -2.24 -11.17 -14.26
N ILE C 187 -1.38 -10.50 -15.02
CA ILE C 187 -1.63 -9.12 -15.41
C ILE C 187 -2.89 -9.03 -16.28
N ILE C 188 -3.05 -9.97 -17.22
CA ILE C 188 -4.20 -9.92 -18.13
C ILE C 188 -5.49 -10.17 -17.36
N ASP C 189 -5.48 -11.10 -16.42
CA ASP C 189 -6.71 -11.49 -15.73
C ASP C 189 -7.16 -10.44 -14.72
N ASN C 190 -6.27 -9.56 -14.28
CA ASN C 190 -6.57 -8.57 -13.26
C ASN C 190 -6.57 -7.15 -13.81
N LEU C 191 -6.42 -6.97 -15.13
CA LEU C 191 -6.44 -5.64 -15.70
C LEU C 191 -7.87 -5.17 -15.98
N SER C 192 -8.77 -6.10 -16.27
CA SER C 192 -10.14 -5.76 -16.64
C SER C 192 -10.95 -7.05 -16.66
N LYS C 193 -12.27 -6.88 -16.69
CA LYS C 193 -13.21 -7.99 -16.84
C LYS C 193 -13.88 -7.97 -18.20
N ASP C 194 -13.53 -7.01 -19.06
CA ASP C 194 -13.98 -6.98 -20.44
C ASP C 194 -12.94 -6.20 -21.24
N SER C 195 -13.33 -5.58 -22.34
CA SER C 195 -12.41 -4.70 -23.04
C SER C 195 -12.28 -3.38 -22.27
N LEU C 196 -11.19 -2.67 -22.52
CA LEU C 196 -10.85 -1.50 -21.73
C LEU C 196 -11.80 -0.34 -22.05
N VAL C 197 -12.35 0.25 -20.99
CA VAL C 197 -13.18 1.45 -21.09
C VAL C 197 -12.96 2.28 -19.83
N ASP C 198 -12.62 3.55 -19.99
CA ASP C 198 -12.38 4.40 -18.83
C ASP C 198 -13.66 4.68 -18.04
N LEU C 199 -14.84 4.40 -18.61
CA LEU C 199 -16.08 4.52 -17.85
C LEU C 199 -16.06 3.61 -16.64
N VAL C 200 -15.63 2.37 -16.81
CA VAL C 200 -15.67 1.36 -15.76
C VAL C 200 -14.45 1.51 -14.87
N PRO C 201 -14.61 1.80 -13.57
CA PRO C 201 -13.45 1.83 -12.67
C PRO C 201 -13.07 0.42 -12.26
N TRP C 202 -12.15 -0.19 -13.00
CA TRP C 202 -11.95 -1.63 -12.94
C TRP C 202 -11.44 -2.09 -11.58
N LEU C 203 -10.61 -1.30 -10.91
CA LEU C 203 -9.99 -1.73 -9.66
C LEU C 203 -10.92 -1.61 -8.46
N LYS C 204 -12.11 -1.04 -8.62
CA LYS C 204 -12.97 -0.71 -7.49
C LYS C 204 -14.36 -1.29 -7.56
N ILE C 205 -14.69 -2.07 -8.61
CA ILE C 205 -16.08 -2.49 -8.78
C ILE C 205 -16.44 -3.73 -7.96
N PHE C 206 -15.45 -4.54 -7.56
CA PHE C 206 -15.73 -5.73 -6.78
C PHE C 206 -14.79 -5.83 -5.60
N PRO C 207 -15.20 -6.50 -4.52
CA PRO C 207 -14.28 -6.81 -3.40
C PRO C 207 -13.50 -8.10 -3.64
N ASN C 208 -12.45 -8.02 -4.45
CA ASN C 208 -11.69 -9.21 -4.80
C ASN C 208 -10.20 -8.94 -4.96
N LYS C 209 -9.67 -7.93 -4.27
CA LYS C 209 -8.22 -7.72 -4.17
C LYS C 209 -7.58 -7.55 -5.55
N THR C 210 -8.36 -7.03 -6.51
CA THR C 210 -7.85 -6.87 -7.88
C THR C 210 -6.57 -6.03 -7.89
N LEU C 211 -6.63 -4.84 -7.30
CA LEU C 211 -5.45 -3.96 -7.29
C LEU C 211 -4.25 -4.66 -6.68
N GLU C 212 -4.42 -5.27 -5.49
CA GLU C 212 -3.32 -5.99 -4.87
C GLU C 212 -2.78 -7.06 -5.80
N LYS C 213 -3.66 -7.86 -6.40
CA LYS C 213 -3.23 -8.94 -7.27
C LYS C 213 -2.51 -8.39 -8.50
N LEU C 214 -3.12 -7.43 -9.19
CA LEU C 214 -2.48 -6.83 -10.35
C LEU C 214 -1.08 -6.32 -10.01
N LYS C 215 -0.95 -5.65 -8.86
CA LYS C 215 0.34 -5.08 -8.49
C LYS C 215 1.41 -6.15 -8.32
N SER C 216 1.05 -7.27 -7.68
CA SER C 216 2.04 -8.31 -7.41
C SER C 216 2.59 -8.91 -8.70
N HIS C 217 1.77 -8.99 -9.74
CA HIS C 217 2.23 -9.54 -11.01
C HIS C 217 3.07 -8.53 -11.79
N VAL C 218 2.67 -7.25 -11.78
CA VAL C 218 3.50 -6.22 -12.39
C VAL C 218 4.86 -6.17 -11.72
N LYS C 219 4.92 -6.49 -10.43
CA LYS C 219 6.18 -6.45 -9.71
C LYS C 219 7.12 -7.55 -10.19
N ILE C 220 6.60 -8.75 -10.42
CA ILE C 220 7.42 -9.83 -10.97
C ILE C 220 7.86 -9.49 -12.38
N ARG C 221 6.95 -8.95 -13.20
CA ARG C 221 7.31 -8.51 -14.54
C ARG C 221 8.46 -7.52 -14.49
N ASN C 222 8.42 -6.58 -13.55
CA ASN C 222 9.40 -5.50 -13.53
C ASN C 222 10.74 -5.96 -12.97
N ASP C 223 10.72 -6.78 -11.91
CA ASP C 223 11.97 -7.28 -11.36
C ASP C 223 12.71 -8.16 -12.36
N LEU C 224 11.97 -8.85 -13.23
CA LEU C 224 12.59 -9.71 -14.22
C LEU C 224 13.18 -8.91 -15.38
N LEU C 225 12.44 -7.93 -15.88
CA LEU C 225 12.96 -7.09 -16.96
C LEU C 225 14.17 -6.29 -16.47
N ASN C 226 14.10 -5.76 -15.24
CA ASN C 226 15.24 -5.04 -14.67
C ASN C 226 16.44 -5.96 -14.53
N LYS C 227 16.21 -7.22 -14.19
CA LYS C 227 17.29 -8.20 -14.15
C LYS C 227 17.93 -8.34 -15.52
N ILE C 228 17.12 -8.44 -16.57
CA ILE C 228 17.65 -8.58 -17.91
C ILE C 228 18.40 -7.33 -18.33
N LEU C 229 17.83 -6.16 -18.06
CA LEU C 229 18.46 -4.91 -18.47
C LEU C 229 19.83 -4.73 -17.80
N GLU C 230 19.89 -4.93 -16.48
CA GLU C 230 21.15 -4.75 -15.76
C GLU C 230 22.24 -5.64 -16.33
N ASN C 231 21.94 -6.92 -16.53
CA ASN C 231 22.91 -7.83 -17.11
C ASN C 231 23.33 -7.37 -18.50
N TYR C 232 22.38 -6.91 -19.30
CA TYR C 232 22.68 -6.55 -20.68
C TYR C 232 23.56 -5.31 -20.80
N LYS C 233 23.69 -4.52 -19.72
CA LYS C 233 24.49 -3.31 -19.79
C LYS C 233 25.90 -3.57 -20.29
N GLU C 234 26.42 -4.78 -20.07
CA GLU C 234 27.78 -5.11 -20.47
C GLU C 234 27.84 -5.70 -21.88
N LYS C 235 26.89 -6.56 -22.23
CA LYS C 235 26.88 -7.14 -23.57
C LYS C 235 26.73 -6.08 -24.64
N PHE C 236 26.12 -4.96 -24.32
CA PHE C 236 25.80 -3.96 -25.34
C PHE C 236 27.07 -3.34 -25.92
N ARG C 237 27.06 -3.12 -27.22
CA ARG C 237 28.16 -2.44 -27.91
C ARG C 237 27.58 -1.63 -29.06
N SER C 238 27.96 -0.36 -29.15
CA SER C 238 27.39 0.54 -30.14
C SER C 238 27.49 -0.05 -31.54
N ASP C 239 28.60 -0.73 -31.85
CA ASP C 239 28.87 -1.23 -33.19
C ASP C 239 28.08 -2.48 -33.54
N SER C 240 26.98 -2.76 -32.86
CA SER C 240 26.20 -3.97 -33.16
C SER C 240 24.76 -3.84 -32.67
N ILE C 241 23.91 -3.21 -33.47
CA ILE C 241 22.49 -3.03 -33.14
C ILE C 241 21.73 -4.12 -33.88
N THR C 242 21.36 -5.19 -33.15
CA THR C 242 20.69 -6.33 -33.74
C THR C 242 19.34 -6.65 -33.11
N ASN C 243 18.93 -5.91 -32.08
CA ASN C 243 17.67 -6.21 -31.40
C ASN C 243 17.15 -4.93 -30.75
N MET C 244 15.97 -5.05 -30.14
CA MET C 244 15.24 -3.87 -29.67
C MET C 244 15.97 -3.17 -28.55
N LEU C 245 16.45 -3.92 -27.56
CA LEU C 245 17.17 -3.31 -26.45
C LEU C 245 18.43 -2.62 -26.91
N ASP C 246 19.08 -3.14 -27.96
CA ASP C 246 20.21 -2.44 -28.56
C ASP C 246 19.76 -1.10 -29.15
N THR C 247 18.71 -1.13 -29.97
CA THR C 247 18.19 0.11 -30.54
C THR C 247 17.90 1.15 -29.46
N LEU C 248 17.27 0.73 -28.37
CA LEU C 248 16.88 1.69 -27.34
C LEU C 248 18.08 2.22 -26.58
N MET C 249 19.07 1.35 -26.29
CA MET C 249 20.26 1.81 -25.59
C MET C 249 21.09 2.74 -26.47
N GLN C 250 21.31 2.37 -27.73
CA GLN C 250 22.02 3.24 -28.65
C GLN C 250 21.31 4.59 -28.78
N ALA C 251 19.98 4.57 -28.86
CA ALA C 251 19.23 5.82 -28.89
C ALA C 251 19.52 6.67 -27.66
N LYS C 252 19.56 6.04 -26.48
CA LYS C 252 19.92 6.77 -25.26
C LYS C 252 21.34 7.30 -25.34
N MET C 253 22.24 6.58 -25.98
CA MET C 253 23.64 7.01 -26.06
C MET C 253 23.76 8.25 -26.95
N ASN C 254 23.24 8.17 -28.17
CA ASN C 254 23.35 9.29 -29.11
C ASN C 254 22.62 10.54 -28.60
N SER C 255 21.68 10.38 -27.67
CA SER C 255 20.99 11.55 -27.12
C SER C 255 21.77 12.21 -26.00
N ASP C 256 22.78 11.52 -25.44
CA ASP C 256 23.67 12.11 -24.45
C ASP C 256 25.08 12.17 -25.02
N ASN C 257 25.23 12.76 -26.20
CA ASN C 257 26.46 12.62 -26.97
C ASN C 257 26.88 13.91 -27.66
N GLY C 258 26.08 14.36 -28.63
CA GLY C 258 26.40 15.53 -29.43
C GLY C 258 26.98 16.69 -28.64
N ASN C 259 27.81 17.50 -29.29
CA ASN C 259 28.41 18.64 -28.62
C ASN C 259 27.41 19.73 -28.28
N ALA C 260 26.20 19.69 -28.84
CA ALA C 260 25.18 20.64 -28.46
C ALA C 260 24.55 20.31 -27.11
N GLY C 261 25.10 19.33 -26.40
CA GLY C 261 24.57 18.91 -25.12
C GLY C 261 23.46 17.89 -25.26
N PRO C 262 22.86 17.49 -24.14
CA PRO C 262 21.75 16.55 -24.20
C PRO C 262 20.57 17.13 -24.98
N ASP C 263 19.91 16.28 -25.75
CA ASP C 263 18.78 16.71 -26.54
C ASP C 263 17.46 16.33 -25.86
N GLN C 264 16.35 16.55 -26.56
CA GLN C 264 15.03 16.32 -26.00
C GLN C 264 14.80 14.84 -25.70
N ASP C 265 15.41 13.94 -26.48
CA ASP C 265 15.14 12.51 -26.36
C ASP C 265 15.84 11.85 -25.17
N SER C 266 16.64 12.60 -24.41
CA SER C 266 17.45 11.97 -23.37
C SER C 266 16.58 11.46 -22.22
N GLU C 267 15.68 12.31 -21.72
CA GLU C 267 14.87 11.93 -20.58
C GLU C 267 13.73 10.99 -20.96
N LEU C 268 13.36 10.94 -22.23
CA LEU C 268 12.39 9.95 -22.71
C LEU C 268 12.99 8.56 -22.82
N LEU C 269 14.26 8.38 -22.45
CA LEU C 269 14.97 7.12 -22.63
C LEU C 269 15.61 6.66 -21.33
N SER C 270 15.03 7.02 -20.19
CA SER C 270 15.48 6.48 -18.92
C SER C 270 15.38 4.96 -18.93
N ASP C 271 15.97 4.33 -17.91
CA ASP C 271 15.86 2.88 -17.79
C ASP C 271 14.41 2.44 -17.65
N ASN C 272 13.61 3.20 -16.89
CA ASN C 272 12.21 2.84 -16.72
C ASN C 272 11.44 2.94 -18.04
N HIS C 273 11.74 3.96 -18.85
CA HIS C 273 11.12 4.06 -20.17
C HIS C 273 11.49 2.86 -21.03
N ILE C 274 12.78 2.53 -21.08
CA ILE C 274 13.23 1.38 -21.87
C ILE C 274 12.55 0.11 -21.37
N LEU C 275 12.53 -0.08 -20.05
CA LEU C 275 11.92 -1.29 -19.49
C LEU C 275 10.46 -1.41 -19.89
N THR C 276 9.73 -0.29 -19.91
CA THR C 276 8.31 -0.36 -20.21
C THR C 276 8.06 -0.64 -21.69
N THR C 277 8.86 -0.04 -22.58
CA THR C 277 8.71 -0.32 -24.00
C THR C 277 9.00 -1.78 -24.30
N ILE C 278 10.14 -2.29 -23.80
CA ILE C 278 10.46 -3.70 -23.97
C ILE C 278 9.32 -4.58 -23.49
N GLY C 279 8.81 -4.30 -22.28
CA GLY C 279 7.71 -5.08 -21.75
C GLY C 279 6.48 -5.06 -22.63
N ASP C 280 6.11 -3.87 -23.12
CA ASP C 280 4.99 -3.76 -24.04
C ASP C 280 5.18 -4.70 -25.23
N ILE C 281 6.36 -4.63 -25.87
CA ILE C 281 6.64 -5.46 -27.03
C ILE C 281 6.63 -6.93 -26.65
N PHE C 282 7.33 -7.27 -25.56
CA PHE C 282 7.42 -8.66 -25.14
C PHE C 282 6.05 -9.23 -24.76
N GLY C 283 5.16 -8.39 -24.23
CA GLY C 283 3.84 -8.84 -23.87
C GLY C 283 2.91 -8.97 -25.06
N ALA C 284 2.98 -7.98 -25.96
CA ALA C 284 2.14 -8.05 -27.16
C ALA C 284 2.58 -9.18 -28.07
N GLY C 285 3.89 -9.42 -28.18
CA GLY C 285 4.38 -10.46 -29.06
C GLY C 285 3.91 -11.85 -28.68
N VAL C 286 3.66 -12.07 -27.39
CA VAL C 286 3.33 -13.41 -26.91
C VAL C 286 1.82 -13.62 -26.86
N GLU C 287 1.08 -12.70 -26.23
CA GLU C 287 -0.30 -12.97 -25.88
C GLU C 287 -1.25 -12.80 -27.07
N THR C 288 -0.92 -11.94 -28.03
CA THR C 288 -1.78 -11.79 -29.20
C THR C 288 -1.67 -13.00 -30.12
N THR C 289 -0.45 -13.33 -30.55
CA THR C 289 -0.27 -14.42 -31.49
C THR C 289 -0.72 -15.75 -30.90
N THR C 290 -0.35 -16.04 -29.64
CA THR C 290 -0.83 -17.24 -28.99
C THR C 290 -2.35 -17.32 -29.04
N SER C 291 -3.02 -16.21 -28.76
CA SER C 291 -4.49 -16.19 -28.74
C SER C 291 -5.05 -16.49 -30.12
N VAL C 292 -4.53 -15.83 -31.16
CA VAL C 292 -5.05 -16.04 -32.51
C VAL C 292 -4.90 -17.50 -32.91
N VAL C 293 -3.71 -18.08 -32.67
CA VAL C 293 -3.49 -19.48 -32.99
C VAL C 293 -4.55 -20.35 -32.33
N LYS C 294 -4.74 -20.17 -31.02
CA LYS C 294 -5.74 -20.97 -30.30
C LYS C 294 -7.13 -20.76 -30.88
N TRP C 295 -7.47 -19.53 -31.25
CA TRP C 295 -8.77 -19.29 -31.88
C TRP C 295 -8.89 -20.03 -33.20
N THR C 296 -7.82 -20.04 -33.99
CA THR C 296 -7.88 -20.68 -35.30
C THR C 296 -8.08 -22.19 -35.17
N LEU C 297 -7.40 -22.82 -34.20
CA LEU C 297 -7.63 -24.24 -33.96
C LEU C 297 -9.05 -24.47 -33.46
N ALA C 298 -9.57 -23.56 -32.64
CA ALA C 298 -10.93 -23.70 -32.15
C ALA C 298 -11.93 -23.73 -33.30
N PHE C 299 -11.69 -22.90 -34.33
CA PHE C 299 -12.61 -22.85 -35.46
C PHE C 299 -12.45 -24.06 -36.37
N LEU C 300 -11.21 -24.54 -36.56
CA LEU C 300 -11.01 -25.70 -37.43
C LEU C 300 -11.58 -26.97 -36.79
N LEU C 301 -11.53 -27.09 -35.47
CA LEU C 301 -12.22 -28.19 -34.80
C LEU C 301 -13.73 -28.07 -34.96
N HIS C 302 -14.24 -26.88 -35.30
CA HIS C 302 -15.66 -26.68 -35.53
C HIS C 302 -16.05 -26.80 -37.00
N ASN C 303 -15.09 -26.66 -37.91
CA ASN C 303 -15.36 -26.68 -39.35
C ASN C 303 -14.42 -27.68 -40.01
N PRO C 304 -14.65 -28.97 -39.78
CA PRO C 304 -13.77 -29.98 -40.39
C PRO C 304 -13.80 -29.95 -41.91
N GLN C 305 -14.88 -29.41 -42.49
CA GLN C 305 -14.90 -29.20 -43.93
C GLN C 305 -13.77 -28.28 -44.37
N VAL C 306 -13.55 -27.20 -43.63
CA VAL C 306 -12.47 -26.27 -43.97
C VAL C 306 -11.12 -26.85 -43.59
N LYS C 307 -11.07 -27.63 -42.51
CA LYS C 307 -9.82 -28.30 -42.15
C LYS C 307 -9.43 -29.31 -43.22
N LYS C 308 -10.40 -29.87 -43.94
CA LYS C 308 -10.12 -30.84 -45.00
C LYS C 308 -9.59 -30.13 -46.25
N LYS C 309 -10.25 -29.06 -46.67
CA LYS C 309 -9.73 -28.26 -47.77
C LYS C 309 -8.31 -27.80 -47.50
N LEU C 310 -7.97 -27.54 -46.24
CA LEU C 310 -6.66 -27.01 -45.91
C LEU C 310 -5.57 -28.08 -46.01
N TYR C 311 -5.86 -29.29 -45.51
CA TYR C 311 -4.88 -30.37 -45.64
C TYR C 311 -4.54 -30.63 -47.11
N GLU C 312 -5.55 -30.60 -47.98
CA GLU C 312 -5.31 -30.80 -49.41
C GLU C 312 -4.45 -29.69 -49.99
N GLU C 313 -4.70 -28.45 -49.58
CA GLU C 313 -3.96 -27.32 -50.13
C GLU C 313 -2.47 -27.43 -49.82
N ILE C 314 -2.13 -27.67 -48.55
CA ILE C 314 -0.72 -27.69 -48.16
C ILE C 314 -0.01 -28.88 -48.80
N ASP C 315 -0.67 -30.01 -48.91
CA ASP C 315 -0.04 -31.19 -49.52
C ASP C 315 0.12 -31.00 -51.02
N GLN C 316 -0.78 -30.28 -51.67
CA GLN C 316 -0.67 -30.04 -53.10
C GLN C 316 0.41 -29.02 -53.42
N ASN C 317 0.54 -27.98 -52.60
CA ASN C 317 1.44 -26.88 -52.88
C ASN C 317 2.76 -26.94 -52.12
N VAL C 318 2.81 -27.62 -50.99
CA VAL C 318 4.03 -27.77 -50.21
C VAL C 318 4.52 -29.21 -50.19
N GLY C 319 3.61 -30.17 -49.99
CA GLY C 319 4.01 -31.55 -49.91
C GLY C 319 4.71 -31.86 -48.60
N PHE C 320 5.75 -32.68 -48.67
CA PHE C 320 6.47 -33.10 -47.47
C PHE C 320 7.99 -33.11 -47.64
N SER C 321 8.52 -32.88 -48.84
CA SER C 321 9.96 -32.84 -49.02
C SER C 321 10.59 -31.61 -48.39
N ARG C 322 9.80 -30.64 -47.93
CA ARG C 322 10.33 -29.45 -47.30
C ARG C 322 9.30 -28.90 -46.33
N THR C 323 9.75 -27.98 -45.45
CA THR C 323 8.87 -27.31 -44.51
C THR C 323 8.35 -26.01 -45.11
N PRO C 324 7.17 -25.55 -44.71
CA PRO C 324 6.63 -24.31 -45.26
C PRO C 324 7.57 -23.12 -45.04
N THR C 325 7.58 -22.23 -46.02
CA THR C 325 8.30 -20.97 -45.95
C THR C 325 7.32 -19.82 -46.12
N ILE C 326 7.79 -18.60 -45.88
CA ILE C 326 6.93 -17.44 -46.00
C ILE C 326 6.49 -17.22 -47.45
N SER C 327 7.24 -17.74 -48.42
CA SER C 327 6.84 -17.61 -49.82
C SER C 327 5.58 -18.41 -50.13
N ASP C 328 5.25 -19.42 -49.32
CA ASP C 328 4.04 -20.20 -49.54
C ASP C 328 2.76 -19.43 -49.25
N ARG C 329 2.88 -18.17 -48.80
CA ARG C 329 1.69 -17.32 -48.70
C ARG C 329 1.00 -17.18 -50.05
N ASN C 330 1.77 -17.14 -51.13
CA ASN C 330 1.23 -16.98 -52.47
C ASN C 330 0.60 -18.25 -53.02
N ARG C 331 0.60 -19.34 -52.26
CA ARG C 331 0.03 -20.61 -52.72
C ARG C 331 -0.86 -21.28 -51.69
N LEU C 332 -0.79 -20.92 -50.41
CA LEU C 332 -1.74 -21.40 -49.41
C LEU C 332 -2.80 -20.35 -49.14
N LEU C 333 -3.57 -20.05 -50.20
CA LEU C 333 -4.55 -18.97 -50.13
C LEU C 333 -5.59 -19.25 -49.06
N LEU C 334 -6.17 -20.45 -49.06
CA LEU C 334 -7.24 -20.75 -48.10
C LEU C 334 -6.74 -20.65 -46.66
N LEU C 335 -5.44 -20.87 -46.45
CA LEU C 335 -4.89 -20.70 -45.10
C LEU C 335 -4.82 -19.23 -44.73
N GLU C 336 -4.24 -18.41 -45.62
CA GLU C 336 -4.24 -16.97 -45.40
C GLU C 336 -5.67 -16.45 -45.26
N ALA C 337 -6.62 -17.03 -45.99
CA ALA C 337 -8.01 -16.61 -45.87
C ALA C 337 -8.62 -17.08 -44.57
N THR C 338 -8.23 -18.26 -44.09
CA THR C 338 -8.66 -18.71 -42.78
C THR C 338 -8.19 -17.76 -41.68
N ILE C 339 -6.96 -17.26 -41.80
CA ILE C 339 -6.43 -16.36 -40.78
C ILE C 339 -7.12 -15.00 -40.86
N ARG C 340 -7.38 -14.51 -42.07
CA ARG C 340 -8.15 -13.28 -42.21
C ARG C 340 -9.52 -13.41 -41.56
N GLU C 341 -10.13 -14.59 -41.67
CA GLU C 341 -11.48 -14.79 -41.16
C GLU C 341 -11.50 -14.90 -39.64
N VAL C 342 -10.47 -15.52 -39.06
CA VAL C 342 -10.39 -15.60 -37.61
C VAL C 342 -10.16 -14.21 -37.02
N LEU C 343 -9.36 -13.38 -37.70
CA LEU C 343 -9.17 -12.01 -37.26
C LEU C 343 -10.41 -11.15 -37.51
N ARG C 344 -11.28 -11.57 -38.43
CA ARG C 344 -12.56 -10.88 -38.62
C ARG C 344 -13.57 -11.29 -37.55
N LEU C 345 -13.72 -12.59 -37.33
CA LEU C 345 -14.79 -13.08 -36.47
C LEU C 345 -14.49 -12.85 -35.00
N ARG C 346 -13.25 -13.12 -34.58
CA ARG C 346 -12.83 -12.98 -33.19
C ARG C 346 -11.59 -12.10 -33.13
N PRO C 347 -11.75 -10.80 -33.36
CA PRO C 347 -10.58 -9.91 -33.40
C PRO C 347 -9.82 -9.90 -32.08
N VAL C 348 -8.50 -9.76 -32.19
CA VAL C 348 -7.63 -9.69 -31.02
C VAL C 348 -8.05 -8.55 -30.10
N ALA C 349 -8.53 -7.45 -30.68
CA ALA C 349 -8.94 -6.27 -29.92
C ALA C 349 -10.32 -5.84 -30.41
N PRO C 350 -11.38 -6.48 -29.91
CA PRO C 350 -12.73 -6.18 -30.43
C PRO C 350 -13.16 -4.74 -30.24
N MET C 351 -12.51 -3.99 -29.35
CA MET C 351 -12.76 -2.56 -29.20
C MET C 351 -11.46 -1.78 -29.34
N LEU C 352 -10.51 -2.32 -30.10
CA LEU C 352 -9.19 -1.72 -30.22
C LEU C 352 -8.64 -1.39 -28.84
N ILE C 353 -7.93 -0.27 -28.73
CA ILE C 353 -7.52 0.28 -27.44
C ILE C 353 -8.06 1.70 -27.38
N PRO C 354 -8.80 2.06 -26.32
CA PRO C 354 -9.50 3.35 -26.34
C PRO C 354 -8.62 4.50 -26.82
N HIS C 355 -9.22 5.37 -27.63
CA HIS C 355 -8.59 6.59 -28.09
C HIS C 355 -9.04 7.78 -27.26
N LYS C 356 -8.43 8.93 -27.51
CA LYS C 356 -8.79 10.16 -26.81
C LYS C 356 -8.61 11.33 -27.76
N ALA C 357 -9.57 12.25 -27.74
CA ALA C 357 -9.49 13.48 -28.54
C ALA C 357 -8.50 14.44 -27.89
N ASN C 358 -7.39 14.72 -28.59
CA ASN C 358 -6.40 15.66 -28.09
C ASN C 358 -6.84 17.11 -28.28
N VAL C 359 -7.75 17.36 -29.20
CA VAL C 359 -8.29 18.69 -29.46
C VAL C 359 -9.79 18.55 -29.70
N ASP C 360 -10.51 19.65 -29.48
CA ASP C 360 -11.89 19.71 -29.93
C ASP C 360 -11.93 19.38 -31.42
N SER C 361 -12.88 18.54 -31.80
CA SER C 361 -12.89 17.98 -33.14
C SER C 361 -14.32 17.55 -33.47
N SER C 362 -14.46 16.63 -34.41
CA SER C 362 -15.78 16.10 -34.75
C SER C 362 -15.62 14.74 -35.38
N ILE C 363 -16.70 13.97 -35.33
CA ILE C 363 -16.78 12.63 -35.91
C ILE C 363 -18.10 12.61 -36.67
N GLY C 364 -18.06 12.82 -37.98
CA GLY C 364 -19.29 12.91 -38.74
C GLY C 364 -20.00 14.22 -38.46
N GLU C 365 -21.28 14.12 -38.07
CA GLU C 365 -22.08 15.30 -37.81
C GLU C 365 -21.76 15.97 -36.48
N PHE C 366 -21.08 15.28 -35.58
CA PHE C 366 -21.14 15.59 -34.16
C PHE C 366 -19.84 16.17 -33.65
N ALA C 367 -19.96 17.15 -32.75
CA ALA C 367 -18.81 17.70 -32.06
C ALA C 367 -18.32 16.72 -30.99
N VAL C 368 -17.01 16.68 -30.81
CA VAL C 368 -16.39 15.86 -29.77
C VAL C 368 -15.41 16.75 -29.03
N ASP C 369 -15.68 16.99 -27.74
CA ASP C 369 -14.86 17.91 -26.97
C ASP C 369 -13.50 17.29 -26.67
N LYS C 370 -12.51 18.15 -26.52
CA LYS C 370 -11.17 17.72 -26.14
C LYS C 370 -11.26 16.82 -24.92
N GLY C 371 -10.34 15.84 -24.84
CA GLY C 371 -10.30 14.92 -23.73
C GLY C 371 -11.37 13.86 -23.73
N THR C 372 -12.27 13.86 -24.72
CA THR C 372 -13.30 12.83 -24.79
C THR C 372 -12.68 11.50 -25.17
N GLU C 373 -13.07 10.45 -24.44
CA GLU C 373 -12.66 9.09 -24.77
C GLU C 373 -13.45 8.59 -25.97
N VAL C 374 -12.75 8.01 -26.94
CA VAL C 374 -13.37 7.51 -28.16
C VAL C 374 -13.00 6.04 -28.32
N ILE C 375 -14.00 5.20 -28.54
CA ILE C 375 -13.81 3.76 -28.67
C ILE C 375 -14.37 3.31 -30.00
N ILE C 376 -13.54 2.65 -30.80
CA ILE C 376 -13.99 2.03 -32.04
C ILE C 376 -14.48 0.63 -31.70
N ASN C 377 -15.76 0.37 -31.93
CA ASN C 377 -16.31 -0.97 -31.77
C ASN C 377 -15.96 -1.76 -33.02
N LEU C 378 -14.72 -2.25 -33.07
CA LEU C 378 -14.28 -3.01 -34.23
C LEU C 378 -15.13 -4.24 -34.46
N TRP C 379 -15.66 -4.83 -33.38
CA TRP C 379 -16.59 -5.94 -33.52
C TRP C 379 -17.79 -5.55 -34.39
N ALA C 380 -18.27 -4.32 -34.22
CA ALA C 380 -19.42 -3.86 -34.99
C ALA C 380 -19.06 -3.64 -36.45
N LEU C 381 -17.83 -3.18 -36.72
CA LEU C 381 -17.41 -3.04 -38.11
C LEU C 381 -17.35 -4.40 -38.80
N HIS C 382 -16.97 -5.45 -38.07
CA HIS C 382 -16.78 -6.77 -38.64
C HIS C 382 -18.08 -7.57 -38.74
N HIS C 383 -19.15 -7.12 -38.11
CA HIS C 383 -20.43 -7.83 -38.17
C HIS C 383 -21.55 -6.99 -38.76
N ASN C 384 -21.24 -5.80 -39.28
CA ASN C 384 -22.23 -5.04 -40.03
C ASN C 384 -22.75 -5.88 -41.19
N GLU C 385 -24.07 -6.11 -41.24
CA GLU C 385 -24.64 -7.00 -42.23
C GLU C 385 -24.89 -6.33 -43.57
N LYS C 386 -24.95 -5.00 -43.61
CA LYS C 386 -24.92 -4.31 -44.90
C LYS C 386 -23.53 -4.37 -45.53
N GLU C 387 -22.51 -4.71 -44.75
CA GLU C 387 -21.13 -4.74 -45.22
C GLU C 387 -20.52 -6.15 -45.28
N TRP C 388 -21.21 -7.16 -44.74
CA TRP C 388 -20.69 -8.51 -44.73
C TRP C 388 -21.82 -9.48 -45.08
N HIS C 389 -21.46 -10.58 -45.73
CA HIS C 389 -22.39 -11.65 -46.01
C HIS C 389 -22.27 -12.71 -44.92
N GLN C 390 -23.34 -12.89 -44.15
CA GLN C 390 -23.35 -13.87 -43.07
C GLN C 390 -22.21 -13.61 -42.09
N PRO C 391 -22.16 -12.43 -41.47
CA PRO C 391 -21.05 -12.15 -40.54
C PRO C 391 -21.00 -13.10 -39.36
N ASP C 392 -22.12 -13.75 -39.01
CA ASP C 392 -22.12 -14.70 -37.92
C ASP C 392 -21.41 -16.00 -38.25
N GLN C 393 -21.07 -16.23 -39.51
CA GLN C 393 -20.56 -17.53 -39.96
C GLN C 393 -19.07 -17.46 -40.26
N PHE C 394 -18.39 -18.59 -40.03
CA PHE C 394 -16.98 -18.75 -40.34
C PHE C 394 -16.87 -19.19 -41.80
N MET C 395 -16.63 -18.24 -42.70
CA MET C 395 -16.54 -18.50 -44.13
C MET C 395 -15.20 -18.00 -44.65
N PRO C 396 -14.14 -18.81 -44.57
CA PRO C 396 -12.86 -18.38 -45.17
C PRO C 396 -12.98 -18.07 -46.65
N GLU C 397 -13.86 -18.77 -47.38
CA GLU C 397 -14.05 -18.50 -48.79
C GLU C 397 -14.47 -17.07 -49.05
N ARG C 398 -14.94 -16.38 -48.01
CA ARG C 398 -15.31 -14.98 -48.11
C ARG C 398 -14.18 -14.12 -48.66
N PHE C 399 -12.93 -14.46 -48.35
CA PHE C 399 -11.78 -13.66 -48.76
C PHE C 399 -11.15 -14.15 -50.05
N LEU C 400 -11.80 -15.06 -50.77
CA LEU C 400 -11.29 -15.60 -52.02
C LEU C 400 -12.25 -15.28 -53.16
N ASN C 401 -11.68 -15.18 -54.37
CA ASN C 401 -12.50 -15.08 -55.56
C ASN C 401 -13.18 -16.42 -55.81
N PRO C 402 -14.18 -16.46 -56.69
CA PRO C 402 -14.95 -17.71 -56.83
C PRO C 402 -14.12 -18.90 -57.22
N ALA C 403 -13.09 -18.71 -58.05
CA ALA C 403 -12.25 -19.82 -58.47
C ALA C 403 -11.31 -20.29 -57.37
N GLY C 404 -11.04 -19.45 -56.37
CA GLY C 404 -10.12 -19.79 -55.32
C GLY C 404 -8.66 -19.59 -55.66
N THR C 405 -8.37 -18.71 -56.62
CA THR C 405 -7.00 -18.51 -57.10
C THR C 405 -6.40 -17.18 -56.67
N GLN C 406 -7.14 -16.34 -55.94
CA GLN C 406 -6.53 -15.14 -55.38
C GLN C 406 -7.41 -14.62 -54.25
N LEU C 407 -6.78 -13.89 -53.34
CA LEU C 407 -7.48 -13.26 -52.23
C LEU C 407 -8.15 -11.98 -52.68
N ILE C 408 -9.26 -11.62 -52.01
CA ILE C 408 -9.99 -10.40 -52.30
C ILE C 408 -10.31 -9.72 -50.98
N SER C 409 -10.60 -8.41 -51.08
CA SER C 409 -11.08 -7.65 -49.94
C SER C 409 -12.60 -7.55 -50.02
N PRO C 410 -13.33 -8.51 -49.45
CA PRO C 410 -14.79 -8.50 -49.60
C PRO C 410 -15.45 -7.26 -49.05
N SER C 411 -14.78 -6.50 -48.17
CA SER C 411 -15.42 -5.36 -47.55
C SER C 411 -14.36 -4.36 -47.11
N VAL C 412 -14.79 -3.10 -47.00
CA VAL C 412 -13.95 -2.06 -46.41
C VAL C 412 -14.17 -1.92 -44.90
N SER C 413 -15.18 -2.60 -44.35
CA SER C 413 -15.41 -2.63 -42.91
C SER C 413 -14.57 -3.71 -42.24
N TYR C 414 -13.26 -3.65 -42.48
CA TYR C 414 -12.32 -4.67 -42.02
C TYR C 414 -11.04 -3.97 -41.60
N LEU C 415 -10.71 -4.04 -40.31
CA LEU C 415 -9.51 -3.39 -39.77
C LEU C 415 -8.95 -4.22 -38.62
N PRO C 416 -8.48 -5.42 -38.92
CA PRO C 416 -7.94 -6.28 -37.83
C PRO C 416 -6.80 -5.65 -37.05
N PHE C 417 -5.95 -4.86 -37.71
CA PHE C 417 -4.81 -4.25 -37.05
C PHE C 417 -4.95 -2.74 -36.88
N GLY C 418 -6.19 -2.23 -36.88
CA GLY C 418 -6.40 -0.82 -36.75
C GLY C 418 -5.91 -0.05 -37.97
N ALA C 419 -5.75 1.25 -37.79
CA ALA C 419 -5.28 2.12 -38.86
C ALA C 419 -4.84 3.44 -38.27
N GLY C 420 -3.89 4.09 -38.94
CA GLY C 420 -3.49 5.43 -38.58
C GLY C 420 -2.40 5.50 -37.54
N PRO C 421 -2.30 6.64 -36.86
CA PRO C 421 -1.16 6.86 -35.96
C PRO C 421 -1.01 5.80 -34.89
N ARG C 422 -2.09 5.12 -34.51
CA ARG C 422 -2.09 4.18 -33.39
C ARG C 422 -2.23 2.73 -33.86
N SER C 423 -1.95 2.45 -35.13
CA SER C 423 -2.13 1.11 -35.66
C SER C 423 -1.07 0.17 -35.11
N CYS C 424 -1.31 -1.13 -35.30
CA CYS C 424 -0.39 -2.15 -34.80
C CYS C 424 0.98 -1.99 -35.43
N ILE C 425 2.01 -1.99 -34.58
CA ILE C 425 3.40 -1.99 -35.06
C ILE C 425 3.95 -3.41 -35.25
N GLY C 426 3.16 -4.44 -34.93
CA GLY C 426 3.60 -5.81 -35.04
C GLY C 426 2.81 -6.61 -36.06
N GLU C 427 2.22 -5.94 -37.04
CA GLU C 427 1.41 -6.63 -38.04
C GLU C 427 2.26 -7.59 -38.86
N ILE C 428 3.43 -7.14 -39.31
CA ILE C 428 4.32 -8.02 -40.09
C ILE C 428 4.68 -9.25 -39.28
N LEU C 429 5.27 -9.05 -38.10
CA LEU C 429 5.64 -10.16 -37.24
C LEU C 429 4.46 -11.10 -37.01
N ALA C 430 3.26 -10.54 -36.78
CA ALA C 430 2.10 -11.35 -36.46
C ALA C 430 1.69 -12.21 -37.66
N ARG C 431 1.56 -11.59 -38.83
CA ARG C 431 1.09 -12.33 -40.00
C ARG C 431 2.04 -13.48 -40.34
N GLN C 432 3.34 -13.27 -40.18
CA GLN C 432 4.28 -14.34 -40.46
C GLN C 432 4.15 -15.47 -39.45
N GLU C 433 4.26 -15.14 -38.15
CA GLU C 433 4.09 -16.15 -37.11
C GLU C 433 2.83 -16.98 -37.34
N LEU C 434 1.69 -16.30 -37.47
CA LEU C 434 0.42 -17.01 -37.59
C LEU C 434 0.40 -17.94 -38.80
N PHE C 435 0.93 -17.46 -39.94
CA PHE C 435 0.92 -18.29 -41.14
C PHE C 435 1.80 -19.53 -40.96
N LEU C 436 3.04 -19.34 -40.51
CA LEU C 436 3.97 -20.45 -40.39
C LEU C 436 3.51 -21.45 -39.33
N ILE C 437 3.08 -20.95 -38.16
CA ILE C 437 2.65 -21.85 -37.10
C ILE C 437 1.51 -22.75 -37.58
N MET C 438 0.60 -22.20 -38.38
CA MET C 438 -0.53 -22.99 -38.85
C MET C 438 -0.13 -23.90 -40.00
N ALA C 439 0.75 -23.44 -40.88
CA ALA C 439 1.19 -24.27 -42.00
C ALA C 439 1.97 -25.49 -41.50
N TRP C 440 2.91 -25.26 -40.57
CA TRP C 440 3.71 -26.36 -40.05
C TRP C 440 2.86 -27.40 -39.33
N LEU C 441 1.88 -26.94 -38.55
CA LEU C 441 1.07 -27.88 -37.77
C LEU C 441 0.13 -28.68 -38.66
N LEU C 442 -0.46 -28.04 -39.67
CA LEU C 442 -1.34 -28.76 -40.58
C LEU C 442 -0.55 -29.72 -41.47
N GLN C 443 0.69 -29.38 -41.79
CA GLN C 443 1.52 -30.29 -42.56
C GLN C 443 1.72 -31.61 -41.85
N ARG C 444 1.95 -31.57 -40.53
CA ARG C 444 2.43 -32.74 -39.80
C ARG C 444 1.39 -33.42 -38.92
N PHE C 445 0.40 -32.69 -38.42
CA PHE C 445 -0.46 -33.20 -37.36
C PHE C 445 -1.92 -33.27 -37.77
N ASP C 446 -2.56 -34.39 -37.43
CA ASP C 446 -4.01 -34.46 -37.40
C ASP C 446 -4.49 -33.84 -36.09
N LEU C 447 -5.45 -32.93 -36.20
CA LEU C 447 -5.97 -32.18 -35.05
C LEU C 447 -7.47 -32.41 -34.98
N GLU C 448 -7.92 -33.06 -33.92
CA GLU C 448 -9.29 -33.55 -33.85
C GLU C 448 -9.88 -33.25 -32.47
N VAL C 449 -11.21 -33.28 -32.42
CA VAL C 449 -11.93 -33.20 -31.14
C VAL C 449 -11.42 -34.31 -30.25
N PRO C 450 -11.14 -34.05 -28.97
CA PRO C 450 -10.71 -35.13 -28.08
C PRO C 450 -11.77 -36.22 -28.01
N ASP C 451 -11.32 -37.46 -27.77
CA ASP C 451 -12.24 -38.57 -27.69
C ASP C 451 -13.28 -38.39 -26.59
N ASP C 452 -13.02 -37.51 -25.61
CA ASP C 452 -14.04 -37.20 -24.61
C ASP C 452 -15.18 -36.34 -25.17
N GLY C 453 -15.17 -36.04 -26.47
CA GLY C 453 -16.34 -35.55 -27.17
C GLY C 453 -16.53 -34.04 -27.17
N GLN C 454 -15.85 -33.30 -26.30
CA GLN C 454 -16.17 -31.89 -26.11
C GLN C 454 -15.44 -31.02 -27.12
N LEU C 455 -16.19 -30.11 -27.75
CA LEU C 455 -15.66 -29.10 -28.65
C LEU C 455 -15.28 -27.84 -27.87
N PRO C 456 -14.38 -27.03 -28.40
CA PRO C 456 -14.03 -25.79 -27.71
C PRO C 456 -15.17 -24.78 -27.79
N SER C 457 -15.26 -23.95 -26.76
CA SER C 457 -16.27 -22.90 -26.71
C SER C 457 -15.76 -21.67 -27.44
N LEU C 458 -16.54 -21.19 -28.40
CA LEU C 458 -16.22 -19.97 -29.14
C LEU C 458 -16.83 -18.74 -28.50
N GLU C 459 -17.34 -18.85 -27.27
CA GLU C 459 -17.91 -17.70 -26.57
C GLU C 459 -16.87 -16.61 -26.40
N GLY C 460 -15.72 -16.95 -25.83
CA GLY C 460 -14.63 -16.02 -25.66
C GLY C 460 -14.62 -15.38 -24.27
N ILE C 461 -13.47 -14.83 -23.92
CA ILE C 461 -13.29 -14.12 -22.65
C ILE C 461 -12.69 -12.75 -22.96
N PRO C 462 -13.48 -11.68 -22.95
CA PRO C 462 -12.93 -10.36 -23.28
C PRO C 462 -11.97 -9.87 -22.21
N LYS C 463 -10.78 -9.49 -22.65
CA LYS C 463 -9.78 -8.87 -21.78
C LYS C 463 -9.12 -7.76 -22.59
N VAL C 464 -7.92 -7.35 -22.18
CA VAL C 464 -7.10 -6.54 -23.08
C VAL C 464 -6.97 -7.26 -24.42
N VAL C 465 -6.86 -8.57 -24.38
CA VAL C 465 -6.92 -9.43 -25.56
C VAL C 465 -8.19 -10.26 -25.47
N PHE C 466 -8.79 -10.53 -26.62
CA PHE C 466 -9.99 -11.38 -26.68
C PHE C 466 -9.54 -12.83 -26.63
N LEU C 467 -9.69 -13.46 -25.47
CA LEU C 467 -9.18 -14.80 -25.22
C LEU C 467 -10.26 -15.85 -25.46
N ILE C 468 -9.82 -17.11 -25.49
CA ILE C 468 -10.71 -18.24 -25.65
C ILE C 468 -10.56 -19.15 -24.43
N ASP C 469 -11.65 -19.84 -24.08
CA ASP C 469 -11.59 -20.83 -23.01
C ASP C 469 -10.59 -21.92 -23.35
N SER C 470 -9.78 -22.30 -22.37
CA SER C 470 -8.82 -23.38 -22.57
C SER C 470 -9.54 -24.64 -23.03
N PHE C 471 -8.97 -25.31 -24.03
CA PHE C 471 -9.58 -26.50 -24.60
C PHE C 471 -8.48 -27.49 -24.95
N LYS C 472 -8.88 -28.71 -25.28
CA LYS C 472 -7.96 -29.79 -25.55
C LYS C 472 -8.12 -30.29 -26.98
N VAL C 473 -7.03 -30.81 -27.53
CA VAL C 473 -6.92 -31.21 -28.93
C VAL C 473 -6.33 -32.61 -28.99
N LYS C 474 -7.05 -33.53 -29.62
CA LYS C 474 -6.47 -34.85 -29.91
C LYS C 474 -5.50 -34.68 -31.07
N ILE C 475 -4.21 -34.70 -30.78
CA ILE C 475 -3.16 -34.45 -31.75
C ILE C 475 -2.44 -35.76 -32.04
N LYS C 476 -2.17 -36.01 -33.32
CA LYS C 476 -1.45 -37.20 -33.74
C LYS C 476 -0.89 -36.96 -35.13
N VAL C 477 0.37 -37.40 -35.33
CA VAL C 477 1.04 -37.16 -36.60
C VAL C 477 0.30 -37.89 -37.71
N ARG C 478 0.25 -37.26 -38.88
CA ARG C 478 -0.38 -37.86 -40.05
C ARG C 478 0.53 -38.92 -40.65
N GLN C 479 -0.05 -40.06 -41.04
CA GLN C 479 0.75 -41.06 -41.73
C GLN C 479 1.30 -40.50 -43.05
N ALA C 480 0.52 -39.62 -43.70
CA ALA C 480 1.02 -38.94 -44.89
C ALA C 480 2.37 -38.29 -44.64
N TRP C 481 2.63 -37.83 -43.42
CA TRP C 481 3.90 -37.21 -43.09
C TRP C 481 4.96 -38.24 -42.76
N ARG C 482 4.61 -39.27 -41.99
CA ARG C 482 5.54 -40.37 -41.73
C ARG C 482 6.07 -40.95 -43.04
N GLU C 483 5.16 -41.25 -43.97
CA GLU C 483 5.52 -41.99 -45.17
C GLU C 483 6.65 -41.29 -45.93
N ALA C 484 6.56 -39.98 -46.11
CA ALA C 484 7.62 -39.25 -46.78
C ALA C 484 8.94 -39.33 -46.01
N GLN C 485 8.90 -39.68 -44.73
CA GLN C 485 10.10 -39.79 -43.92
C GLN C 485 10.47 -41.25 -43.72
N LYS D 11 51.82 -13.20 9.96
CA LYS D 11 50.82 -14.26 9.99
C LYS D 11 50.47 -14.71 8.58
N SER D 12 49.87 -13.80 7.80
CA SER D 12 49.56 -14.06 6.40
C SER D 12 49.82 -12.78 5.60
N LEU D 13 50.42 -12.94 4.43
CA LEU D 13 50.96 -11.82 3.67
C LEU D 13 50.01 -11.29 2.60
N LEU D 14 48.90 -11.97 2.33
CA LEU D 14 47.98 -11.56 1.28
C LEU D 14 46.82 -10.77 1.88
N SER D 15 46.36 -9.76 1.14
CA SER D 15 45.27 -8.90 1.58
C SER D 15 44.10 -8.97 0.61
N LEU D 16 42.91 -9.23 1.13
CA LEU D 16 41.73 -9.38 0.31
C LEU D 16 41.24 -8.02 -0.19
N PRO D 17 40.45 -8.00 -1.26
CA PRO D 17 40.01 -6.72 -1.83
C PRO D 17 39.14 -5.92 -0.87
N LEU D 18 39.41 -4.62 -0.80
CA LEU D 18 38.60 -3.67 -0.05
C LEU D 18 37.71 -2.94 -1.06
N VAL D 19 36.44 -3.35 -1.14
CA VAL D 19 35.52 -2.83 -2.16
C VAL D 19 34.52 -1.83 -1.58
N GLY D 20 34.74 -1.37 -0.35
CA GLY D 20 33.87 -0.36 0.25
C GLY D 20 34.53 0.33 1.43
N SER D 21 34.40 1.66 1.50
CA SER D 21 35.09 2.40 2.55
C SER D 21 34.37 3.70 2.87
N LEU D 22 34.05 3.89 4.14
CA LEU D 22 33.54 5.16 4.66
C LEU D 22 34.35 5.45 5.91
N PRO D 23 35.46 6.20 5.79
CA PRO D 23 36.47 6.21 6.84
C PRO D 23 36.13 7.03 8.08
N PHE D 24 35.24 8.03 8.01
CA PHE D 24 35.09 8.99 9.12
C PHE D 24 33.61 9.30 9.38
N LEU D 25 32.93 8.38 10.05
CA LEU D 25 31.53 8.62 10.36
C LEU D 25 31.39 9.61 11.53
N PRO D 26 30.34 10.43 11.52
CA PRO D 26 30.30 11.59 12.42
C PRO D 26 30.04 11.28 13.88
N ARG D 27 28.89 10.67 14.17
CA ARG D 27 28.47 10.33 15.54
C ARG D 27 27.63 11.43 16.17
N HIS D 28 28.16 12.66 16.23
CA HIS D 28 27.45 13.76 16.87
C HIS D 28 27.42 14.98 15.96
N GLY D 29 26.30 15.68 15.97
CA GLY D 29 26.13 16.91 15.24
C GLY D 29 25.13 16.76 14.10
N HIS D 30 24.79 17.90 13.51
CA HIS D 30 23.95 17.92 12.34
C HIS D 30 24.77 17.62 11.09
N MET D 31 24.08 17.36 9.98
CA MET D 31 24.76 16.92 8.78
C MET D 31 25.50 18.05 8.08
N HIS D 32 24.96 19.28 8.11
CA HIS D 32 25.66 20.40 7.50
C HIS D 32 26.91 20.77 8.29
N ASN D 33 26.89 20.58 9.61
CA ASN D 33 28.06 20.86 10.42
C ASN D 33 29.13 19.77 10.30
N ASN D 34 28.73 18.54 9.93
CA ASN D 34 29.70 17.47 9.75
C ASN D 34 30.34 17.52 8.36
N PHE D 35 29.55 17.80 7.32
CA PHE D 35 30.13 18.10 6.02
C PHE D 35 31.16 19.22 6.14
N PHE D 36 30.88 20.19 7.02
CA PHE D 36 31.76 21.34 7.17
C PHE D 36 33.08 20.95 7.82
N LYS D 37 33.00 20.34 9.01
CA LYS D 37 34.20 19.84 9.68
C LYS D 37 35.04 18.98 8.75
N LEU D 38 34.39 18.28 7.82
CA LEU D 38 35.12 17.41 6.90
C LEU D 38 36.09 18.18 6.02
N GLN D 39 35.76 19.43 5.68
CA GLN D 39 36.57 20.18 4.74
C GLN D 39 38.00 20.41 5.24
N LYS D 40 38.22 20.38 6.56
CA LYS D 40 39.56 20.54 7.09
C LYS D 40 40.49 19.47 6.52
N LYS D 41 40.02 18.23 6.42
CA LYS D 41 40.84 17.17 5.86
C LYS D 41 40.77 17.13 4.33
N TYR D 42 39.55 17.14 3.78
CA TYR D 42 39.35 16.89 2.36
C TYR D 42 39.16 18.15 1.53
N GLY D 43 39.02 19.32 2.15
CA GLY D 43 38.96 20.56 1.42
C GLY D 43 37.56 21.03 1.11
N PRO D 44 37.45 22.07 0.28
CA PRO D 44 36.14 22.71 0.06
C PRO D 44 35.22 22.00 -0.92
N ILE D 45 35.69 20.96 -1.61
CA ILE D 45 34.82 20.20 -2.51
C ILE D 45 35.28 18.75 -2.53
N TYR D 46 34.37 17.84 -2.17
CA TYR D 46 34.62 16.41 -2.19
C TYR D 46 33.34 15.71 -2.61
N SER D 47 33.42 14.40 -2.80
CA SER D 47 32.28 13.64 -3.31
C SER D 47 32.18 12.31 -2.57
N VAL D 48 30.96 11.79 -2.52
CA VAL D 48 30.67 10.46 -2.00
C VAL D 48 30.01 9.66 -3.11
N ARG D 49 30.27 8.36 -3.10
CA ARG D 49 29.85 7.47 -4.18
C ARG D 49 29.20 6.23 -3.58
N MET D 50 28.04 5.86 -4.12
CA MET D 50 27.28 4.73 -3.64
C MET D 50 26.63 4.03 -4.83
N GLY D 51 27.00 2.79 -5.07
CA GLY D 51 26.63 2.14 -6.31
C GLY D 51 27.03 3.00 -7.48
N THR D 52 26.05 3.40 -8.29
CA THR D 52 26.31 4.30 -9.42
C THR D 52 25.99 5.75 -9.11
N LYS D 53 25.53 6.06 -7.91
CA LYS D 53 25.20 7.43 -7.54
C LYS D 53 26.43 8.15 -7.01
N THR D 54 26.66 9.36 -7.50
CA THR D 54 27.70 10.24 -6.99
C THR D 54 27.03 11.48 -6.39
N THR D 55 27.60 11.98 -5.30
CA THR D 55 27.11 13.22 -4.69
C THR D 55 28.29 14.11 -4.36
N VAL D 56 28.24 15.34 -4.85
CA VAL D 56 29.28 16.33 -4.60
C VAL D 56 28.77 17.31 -3.55
N ILE D 57 29.60 17.60 -2.56
CA ILE D 57 29.29 18.58 -1.53
C ILE D 57 30.26 19.74 -1.71
N VAL D 58 29.72 20.94 -1.91
CA VAL D 58 30.50 22.15 -2.16
C VAL D 58 30.39 23.04 -0.93
N GLY D 59 31.53 23.50 -0.43
CA GLY D 59 31.56 24.26 0.81
C GLY D 59 32.36 25.54 0.78
N HIS D 60 32.51 26.13 -0.41
CA HIS D 60 33.21 27.41 -0.55
C HIS D 60 32.49 28.26 -1.59
N HIS D 61 32.46 29.58 -1.36
CA HIS D 61 31.62 30.45 -2.17
C HIS D 61 32.12 30.56 -3.59
N GLN D 62 33.44 30.57 -3.79
CA GLN D 62 34.00 30.61 -5.14
C GLN D 62 33.42 29.50 -6.00
N LEU D 63 33.31 28.29 -5.43
CA LEU D 63 32.77 27.15 -6.16
C LEU D 63 31.25 27.10 -6.10
N ALA D 64 30.64 27.52 -5.00
CA ALA D 64 29.18 27.51 -4.90
C ALA D 64 28.55 28.45 -5.92
N LYS D 65 29.18 29.60 -6.14
CA LYS D 65 28.63 30.54 -7.11
C LYS D 65 28.81 30.04 -8.54
N GLU D 66 29.82 29.20 -8.78
CA GLU D 66 29.95 28.58 -10.09
C GLU D 66 28.81 27.60 -10.34
N VAL D 67 28.33 26.93 -9.29
CA VAL D 67 27.23 25.98 -9.44
C VAL D 67 25.90 26.72 -9.58
N LEU D 68 25.74 27.84 -8.88
CA LEU D 68 24.45 28.51 -8.83
C LEU D 68 24.29 29.59 -9.90
N ILE D 69 25.32 30.41 -10.11
CA ILE D 69 25.19 31.56 -11.01
C ILE D 69 25.80 31.23 -12.38
N LYS D 70 27.12 31.05 -12.41
CA LYS D 70 27.84 30.94 -13.67
C LYS D 70 27.32 29.77 -14.50
N LYS D 71 27.39 28.56 -13.95
CA LYS D 71 26.84 27.38 -14.60
C LYS D 71 25.47 27.00 -14.01
N GLY D 72 24.69 28.00 -13.58
CA GLY D 72 23.43 27.73 -12.92
C GLY D 72 22.51 26.84 -13.75
N LYS D 73 22.50 27.04 -15.06
CA LYS D 73 21.68 26.20 -15.93
C LYS D 73 22.14 24.76 -15.88
N ASP D 74 23.46 24.53 -15.95
CA ASP D 74 23.98 23.17 -15.95
C ASP D 74 23.62 22.43 -14.67
N PHE D 75 23.44 23.14 -13.56
CA PHE D 75 23.17 22.53 -12.28
C PHE D 75 21.79 22.93 -11.74
N SER D 76 20.82 23.11 -12.64
CA SER D 76 19.50 23.56 -12.25
C SER D 76 18.51 22.42 -12.02
N GLY D 77 18.93 21.17 -12.20
CA GLY D 77 18.04 20.06 -11.98
C GLY D 77 17.86 19.73 -10.51
N ARG D 78 16.95 18.81 -10.25
CA ARG D 78 16.70 18.30 -8.91
C ARG D 78 16.78 16.78 -8.92
N PRO D 79 17.43 16.18 -7.93
CA PRO D 79 17.49 14.71 -7.90
C PRO D 79 16.17 14.09 -7.47
N GLN D 80 15.81 13.01 -8.15
CA GLN D 80 14.69 12.18 -7.72
C GLN D 80 14.98 11.57 -6.35
N MET D 81 14.09 11.81 -5.39
CA MET D 81 14.16 11.18 -4.08
C MET D 81 12.77 10.67 -3.72
N ALA D 82 12.71 9.47 -3.15
CA ALA D 82 11.42 8.84 -2.87
C ALA D 82 10.59 9.69 -1.92
N THR D 83 11.23 10.32 -0.94
CA THR D 83 10.48 11.11 0.04
C THR D 83 9.88 12.35 -0.61
N LEU D 84 10.58 12.95 -1.57
CA LEU D 84 10.03 14.13 -2.26
C LEU D 84 8.93 13.72 -3.22
N ASP D 85 9.14 12.66 -3.99
CA ASP D 85 8.11 12.12 -4.86
C ASP D 85 6.74 12.10 -4.18
N ILE D 86 6.71 11.64 -2.93
CA ILE D 86 5.47 11.57 -2.17
C ILE D 86 4.96 12.98 -1.85
N ALA D 87 5.79 13.78 -1.17
CA ALA D 87 5.40 15.12 -0.80
C ALA D 87 5.17 16.03 -1.99
N SER D 88 5.57 15.62 -3.19
CA SER D 88 5.53 16.46 -4.38
C SER D 88 4.53 16.00 -5.42
N ASN D 89 3.79 14.93 -5.14
CA ASN D 89 2.83 14.38 -6.11
C ASN D 89 3.54 13.96 -7.39
N ASN D 90 4.70 13.32 -7.23
CA ASN D 90 5.46 12.76 -8.34
C ASN D 90 6.15 13.85 -9.15
N ARG D 91 6.77 14.80 -8.45
CA ARG D 91 7.67 15.80 -9.04
C ARG D 91 6.93 16.87 -9.83
N LYS D 92 5.84 17.38 -9.25
CA LYS D 92 5.21 18.59 -9.74
C LYS D 92 5.60 19.73 -8.80
N GLY D 93 5.00 20.89 -9.01
CA GLY D 93 5.36 22.06 -8.21
C GLY D 93 6.58 22.78 -8.77
N ILE D 94 7.36 23.36 -7.86
CA ILE D 94 8.51 24.17 -8.24
C ILE D 94 9.76 23.66 -7.52
N ALA D 95 9.70 23.61 -6.19
CA ALA D 95 10.90 23.38 -5.40
C ALA D 95 11.51 22.02 -5.68
N PHE D 96 10.68 20.98 -5.87
CA PHE D 96 11.15 19.61 -6.06
C PHE D 96 10.94 19.11 -7.48
N ALA D 97 10.54 19.98 -8.41
CA ALA D 97 10.39 19.59 -9.80
C ALA D 97 11.73 19.71 -10.51
N ASP D 98 12.00 18.76 -11.40
CA ASP D 98 13.23 18.79 -12.18
C ASP D 98 13.21 19.95 -13.15
N SER D 99 14.40 20.37 -13.60
CA SER D 99 14.50 21.38 -14.64
C SER D 99 13.78 20.88 -15.89
N GLY D 100 13.06 21.78 -16.54
CA GLY D 100 12.29 21.43 -17.71
C GLY D 100 11.10 22.35 -17.87
N ALA D 101 10.16 21.92 -18.72
CA ALA D 101 9.03 22.75 -19.07
C ALA D 101 8.15 23.04 -17.85
N HIS D 102 7.72 22.00 -17.15
CA HIS D 102 6.83 22.18 -16.00
C HIS D 102 7.41 23.20 -15.02
N TRP D 103 8.59 22.91 -14.48
CA TRP D 103 9.19 23.79 -13.49
C TRP D 103 9.35 25.21 -14.04
N GLN D 104 9.72 25.33 -15.31
CA GLN D 104 9.94 26.65 -15.89
C GLN D 104 8.66 27.45 -15.95
N LEU D 105 7.58 26.83 -16.46
CA LEU D 105 6.30 27.53 -16.57
C LEU D 105 5.79 27.94 -15.20
N HIS D 106 5.79 27.01 -14.24
CA HIS D 106 5.20 27.29 -12.93
C HIS D 106 6.04 28.26 -12.14
N ARG D 107 7.36 28.27 -12.33
CA ARG D 107 8.19 29.27 -11.67
C ARG D 107 7.97 30.65 -12.28
N ARG D 108 7.73 30.71 -13.58
CA ARG D 108 7.45 31.99 -14.24
C ARG D 108 6.16 32.59 -13.71
N LEU D 109 5.10 31.77 -13.62
CA LEU D 109 3.80 32.27 -13.18
C LEU D 109 3.81 32.66 -11.72
N ALA D 110 4.41 31.84 -10.86
CA ALA D 110 4.48 32.18 -9.45
C ALA D 110 5.24 33.49 -9.22
N MET D 111 6.22 33.78 -10.07
CA MET D 111 6.90 35.07 -10.00
C MET D 111 6.06 36.18 -10.61
N ALA D 112 5.26 35.86 -11.62
CA ALA D 112 4.32 36.84 -12.16
C ALA D 112 3.35 37.31 -11.08
N THR D 113 2.77 36.37 -10.35
CA THR D 113 1.81 36.71 -9.30
C THR D 113 2.42 37.66 -8.29
N PHE D 114 3.61 37.34 -7.78
CA PHE D 114 4.29 38.22 -6.84
C PHE D 114 4.59 39.58 -7.45
N ALA D 115 4.62 39.69 -8.78
CA ALA D 115 4.93 40.95 -9.44
C ALA D 115 3.71 41.89 -9.43
N LEU D 116 2.51 41.34 -9.59
CA LEU D 116 1.29 42.15 -9.55
C LEU D 116 0.76 42.27 -8.12
N PHE D 117 1.67 42.59 -7.19
CA PHE D 117 1.30 42.88 -5.81
C PHE D 117 2.11 44.04 -5.24
N LYS D 118 2.84 44.77 -6.09
CA LYS D 118 3.74 45.82 -5.59
C LYS D 118 2.94 46.99 -5.01
N ASP D 119 1.96 47.49 -5.77
CA ASP D 119 1.11 48.57 -5.28
C ASP D 119 -0.21 48.52 -6.02
N GLY D 120 -1.14 49.37 -5.59
CA GLY D 120 -2.53 49.34 -6.00
C GLY D 120 -3.41 49.10 -4.79
N ASP D 121 -4.69 48.82 -5.06
CA ASP D 121 -5.58 48.41 -3.98
C ASP D 121 -5.05 47.16 -3.30
N GLN D 122 -4.65 46.17 -4.11
CA GLN D 122 -3.94 45.00 -3.61
C GLN D 122 -2.45 45.33 -3.58
N LYS D 123 -1.99 45.84 -2.44
CA LYS D 123 -0.58 46.11 -2.21
C LYS D 123 -0.08 45.20 -1.09
N LEU D 124 1.21 44.87 -1.16
CA LEU D 124 1.74 43.82 -0.28
C LEU D 124 1.82 44.30 1.16
N GLU D 125 2.39 45.48 1.39
CA GLU D 125 2.49 45.99 2.75
C GLU D 125 1.11 46.12 3.40
N LYS D 126 0.08 46.47 2.62
CA LYS D 126 -1.27 46.55 3.16
C LYS D 126 -1.71 45.21 3.71
N ILE D 127 -1.78 44.20 2.82
CA ILE D 127 -2.13 42.83 3.21
C ILE D 127 -1.37 42.41 4.45
N ILE D 128 -0.06 42.63 4.45
CA ILE D 128 0.79 42.13 5.53
C ILE D 128 0.43 42.81 6.85
N CYS D 129 0.55 44.14 6.90
CA CYS D 129 0.29 44.85 8.15
C CYS D 129 -1.13 44.61 8.65
N GLN D 130 -2.10 44.44 7.74
CA GLN D 130 -3.46 44.13 8.16
C GLN D 130 -3.50 42.89 9.05
N GLU D 131 -2.56 41.97 8.84
CA GLU D 131 -2.52 40.74 9.63
C GLU D 131 -1.57 40.82 10.83
N ILE D 132 -0.61 41.73 10.81
CA ILE D 132 0.26 41.90 11.97
C ILE D 132 -0.50 42.62 13.08
N SER D 133 -1.47 43.46 12.72
CA SER D 133 -2.33 44.07 13.73
C SER D 133 -3.11 43.01 14.48
N THR D 134 -3.77 42.09 13.75
CA THR D 134 -4.48 41.00 14.38
C THR D 134 -3.55 40.18 15.28
N LEU D 135 -2.27 40.07 14.90
CA LEU D 135 -1.32 39.29 15.68
C LEU D 135 -1.04 39.97 17.02
N CYS D 136 -0.66 41.25 16.99
CA CYS D 136 -0.40 41.97 18.24
C CYS D 136 -1.64 42.04 19.11
N ASP D 137 -2.81 42.25 18.50
CA ASP D 137 -4.06 42.16 19.24
C ASP D 137 -4.13 40.85 20.02
N MET D 138 -3.95 39.72 19.31
CA MET D 138 -4.01 38.42 19.96
C MET D 138 -3.01 38.31 21.10
N LEU D 139 -1.77 38.73 20.86
CA LEU D 139 -0.72 38.55 21.87
C LEU D 139 -0.97 39.41 23.10
N ALA D 140 -1.51 40.62 22.90
CA ALA D 140 -1.84 41.48 24.03
C ALA D 140 -2.69 40.74 25.05
N THR D 141 -3.63 39.92 24.57
CA THR D 141 -4.53 39.19 25.46
C THR D 141 -3.80 38.16 26.32
N HIS D 142 -2.53 37.89 26.05
CA HIS D 142 -1.72 36.98 26.85
C HIS D 142 -0.71 37.73 27.70
N ASN D 143 -0.98 39.00 28.00
CA ASN D 143 -0.05 39.83 28.75
C ASN D 143 0.39 39.14 30.03
N GLY D 144 1.67 39.27 30.34
CA GLY D 144 2.24 38.83 31.60
C GLY D 144 2.82 37.42 31.64
N GLN D 145 2.14 36.46 31.03
CA GLN D 145 2.52 35.07 31.15
C GLN D 145 3.41 34.64 29.98
N SER D 146 4.13 33.54 30.19
CA SER D 146 4.99 32.96 29.17
C SER D 146 4.17 32.04 28.26
N ILE D 147 4.45 32.11 26.95
CA ILE D 147 3.66 31.40 25.96
C ILE D 147 4.56 30.92 24.84
N ASP D 148 4.03 30.00 24.03
CA ASP D 148 4.69 29.55 22.81
C ASP D 148 4.22 30.43 21.65
N ILE D 149 5.17 31.13 21.01
CA ILE D 149 4.83 32.12 20.00
C ILE D 149 4.24 31.46 18.77
N SER D 150 4.70 30.27 18.43
CA SER D 150 4.44 29.62 17.15
C SER D 150 3.09 29.95 16.51
N PHE D 151 1.99 29.54 17.13
CA PHE D 151 0.71 29.54 16.44
C PHE D 151 0.24 30.93 16.03
N PRO D 152 0.13 31.91 16.93
CA PRO D 152 -0.32 33.24 16.48
C PRO D 152 0.46 33.78 15.28
N VAL D 153 1.79 33.60 15.26
CA VAL D 153 2.57 34.01 14.11
C VAL D 153 2.21 33.17 12.89
N PHE D 154 2.02 31.86 13.10
CA PHE D 154 1.64 30.97 12.01
C PHE D 154 0.33 31.43 11.36
N VAL D 155 -0.65 31.81 12.17
CA VAL D 155 -1.93 32.29 11.62
C VAL D 155 -1.72 33.58 10.84
N ALA D 156 -0.80 34.43 11.31
CA ALA D 156 -0.53 35.69 10.62
C ALA D 156 -0.03 35.44 9.20
N VAL D 157 1.06 34.68 9.06
CA VAL D 157 1.64 34.49 7.74
C VAL D 157 0.76 33.57 6.88
N THR D 158 0.01 32.67 7.51
CA THR D 158 -0.92 31.84 6.75
C THR D 158 -1.93 32.70 6.00
N ASN D 159 -2.46 33.75 6.65
CA ASN D 159 -3.44 34.60 6.00
C ASN D 159 -2.82 35.40 4.86
N VAL D 160 -1.57 35.86 5.04
CA VAL D 160 -0.91 36.60 3.97
C VAL D 160 -0.82 35.73 2.72
N ILE D 161 -0.30 34.50 2.86
CA ILE D 161 -0.12 33.65 1.70
C ILE D 161 -1.46 33.17 1.17
N SER D 162 -2.43 32.93 2.05
CA SER D 162 -3.76 32.54 1.59
C SER D 162 -4.39 33.65 0.75
N LEU D 163 -4.13 34.91 1.09
CA LEU D 163 -4.63 36.01 0.29
C LEU D 163 -3.91 36.07 -1.05
N ILE D 164 -2.59 35.89 -1.06
CA ILE D 164 -1.83 35.94 -2.31
C ILE D 164 -2.23 34.78 -3.23
N CYS D 165 -2.64 33.65 -2.65
CA CYS D 165 -2.97 32.48 -3.44
C CYS D 165 -4.43 32.42 -3.86
N PHE D 166 -5.36 32.73 -2.94
CA PHE D 166 -6.79 32.60 -3.22
C PHE D 166 -7.60 33.85 -2.93
N ASN D 167 -7.01 34.89 -2.33
CA ASN D 167 -7.76 36.07 -1.89
C ASN D 167 -8.78 35.69 -0.81
N THR D 168 -8.29 35.03 0.24
CA THR D 168 -9.11 34.67 1.38
C THR D 168 -8.24 34.67 2.62
N SER D 169 -8.89 34.71 3.79
CA SER D 169 -8.19 34.68 5.07
C SER D 169 -9.03 33.86 6.05
N TYR D 170 -8.50 33.69 7.26
CA TYR D 170 -9.11 32.83 8.27
C TYR D 170 -9.47 33.66 9.50
N LYS D 171 -10.76 33.72 9.80
CA LYS D 171 -11.20 34.33 11.06
C LYS D 171 -10.52 33.59 12.22
N ASN D 172 -10.17 34.34 13.26
CA ASN D 172 -9.55 33.73 14.42
C ASN D 172 -10.42 32.61 14.96
N GLY D 173 -9.78 31.51 15.38
CA GLY D 173 -10.49 30.34 15.85
C GLY D 173 -10.93 29.38 14.77
N ASP D 174 -10.79 29.74 13.49
CA ASP D 174 -11.17 28.85 12.41
C ASP D 174 -10.41 27.53 12.54
N PRO D 175 -11.10 26.38 12.60
CA PRO D 175 -10.38 25.11 12.80
C PRO D 175 -9.47 24.73 11.64
N GLU D 176 -9.72 25.23 10.44
CA GLU D 176 -8.85 24.91 9.31
C GLU D 176 -7.41 25.28 9.59
N LEU D 177 -7.19 26.35 10.37
CA LEU D 177 -5.83 26.75 10.73
C LEU D 177 -5.10 25.62 11.45
N ASN D 178 -5.81 24.85 12.28
CA ASN D 178 -5.19 23.76 13.00
C ASN D 178 -5.00 22.53 12.11
N VAL D 179 -5.91 22.30 11.17
CA VAL D 179 -5.70 21.27 10.16
C VAL D 179 -4.37 21.53 9.45
N ILE D 180 -4.13 22.78 9.06
CA ILE D 180 -2.93 23.12 8.29
C ILE D 180 -1.70 23.08 9.18
N GLN D 181 -1.80 23.60 10.41
CA GLN D 181 -0.68 23.50 11.33
C GLN D 181 -0.26 22.06 11.54
N ASN D 182 -1.22 21.12 11.52
CA ASN D 182 -0.92 19.75 11.87
C ASN D 182 -0.32 18.98 10.70
N TYR D 183 -0.84 19.18 9.48
CA TYR D 183 -0.28 18.45 8.35
C TYR D 183 0.99 19.08 7.82
N ASN D 184 1.20 20.38 8.03
CA ASN D 184 2.52 20.97 7.82
C ASN D 184 3.52 20.38 8.81
N GLU D 185 3.12 20.26 10.07
CA GLU D 185 3.98 19.70 11.10
C GLU D 185 4.40 18.27 10.74
N GLY D 186 3.46 17.46 10.24
CA GLY D 186 3.74 16.07 9.97
C GLY D 186 4.50 15.83 8.68
N ILE D 187 4.25 16.64 7.66
CA ILE D 187 5.00 16.51 6.41
C ILE D 187 6.45 16.90 6.64
N ILE D 188 6.68 18.05 7.29
CA ILE D 188 8.05 18.48 7.57
C ILE D 188 8.79 17.45 8.40
N ASP D 189 8.08 16.72 9.25
CA ASP D 189 8.73 15.83 10.21
C ASP D 189 9.04 14.46 9.64
N ASN D 190 8.21 13.95 8.73
CA ASN D 190 8.42 12.65 8.12
C ASN D 190 9.10 12.73 6.76
N LEU D 191 9.43 13.94 6.29
CA LEU D 191 10.10 14.08 5.01
C LEU D 191 11.58 13.70 5.11
N SER D 192 12.19 13.89 6.27
CA SER D 192 13.60 13.62 6.47
C SER D 192 13.93 13.88 7.93
N LYS D 193 15.10 13.40 8.35
CA LYS D 193 15.62 13.66 9.68
C LYS D 193 16.81 14.60 9.66
N ASP D 194 17.08 15.22 8.53
CA ASP D 194 18.11 16.26 8.40
C ASP D 194 17.84 16.97 7.06
N SER D 195 18.75 17.85 6.66
CA SER D 195 18.63 18.48 5.36
C SER D 195 18.62 17.41 4.27
N LEU D 196 17.92 17.71 3.18
CA LEU D 196 17.71 16.73 2.11
C LEU D 196 19.03 16.33 1.47
N VAL D 197 19.23 15.03 1.30
CA VAL D 197 20.39 14.47 0.61
C VAL D 197 19.96 13.13 0.03
N ASP D 198 20.06 12.98 -1.30
CA ASP D 198 19.63 11.75 -1.94
C ASP D 198 20.49 10.56 -1.53
N LEU D 199 21.67 10.80 -0.94
CA LEU D 199 22.48 9.71 -0.42
C LEU D 199 21.71 8.87 0.59
N VAL D 200 20.88 9.52 1.40
CA VAL D 200 20.20 8.85 2.51
C VAL D 200 18.88 8.31 1.99
N PRO D 201 18.60 7.00 2.14
CA PRO D 201 17.24 6.48 1.85
C PRO D 201 16.30 6.79 3.02
N TRP D 202 15.78 8.01 3.02
CA TRP D 202 15.11 8.56 4.20
C TRP D 202 13.97 7.67 4.68
N LEU D 203 13.19 7.12 3.75
CA LEU D 203 12.01 6.35 4.11
C LEU D 203 12.32 4.92 4.50
N LYS D 204 13.59 4.49 4.41
CA LYS D 204 13.93 3.08 4.61
C LYS D 204 15.02 2.85 5.65
N ILE D 205 15.51 3.90 6.32
CA ILE D 205 16.64 3.71 7.24
C ILE D 205 16.21 3.24 8.62
N PHE D 206 14.95 3.45 9.02
CA PHE D 206 14.53 3.11 10.37
C PHE D 206 13.26 2.28 10.35
N PRO D 207 13.08 1.39 11.35
CA PRO D 207 11.83 0.63 11.44
C PRO D 207 10.70 1.43 12.08
N ASN D 208 10.58 2.69 11.70
CA ASN D 208 9.44 3.51 12.08
C ASN D 208 8.38 3.38 10.98
N LYS D 209 7.41 4.28 10.95
CA LYS D 209 6.40 4.26 9.89
C LYS D 209 6.45 5.59 9.14
N THR D 210 7.63 5.97 8.64
CA THR D 210 7.79 7.26 8.00
C THR D 210 6.96 7.35 6.73
N LEU D 211 7.04 6.33 5.87
CA LEU D 211 6.28 6.33 4.63
C LEU D 211 4.79 6.48 4.89
N GLU D 212 4.22 5.56 5.67
CA GLU D 212 2.79 5.61 5.94
C GLU D 212 2.38 6.94 6.56
N LYS D 213 3.23 7.49 7.43
CA LYS D 213 2.89 8.74 8.11
C LYS D 213 2.97 9.93 7.15
N LEU D 214 4.07 10.03 6.39
CA LEU D 214 4.18 11.11 5.41
C LEU D 214 3.00 11.08 4.44
N LYS D 215 2.69 9.90 3.90
CA LYS D 215 1.53 9.78 3.02
C LYS D 215 0.26 10.25 3.70
N SER D 216 0.08 9.91 4.97
CA SER D 216 -1.16 10.24 5.66
C SER D 216 -1.38 11.74 5.71
N HIS D 217 -0.31 12.52 5.95
CA HIS D 217 -0.44 13.96 5.96
C HIS D 217 -0.56 14.53 4.55
N VAL D 218 0.14 13.92 3.58
CA VAL D 218 0.03 14.37 2.20
C VAL D 218 -1.40 14.24 1.71
N LYS D 219 -2.13 13.23 2.19
CA LYS D 219 -3.52 13.08 1.78
C LYS D 219 -4.38 14.20 2.34
N ILE D 220 -4.14 14.60 3.60
CA ILE D 220 -4.91 15.68 4.20
C ILE D 220 -4.65 16.99 3.47
N ARG D 221 -3.38 17.27 3.16
CA ARG D 221 -3.06 18.47 2.39
C ARG D 221 -3.72 18.43 1.02
N ASN D 222 -3.49 17.34 0.28
CA ASN D 222 -3.96 17.27 -1.10
C ASN D 222 -5.48 17.38 -1.19
N ASP D 223 -6.19 16.79 -0.23
CA ASP D 223 -7.65 16.82 -0.27
C ASP D 223 -8.20 18.18 0.16
N LEU D 224 -7.52 18.87 1.06
CA LEU D 224 -7.90 20.24 1.38
C LEU D 224 -7.73 21.13 0.16
N LEU D 225 -6.60 20.99 -0.54
CA LEU D 225 -6.35 21.83 -1.72
C LEU D 225 -7.31 21.49 -2.85
N ASN D 226 -7.59 20.20 -3.05
CA ASN D 226 -8.53 19.81 -4.10
C ASN D 226 -9.90 20.42 -3.88
N LYS D 227 -10.30 20.61 -2.62
CA LYS D 227 -11.59 21.24 -2.33
C LYS D 227 -11.57 22.72 -2.69
N ILE D 228 -10.45 23.40 -2.44
CA ILE D 228 -10.35 24.82 -2.74
C ILE D 228 -10.39 25.04 -4.25
N LEU D 229 -9.59 24.28 -5.00
CA LEU D 229 -9.65 24.37 -6.46
C LEU D 229 -11.00 23.95 -6.99
N GLU D 230 -11.75 23.13 -6.25
CA GLU D 230 -13.10 22.76 -6.66
C GLU D 230 -14.04 23.97 -6.56
N ASN D 231 -14.11 24.59 -5.37
CA ASN D 231 -14.98 25.73 -5.18
C ASN D 231 -14.57 26.89 -6.09
N TYR D 232 -13.26 27.14 -6.21
CA TYR D 232 -12.80 28.33 -6.91
C TYR D 232 -13.08 28.29 -8.40
N LYS D 233 -13.37 27.12 -8.97
CA LYS D 233 -13.77 27.08 -10.37
C LYS D 233 -15.05 27.86 -10.60
N GLU D 234 -15.78 28.19 -9.53
CA GLU D 234 -16.91 29.12 -9.64
C GLU D 234 -16.42 30.56 -9.63
N LYS D 235 -15.73 30.96 -8.56
CA LYS D 235 -15.37 32.35 -8.35
C LYS D 235 -14.38 32.89 -9.36
N PHE D 236 -13.81 32.05 -10.23
CA PHE D 236 -12.80 32.51 -11.17
C PHE D 236 -13.44 33.27 -12.32
N ARG D 237 -12.76 34.32 -12.79
CA ARG D 237 -13.23 35.15 -13.89
C ARG D 237 -12.04 35.65 -14.68
N SER D 238 -12.10 35.48 -16.00
CA SER D 238 -11.02 35.94 -16.87
C SER D 238 -10.72 37.42 -16.64
N ASP D 239 -11.76 38.24 -16.59
CA ASP D 239 -11.58 39.69 -16.53
C ASP D 239 -10.87 40.14 -15.26
N SER D 240 -10.85 39.32 -14.21
CA SER D 240 -10.24 39.67 -12.94
C SER D 240 -9.19 38.62 -12.58
N ILE D 241 -7.92 38.99 -12.72
CA ILE D 241 -6.79 38.15 -12.32
C ILE D 241 -6.11 38.86 -11.16
N THR D 242 -6.24 38.29 -9.96
CA THR D 242 -5.78 38.97 -8.75
C THR D 242 -5.02 38.07 -7.78
N ASN D 243 -4.91 36.78 -8.04
CA ASN D 243 -4.19 35.89 -7.14
C ASN D 243 -3.54 34.77 -7.96
N MET D 244 -2.73 33.96 -7.28
CA MET D 244 -1.95 32.95 -7.99
C MET D 244 -2.84 31.94 -8.68
N LEU D 245 -3.90 31.48 -8.01
CA LEU D 245 -4.82 30.54 -8.63
C LEU D 245 -5.42 31.12 -9.90
N ASP D 246 -5.75 32.41 -9.88
CA ASP D 246 -6.24 33.08 -11.09
C ASP D 246 -5.19 33.00 -12.20
N THR D 247 -3.95 33.38 -11.90
CA THR D 247 -2.88 33.33 -12.89
C THR D 247 -2.78 31.96 -13.54
N LEU D 248 -2.82 30.90 -12.72
CA LEU D 248 -2.68 29.54 -13.25
C LEU D 248 -3.90 29.13 -14.05
N MET D 249 -5.11 29.39 -13.52
CA MET D 249 -6.32 29.08 -14.27
C MET D 249 -6.40 29.90 -15.55
N GLN D 250 -6.07 31.20 -15.47
CA GLN D 250 -6.01 32.01 -16.67
C GLN D 250 -4.98 31.46 -17.66
N ALA D 251 -3.82 31.04 -17.15
CA ALA D 251 -2.79 30.52 -18.04
C ALA D 251 -3.25 29.24 -18.71
N LYS D 252 -3.99 28.38 -18.01
CA LYS D 252 -4.54 27.19 -18.64
C LYS D 252 -5.56 27.57 -19.71
N MET D 253 -6.49 28.48 -19.37
CA MET D 253 -7.49 28.94 -20.32
C MET D 253 -6.87 29.27 -21.68
N ASN D 254 -5.75 30.00 -21.67
CA ASN D 254 -5.13 30.44 -22.92
C ASN D 254 -4.62 29.29 -23.78
N SER D 255 -4.76 28.05 -23.31
CA SER D 255 -4.39 26.89 -24.13
C SER D 255 -5.23 26.85 -25.40
N ASP D 256 -4.60 27.08 -26.55
CA ASP D 256 -5.26 27.17 -27.84
C ASP D 256 -6.32 28.28 -27.84
N ASN D 257 -5.90 29.48 -27.41
CA ASN D 257 -6.71 30.69 -27.48
C ASN D 257 -6.15 31.77 -26.56
N GLN D 264 0.27 25.48 -26.28
CA GLN D 264 0.88 24.16 -26.19
C GLN D 264 1.42 23.91 -24.78
N ASP D 265 0.64 24.33 -23.77
CA ASP D 265 1.04 24.23 -22.38
C ASP D 265 0.05 23.44 -21.52
N SER D 266 -1.16 23.18 -22.01
CA SER D 266 -2.25 22.75 -21.14
C SER D 266 -1.87 21.56 -20.28
N GLU D 267 -1.09 20.62 -20.84
CA GLU D 267 -0.68 19.45 -20.06
C GLU D 267 0.19 19.84 -18.87
N LEU D 268 0.98 20.90 -19.00
CA LEU D 268 1.76 21.41 -17.89
C LEU D 268 0.89 22.06 -16.81
N LEU D 269 -0.38 22.35 -17.10
CA LEU D 269 -1.26 23.07 -16.21
C LEU D 269 -2.48 22.25 -15.81
N SER D 270 -2.33 20.93 -15.75
CA SER D 270 -3.40 20.08 -15.25
C SER D 270 -3.75 20.48 -13.81
N ASP D 271 -4.91 20.02 -13.36
CA ASP D 271 -5.36 20.37 -12.02
C ASP D 271 -4.33 19.98 -10.97
N ASN D 272 -3.65 18.84 -11.17
CA ASN D 272 -2.71 18.36 -10.18
C ASN D 272 -1.39 19.12 -10.22
N HIS D 273 -1.01 19.67 -11.37
CA HIS D 273 0.12 20.58 -11.41
C HIS D 273 -0.22 21.89 -10.69
N ILE D 274 -1.39 22.46 -11.00
CA ILE D 274 -1.85 23.66 -10.31
C ILE D 274 -1.96 23.39 -8.82
N LEU D 275 -2.49 22.21 -8.45
CA LEU D 275 -2.62 21.87 -7.04
C LEU D 275 -1.27 21.83 -6.35
N THR D 276 -0.32 21.08 -6.90
CA THR D 276 0.98 20.95 -6.27
C THR D 276 1.70 22.28 -6.18
N THR D 277 1.65 23.09 -7.25
CA THR D 277 2.32 24.39 -7.23
C THR D 277 1.73 25.29 -6.16
N ILE D 278 0.40 25.34 -6.06
CA ILE D 278 -0.24 26.08 -4.97
C ILE D 278 0.27 25.58 -3.63
N GLY D 279 0.32 24.26 -3.44
CA GLY D 279 0.83 23.72 -2.20
C GLY D 279 2.22 24.19 -1.88
N ASP D 280 3.12 24.11 -2.87
CA ASP D 280 4.49 24.59 -2.68
C ASP D 280 4.50 26.01 -2.12
N ILE D 281 3.83 26.93 -2.84
CA ILE D 281 3.81 28.33 -2.43
C ILE D 281 3.20 28.46 -1.04
N PHE D 282 2.08 27.77 -0.80
CA PHE D 282 1.42 27.87 0.49
C PHE D 282 2.32 27.37 1.61
N GLY D 283 2.89 26.17 1.45
CA GLY D 283 3.76 25.63 2.48
C GLY D 283 5.02 26.46 2.67
N ALA D 284 5.67 26.82 1.55
CA ALA D 284 6.89 27.61 1.65
C ALA D 284 6.62 28.96 2.31
N GLY D 285 5.53 29.61 1.92
CA GLY D 285 5.22 30.95 2.41
C GLY D 285 4.88 31.02 3.89
N VAL D 286 4.69 29.89 4.55
CA VAL D 286 4.32 29.84 5.96
C VAL D 286 5.45 29.29 6.81
N GLU D 287 5.98 28.11 6.45
CA GLU D 287 6.93 27.43 7.31
C GLU D 287 8.28 28.15 7.36
N THR D 288 8.74 28.66 6.21
CA THR D 288 9.99 29.40 6.18
C THR D 288 9.92 30.63 7.08
N THR D 289 9.04 31.57 6.73
CA THR D 289 9.03 32.86 7.41
C THR D 289 8.65 32.71 8.88
N THR D 290 7.74 31.76 9.20
CA THR D 290 7.43 31.51 10.60
C THR D 290 8.65 31.00 11.37
N SER D 291 9.53 30.27 10.70
CA SER D 291 10.71 29.72 11.37
C SER D 291 11.73 30.80 11.67
N VAL D 292 11.97 31.71 10.72
CA VAL D 292 12.96 32.76 10.94
C VAL D 292 12.51 33.68 12.07
N VAL D 293 11.22 34.04 12.10
CA VAL D 293 10.69 34.84 13.19
C VAL D 293 11.00 34.17 14.52
N LYS D 294 10.64 32.89 14.65
CA LYS D 294 10.93 32.17 15.89
C LYS D 294 12.42 32.17 16.20
N TRP D 295 13.27 32.16 15.17
CA TRP D 295 14.71 32.20 15.40
C TRP D 295 15.15 33.56 15.94
N THR D 296 14.68 34.64 15.31
CA THR D 296 15.05 35.98 15.76
C THR D 296 14.71 36.18 17.23
N LEU D 297 13.47 35.87 17.62
CA LEU D 297 13.07 36.04 19.01
C LEU D 297 14.01 35.29 19.95
N ALA D 298 14.38 34.06 19.60
CA ALA D 298 15.26 33.28 20.47
C ALA D 298 16.65 33.87 20.56
N PHE D 299 17.09 34.62 19.54
CA PHE D 299 18.39 35.26 19.61
C PHE D 299 18.36 36.53 20.46
N LEU D 300 17.31 37.35 20.29
CA LEU D 300 17.16 38.51 21.16
C LEU D 300 17.02 38.09 22.62
N LEU D 301 16.37 36.94 22.87
CA LEU D 301 16.32 36.41 24.23
C LEU D 301 17.72 36.14 24.77
N HIS D 302 18.60 35.59 23.93
CA HIS D 302 19.96 35.28 24.34
C HIS D 302 20.89 36.49 24.31
N ASN D 303 20.47 37.60 23.71
CA ASN D 303 21.32 38.78 23.53
C ASN D 303 20.53 40.01 23.96
N PRO D 304 20.48 40.29 25.26
CA PRO D 304 19.71 41.46 25.72
C PRO D 304 20.33 42.78 25.28
N GLN D 305 21.66 42.82 25.13
CA GLN D 305 22.33 44.06 24.76
C GLN D 305 21.94 44.49 23.35
N VAL D 306 21.96 43.54 22.40
CA VAL D 306 21.45 43.85 21.06
C VAL D 306 19.97 44.17 21.11
N LYS D 307 19.25 43.62 22.11
CA LYS D 307 17.82 43.80 22.21
C LYS D 307 17.46 45.20 22.71
N LYS D 308 18.17 45.69 23.72
CA LYS D 308 17.93 47.04 24.20
C LYS D 308 18.25 48.06 23.12
N LYS D 309 19.43 47.94 22.50
CA LYS D 309 19.80 48.81 21.39
C LYS D 309 18.79 48.70 20.24
N LEU D 310 18.01 47.62 20.20
CA LEU D 310 17.00 47.48 19.16
C LEU D 310 15.74 48.28 19.48
N TYR D 311 15.29 48.25 20.74
CA TYR D 311 14.15 49.06 21.13
C TYR D 311 14.36 50.53 20.79
N GLU D 312 15.60 51.00 20.90
CA GLU D 312 15.89 52.41 20.71
C GLU D 312 15.68 52.83 19.25
N GLU D 313 16.21 52.04 18.31
CA GLU D 313 16.08 52.39 16.89
C GLU D 313 14.64 52.63 16.49
N ILE D 314 13.70 51.91 17.10
CA ILE D 314 12.28 52.12 16.79
C ILE D 314 11.79 53.41 17.45
N ASP D 315 12.03 53.54 18.76
CA ASP D 315 11.55 54.71 19.48
C ASP D 315 11.90 56.00 18.76
N GLN D 316 13.18 56.18 18.43
CA GLN D 316 13.62 57.41 17.78
C GLN D 316 13.01 57.53 16.38
N ASN D 317 13.25 56.55 15.52
CA ASN D 317 13.03 56.75 14.09
C ASN D 317 11.57 56.56 13.68
N VAL D 318 10.80 55.74 14.40
CA VAL D 318 9.40 55.55 14.07
C VAL D 318 8.55 56.36 15.06
N GLY D 319 8.62 55.99 16.33
CA GLY D 319 7.83 56.62 17.36
C GLY D 319 6.71 55.72 17.84
N PHE D 320 5.68 56.37 18.40
CA PHE D 320 4.47 55.68 18.83
C PHE D 320 3.21 56.31 18.25
N SER D 321 3.35 57.32 17.38
CA SER D 321 2.19 57.91 16.74
C SER D 321 1.59 56.96 15.71
N ARG D 322 2.44 56.35 14.89
CA ARG D 322 2.02 55.41 13.85
C ARG D 322 2.63 54.04 14.13
N THR D 323 2.51 53.14 13.17
CA THR D 323 3.14 51.83 13.26
C THR D 323 4.10 51.63 12.10
N PRO D 324 5.13 50.80 12.27
CA PRO D 324 6.17 50.68 11.25
C PRO D 324 5.64 50.53 9.84
N THR D 325 6.27 51.25 8.91
CA THR D 325 6.04 51.12 7.48
C THR D 325 7.14 50.24 6.89
N ILE D 326 7.03 49.96 5.59
CA ILE D 326 8.17 49.42 4.85
C ILE D 326 9.16 50.54 4.57
N SER D 327 8.69 51.79 4.46
CA SER D 327 9.57 52.93 4.24
C SER D 327 10.50 53.18 5.41
N ASP D 328 10.40 52.41 6.49
CA ASP D 328 11.24 52.60 7.67
C ASP D 328 12.49 51.73 7.67
N ARG D 329 12.59 50.75 6.78
CA ARG D 329 13.85 50.01 6.65
C ARG D 329 14.97 50.92 6.15
N ASN D 330 14.64 52.10 5.63
CA ASN D 330 15.64 53.14 5.48
C ASN D 330 16.22 53.53 6.83
N ARG D 331 15.35 53.71 7.82
CA ARG D 331 15.69 54.34 9.09
C ARG D 331 15.91 53.34 10.22
N LEU D 332 15.51 52.08 10.03
CA LEU D 332 15.61 51.05 11.06
C LEU D 332 16.67 50.04 10.65
N LEU D 333 17.93 50.44 10.81
CA LEU D 333 19.02 49.68 10.22
C LEU D 333 19.52 48.56 11.13
N LEU D 334 19.55 48.75 12.44
CA LEU D 334 19.97 47.66 13.31
C LEU D 334 19.00 46.48 13.23
N LEU D 335 17.74 46.73 12.85
CA LEU D 335 16.79 45.63 12.71
C LEU D 335 17.11 44.78 11.49
N GLU D 336 17.27 45.42 10.33
CA GLU D 336 17.70 44.71 9.13
C GLU D 336 18.99 43.93 9.41
N ALA D 337 19.96 44.59 10.05
CA ALA D 337 21.21 43.93 10.40
C ALA D 337 20.95 42.69 11.25
N THR D 338 20.05 42.81 12.23
CA THR D 338 19.74 41.67 13.08
C THR D 338 19.14 40.53 12.27
N ILE D 339 18.21 40.85 11.37
CA ILE D 339 17.62 39.84 10.50
C ILE D 339 18.70 39.18 9.65
N ARG D 340 19.52 39.99 8.98
CA ARG D 340 20.55 39.45 8.10
C ARG D 340 21.48 38.51 8.86
N GLU D 341 21.83 38.86 10.10
CA GLU D 341 22.70 38.00 10.88
C GLU D 341 22.01 36.70 11.27
N VAL D 342 20.68 36.73 11.42
CA VAL D 342 19.95 35.51 11.73
C VAL D 342 19.89 34.59 10.52
N LEU D 343 19.74 35.17 9.32
CA LEU D 343 19.76 34.36 8.11
C LEU D 343 21.15 33.77 7.88
N ARG D 344 22.20 34.44 8.37
CA ARG D 344 23.54 33.90 8.27
C ARG D 344 23.78 32.80 9.30
N LEU D 345 23.46 33.08 10.56
CA LEU D 345 23.75 32.12 11.62
C LEU D 345 22.89 30.87 11.51
N ARG D 346 21.59 31.05 11.25
CA ARG D 346 20.64 29.95 11.19
C ARG D 346 19.88 30.05 9.87
N PRO D 347 20.52 29.71 8.76
CA PRO D 347 19.86 29.85 7.46
C PRO D 347 18.70 28.88 7.33
N VAL D 348 17.65 29.35 6.66
CA VAL D 348 16.43 28.54 6.50
C VAL D 348 16.79 27.18 5.91
N ALA D 349 17.63 27.17 4.88
CA ALA D 349 18.08 25.94 4.24
C ALA D 349 19.60 25.85 4.37
N PRO D 350 20.11 25.29 5.48
CA PRO D 350 21.57 25.23 5.66
C PRO D 350 22.30 24.52 4.54
N MET D 351 21.64 23.64 3.80
CA MET D 351 22.23 23.00 2.63
C MET D 351 21.39 23.22 1.38
N LEU D 352 20.58 24.28 1.37
CA LEU D 352 19.77 24.66 0.20
C LEU D 352 18.82 23.50 -0.11
N ILE D 353 18.55 23.25 -1.38
CA ILE D 353 17.82 22.06 -1.85
C ILE D 353 18.72 21.39 -2.86
N PRO D 354 18.90 20.07 -2.81
CA PRO D 354 19.85 19.42 -3.71
C PRO D 354 19.69 19.87 -5.15
N HIS D 355 20.81 20.19 -5.79
CA HIS D 355 20.86 20.41 -7.23
C HIS D 355 21.32 19.13 -7.92
N LYS D 356 21.28 19.16 -9.25
CA LYS D 356 21.68 18.00 -10.04
C LYS D 356 22.29 18.47 -11.34
N ALA D 357 23.35 17.79 -11.77
CA ALA D 357 24.00 18.11 -13.03
C ALA D 357 23.13 17.62 -14.18
N ASN D 358 22.60 18.57 -14.96
CA ASN D 358 21.84 18.22 -16.15
C ASN D 358 22.73 17.73 -17.28
N VAL D 359 24.01 18.12 -17.27
CA VAL D 359 24.94 17.77 -18.33
C VAL D 359 26.32 17.58 -17.69
N ASP D 360 27.16 16.79 -18.36
CA ASP D 360 28.57 16.76 -18.03
C ASP D 360 29.09 18.19 -17.92
N SER D 361 29.75 18.50 -16.81
CA SER D 361 30.17 19.87 -16.55
C SER D 361 31.35 19.83 -15.60
N SER D 362 31.69 20.98 -15.02
CA SER D 362 32.81 21.09 -14.10
C SER D 362 32.49 22.15 -13.07
N ILE D 363 32.93 21.91 -11.83
CA ILE D 363 32.88 22.90 -10.77
C ILE D 363 34.31 23.36 -10.52
N GLY D 364 34.59 24.63 -10.83
CA GLY D 364 35.94 25.14 -10.76
C GLY D 364 36.85 24.45 -11.74
N GLU D 365 37.66 23.52 -11.24
CA GLU D 365 38.59 22.77 -12.06
C GLU D 365 38.31 21.27 -12.04
N PHE D 366 37.39 20.80 -11.20
CA PHE D 366 37.06 19.40 -11.10
C PHE D 366 35.90 19.05 -12.02
N ALA D 367 35.92 17.84 -12.56
CA ALA D 367 34.86 17.39 -13.44
C ALA D 367 33.65 16.93 -12.64
N VAL D 368 32.47 17.06 -13.26
CA VAL D 368 31.22 16.64 -12.65
C VAL D 368 30.36 16.00 -13.72
N ASP D 369 30.05 14.72 -13.56
CA ASP D 369 29.32 13.98 -14.58
C ASP D 369 27.83 14.31 -14.52
N LYS D 370 27.17 14.12 -15.66
CA LYS D 370 25.72 14.24 -15.73
C LYS D 370 25.06 13.34 -14.69
N GLY D 371 24.02 13.86 -14.04
CA GLY D 371 23.29 13.10 -13.05
C GLY D 371 23.81 13.23 -11.63
N THR D 372 25.01 13.77 -11.45
CA THR D 372 25.56 13.89 -10.10
C THR D 372 24.75 14.87 -9.27
N GLU D 373 24.42 14.47 -8.04
CA GLU D 373 23.76 15.35 -7.09
C GLU D 373 24.78 16.33 -6.52
N VAL D 374 24.45 17.61 -6.55
CA VAL D 374 25.32 18.66 -6.03
C VAL D 374 24.61 19.33 -4.87
N ILE D 375 25.33 19.52 -3.77
CA ILE D 375 24.76 20.11 -2.56
C ILE D 375 25.66 21.25 -2.12
N ILE D 376 25.12 22.47 -2.15
CA ILE D 376 25.83 23.63 -1.61
C ILE D 376 25.64 23.63 -0.10
N ASN D 377 26.75 23.53 0.64
CA ASN D 377 26.70 23.61 2.09
C ASN D 377 26.69 25.09 2.48
N LEU D 378 25.48 25.67 2.46
CA LEU D 378 25.33 27.07 2.81
C LEU D 378 25.86 27.35 4.21
N TRP D 379 25.73 26.38 5.12
CA TRP D 379 26.27 26.57 6.47
C TRP D 379 27.75 26.87 6.43
N ALA D 380 28.49 26.20 5.54
CA ALA D 380 29.93 26.41 5.46
C ALA D 380 30.26 27.79 4.90
N LEU D 381 29.50 28.26 3.92
CA LEU D 381 29.70 29.60 3.40
C LEU D 381 29.48 30.64 4.49
N HIS D 382 28.49 30.43 5.36
CA HIS D 382 28.10 31.41 6.35
C HIS D 382 28.93 31.34 7.63
N HIS D 383 29.73 30.29 7.81
CA HIS D 383 30.63 30.18 8.95
C HIS D 383 32.08 30.06 8.51
N ASN D 384 32.35 30.33 7.23
CA ASN D 384 33.72 30.41 6.71
C ASN D 384 34.57 31.30 7.60
N GLU D 385 35.66 30.74 8.13
CA GLU D 385 36.50 31.47 9.07
C GLU D 385 37.20 32.64 8.38
N LYS D 386 37.61 32.46 7.12
CA LYS D 386 38.38 33.49 6.44
C LYS D 386 37.51 34.59 5.84
N GLU D 387 36.21 34.37 5.70
CA GLU D 387 35.30 35.36 5.14
C GLU D 387 34.40 36.02 6.18
N TRP D 388 34.56 35.68 7.46
CA TRP D 388 33.75 36.26 8.51
C TRP D 388 34.60 36.45 9.76
N HIS D 389 34.26 37.49 10.54
CA HIS D 389 34.90 37.73 11.82
C HIS D 389 34.07 37.06 12.91
N GLN D 390 34.69 36.13 13.65
CA GLN D 390 34.01 35.40 14.71
C GLN D 390 32.64 34.94 14.21
N PRO D 391 32.60 34.00 13.26
CA PRO D 391 31.32 33.61 12.65
C PRO D 391 30.38 32.91 13.59
N ASP D 392 30.87 32.30 14.67
CA ASP D 392 30.02 31.64 15.65
C ASP D 392 29.58 32.62 16.74
N GLN D 393 29.11 33.79 16.32
CA GLN D 393 28.73 34.85 17.25
C GLN D 393 27.57 35.63 16.65
N PHE D 394 26.58 35.95 17.48
CA PHE D 394 25.46 36.77 17.05
C PHE D 394 25.89 38.24 17.13
N MET D 395 26.34 38.77 16.01
CA MET D 395 26.86 40.14 15.94
C MET D 395 26.23 40.84 14.73
N PRO D 396 25.01 41.36 14.87
CA PRO D 396 24.41 42.12 13.77
C PRO D 396 25.27 43.28 13.32
N GLU D 397 26.22 43.73 14.14
CA GLU D 397 27.04 44.89 13.80
C GLU D 397 27.86 44.67 12.55
N ARG D 398 28.14 43.42 12.18
CA ARG D 398 28.94 43.17 10.98
C ARG D 398 28.26 43.69 9.72
N PHE D 399 26.92 43.80 9.73
CA PHE D 399 26.19 44.30 8.58
C PHE D 399 25.96 45.80 8.63
N LEU D 400 26.54 46.48 9.62
CA LEU D 400 26.58 47.93 9.66
C LEU D 400 28.04 48.39 9.61
N ASN D 401 28.26 49.58 9.06
CA ASN D 401 29.59 50.17 9.11
C ASN D 401 30.04 50.29 10.57
N PRO D 402 31.34 50.51 10.81
CA PRO D 402 31.80 50.68 12.19
C PRO D 402 31.06 51.78 12.96
N ALA D 403 30.34 52.66 12.24
CA ALA D 403 29.58 53.70 12.92
C ALA D 403 28.25 53.16 13.44
N GLY D 404 27.54 52.40 12.61
CA GLY D 404 26.17 52.03 12.86
C GLY D 404 25.15 52.90 12.16
N THR D 405 25.46 53.38 10.96
CA THR D 405 24.65 54.39 10.29
C THR D 405 24.18 53.98 8.89
N GLN D 406 24.78 52.96 8.28
CA GLN D 406 24.26 52.42 7.03
C GLN D 406 24.73 50.97 6.91
N LEU D 407 23.90 50.16 6.26
CA LEU D 407 24.18 48.73 6.15
C LEU D 407 25.31 48.48 5.16
N ILE D 408 25.95 47.31 5.30
CA ILE D 408 27.03 46.88 4.42
C ILE D 408 26.88 45.40 4.13
N SER D 409 27.48 44.98 3.02
CA SER D 409 27.59 43.57 2.67
C SER D 409 29.02 43.11 2.95
N PRO D 410 29.34 42.80 4.21
CA PRO D 410 30.75 42.58 4.58
C PRO D 410 31.40 41.36 3.96
N SER D 411 30.67 40.53 3.24
CA SER D 411 31.27 39.30 2.72
C SER D 411 30.50 38.80 1.51
N VAL D 412 31.24 38.22 0.57
CA VAL D 412 30.63 37.55 -0.58
C VAL D 412 30.13 36.16 -0.24
N SER D 413 30.51 35.62 0.92
CA SER D 413 30.11 34.27 1.34
C SER D 413 28.78 34.30 2.07
N TYR D 414 27.80 35.00 1.49
CA TYR D 414 26.50 35.20 2.13
C TYR D 414 25.42 35.04 1.07
N LEU D 415 24.66 33.94 1.17
CA LEU D 415 23.58 33.64 0.23
C LEU D 415 22.42 33.03 0.99
N PRO D 416 21.78 33.81 1.86
CA PRO D 416 20.64 33.25 2.63
C PRO D 416 19.53 32.77 1.74
N PHE D 417 19.16 33.55 0.74
CA PHE D 417 18.31 33.07 -0.34
C PHE D 417 19.21 32.45 -1.40
N GLY D 418 18.65 32.10 -2.55
CA GLY D 418 19.41 31.37 -3.54
C GLY D 418 20.28 32.25 -4.40
N ALA D 419 20.59 31.74 -5.58
CA ALA D 419 21.27 32.50 -6.62
C ALA D 419 21.11 31.72 -7.92
N GLY D 420 20.67 32.39 -8.97
CA GLY D 420 20.53 31.76 -10.26
C GLY D 420 19.18 31.11 -10.46
N PRO D 421 19.11 30.16 -11.40
CA PRO D 421 17.81 29.61 -11.80
C PRO D 421 16.96 29.06 -10.66
N ARG D 422 17.58 28.60 -9.58
CA ARG D 422 16.85 27.92 -8.53
C ARG D 422 16.66 28.77 -7.28
N SER D 423 16.90 30.07 -7.37
CA SER D 423 16.85 30.91 -6.18
C SER D 423 15.41 31.09 -5.68
N CYS D 424 15.31 31.55 -4.45
CA CYS D 424 14.00 31.77 -3.82
C CYS D 424 13.17 32.73 -4.67
N ILE D 425 11.91 32.34 -4.91
CA ILE D 425 10.97 33.19 -5.62
C ILE D 425 10.11 33.98 -4.65
N GLY D 426 10.41 33.85 -3.36
CA GLY D 426 9.65 34.53 -2.34
C GLY D 426 10.49 35.40 -1.44
N GLU D 427 11.66 35.80 -1.92
CA GLU D 427 12.55 36.63 -1.10
C GLU D 427 11.90 37.95 -0.75
N ILE D 428 11.36 38.66 -1.76
CA ILE D 428 10.75 39.97 -1.51
C ILE D 428 9.67 39.85 -0.44
N LEU D 429 8.76 38.88 -0.59
CA LEU D 429 7.75 38.64 0.43
C LEU D 429 8.40 38.39 1.79
N ALA D 430 9.44 37.55 1.83
CA ALA D 430 10.05 37.17 3.09
C ALA D 430 10.70 38.36 3.78
N ARG D 431 11.45 39.16 3.02
CA ARG D 431 12.15 40.30 3.61
C ARG D 431 11.18 41.38 4.10
N GLN D 432 9.94 41.39 3.59
CA GLN D 432 8.93 42.32 4.08
C GLN D 432 8.22 41.77 5.31
N GLU D 433 7.63 40.58 5.19
CA GLU D 433 7.03 39.91 6.34
C GLU D 433 7.94 39.99 7.56
N LEU D 434 9.22 39.66 7.38
CA LEU D 434 10.14 39.57 8.50
C LEU D 434 10.41 40.93 9.11
N PHE D 435 10.60 41.96 8.28
CA PHE D 435 10.86 43.30 8.80
C PHE D 435 9.69 43.80 9.63
N LEU D 436 8.47 43.66 9.10
CA LEU D 436 7.30 44.26 9.75
C LEU D 436 6.92 43.51 11.01
N ILE D 437 6.88 42.16 10.95
CA ILE D 437 6.59 41.38 12.16
C ILE D 437 7.50 41.80 13.29
N MET D 438 8.81 41.86 13.02
CA MET D 438 9.77 42.21 14.06
C MET D 438 9.64 43.67 14.49
N ALA D 439 9.25 44.56 13.57
CA ALA D 439 9.10 45.96 13.92
C ALA D 439 7.94 46.15 14.91
N TRP D 440 6.75 45.70 14.53
CA TRP D 440 5.58 45.89 15.37
C TRP D 440 5.77 45.26 16.76
N LEU D 441 6.33 44.06 16.80
CA LEU D 441 6.48 43.35 18.07
C LEU D 441 7.47 44.02 19.01
N LEU D 442 8.42 44.79 18.48
CA LEU D 442 9.36 45.53 19.31
C LEU D 442 8.85 46.91 19.68
N GLN D 443 8.08 47.55 18.79
CA GLN D 443 7.43 48.82 19.11
C GLN D 443 6.44 48.69 20.26
N ARG D 444 6.04 47.47 20.59
CA ARG D 444 4.77 47.24 21.27
C ARG D 444 4.84 46.26 22.44
N PHE D 445 5.73 45.26 22.39
CA PHE D 445 5.75 44.20 23.39
C PHE D 445 7.15 44.07 23.98
N ASP D 446 7.19 43.68 25.25
CA ASP D 446 8.43 43.36 25.93
C ASP D 446 8.61 41.85 25.92
N LEU D 447 9.71 41.39 25.33
CA LEU D 447 9.97 39.97 25.15
C LEU D 447 11.09 39.57 26.09
N GLU D 448 10.79 38.66 27.01
CA GLU D 448 11.72 38.31 28.08
C GLU D 448 11.67 36.81 28.34
N VAL D 449 12.78 36.29 28.85
CA VAL D 449 12.88 34.89 29.24
C VAL D 449 11.69 34.57 30.14
N PRO D 450 11.06 33.40 30.01
CA PRO D 450 9.89 33.10 30.84
C PRO D 450 10.14 33.40 32.30
N ASP D 451 9.06 33.65 33.03
CA ASP D 451 9.15 33.97 34.45
C ASP D 451 10.02 32.97 35.21
N ASP D 452 10.19 31.76 34.67
CA ASP D 452 10.99 30.73 35.31
C ASP D 452 12.47 30.83 34.94
N GLY D 453 12.82 31.57 33.90
CA GLY D 453 14.21 31.82 33.58
C GLY D 453 14.94 30.68 32.90
N GLN D 454 14.38 30.15 31.82
CA GLN D 454 15.03 29.13 31.00
C GLN D 454 15.14 29.65 29.58
N LEU D 455 16.33 29.48 28.96
CA LEU D 455 16.57 30.07 27.65
C LEU D 455 16.27 29.07 26.54
N PRO D 456 15.81 29.56 25.39
CA PRO D 456 15.62 28.66 24.24
C PRO D 456 16.93 28.02 23.80
N SER D 457 16.84 26.76 23.40
CA SER D 457 17.99 26.07 22.84
C SER D 457 18.19 26.53 21.40
N LEU D 458 19.37 27.05 21.10
CA LEU D 458 19.69 27.51 19.75
C LEU D 458 20.35 26.42 18.91
N GLU D 459 20.36 25.17 19.38
CA GLU D 459 20.98 24.09 18.63
C GLU D 459 20.26 23.85 17.31
N GLY D 460 18.92 23.89 17.33
CA GLY D 460 18.14 23.75 16.13
C GLY D 460 17.85 22.31 15.76
N ILE D 461 16.92 22.15 14.81
CA ILE D 461 16.52 20.84 14.30
C ILE D 461 16.52 20.89 12.78
N PRO D 462 17.47 20.27 12.10
CA PRO D 462 17.48 20.31 10.64
C PRO D 462 16.37 19.49 10.03
N LYS D 463 15.56 20.14 9.19
CA LYS D 463 14.59 19.46 8.34
C LYS D 463 14.72 20.11 6.96
N VAL D 464 13.70 19.94 6.11
CA VAL D 464 13.67 20.72 4.87
C VAL D 464 13.84 22.20 5.19
N VAL D 465 13.33 22.63 6.33
CA VAL D 465 13.62 23.94 6.90
C VAL D 465 14.35 23.74 8.22
N PHE D 466 15.28 24.65 8.51
CA PHE D 466 16.03 24.60 9.76
C PHE D 466 15.16 25.15 10.88
N LEU D 467 14.80 24.30 11.84
CA LEU D 467 13.84 24.63 12.87
C LEU D 467 14.51 24.81 14.23
N ILE D 468 13.88 25.62 15.08
CA ILE D 468 14.28 25.76 16.47
C ILE D 468 13.26 25.01 17.32
N ASP D 469 13.73 24.39 18.40
CA ASP D 469 12.83 23.72 19.33
C ASP D 469 11.81 24.73 19.86
N SER D 470 10.64 24.22 20.25
CA SER D 470 9.60 25.06 20.82
C SER D 470 10.09 25.68 22.13
N PHE D 471 9.86 26.97 22.29
CA PHE D 471 10.30 27.68 23.48
C PHE D 471 9.19 28.65 23.91
N LYS D 472 9.34 29.17 25.12
CA LYS D 472 8.39 30.10 25.70
C LYS D 472 9.04 31.46 25.88
N VAL D 473 8.22 32.52 25.81
CA VAL D 473 8.67 33.88 26.06
C VAL D 473 7.64 34.56 26.96
N LYS D 474 8.11 35.07 28.10
CA LYS D 474 7.30 35.99 28.88
C LYS D 474 7.05 37.25 28.06
N ILE D 475 5.78 37.61 27.90
CA ILE D 475 5.39 38.78 27.13
C ILE D 475 4.80 39.82 28.07
N LYS D 476 5.13 41.08 27.83
CA LYS D 476 4.57 42.19 28.58
C LYS D 476 4.49 43.38 27.65
N VAL D 477 3.29 43.93 27.46
CA VAL D 477 3.14 45.11 26.62
C VAL D 477 3.96 46.25 27.23
N ARG D 478 4.81 46.86 26.41
CA ARG D 478 5.81 47.80 26.90
C ARG D 478 5.15 49.01 27.57
N GLN D 479 5.89 49.60 28.51
CA GLN D 479 5.41 50.79 29.21
C GLN D 479 5.14 51.92 28.24
N ALA D 480 6.09 52.20 27.34
CA ALA D 480 5.93 53.34 26.43
C ALA D 480 4.70 53.19 25.54
N TRP D 481 4.29 51.95 25.24
CA TRP D 481 3.17 51.77 24.32
C TRP D 481 1.88 52.32 24.90
N ARG D 482 1.64 52.09 26.20
CA ARG D 482 0.42 52.59 26.83
C ARG D 482 0.22 54.07 26.53
N GLU D 483 1.25 54.87 26.79
CA GLU D 483 1.13 56.32 26.68
C GLU D 483 0.93 56.71 25.22
N ALA D 484 -0.10 57.52 24.98
CA ALA D 484 -0.53 57.88 23.63
C ALA D 484 -1.22 56.68 22.97
#